data_2W2L
#
_entry.id   2W2L
#
_cell.length_a   100.098
_cell.length_b   110.154
_cell.length_c   79.836
_cell.angle_alpha   90.00
_cell.angle_beta   90.00
_cell.angle_gamma   90.00
#
_symmetry.space_group_name_H-M   'P 1 21 1'
#
loop_
_entity.id
_entity.type
_entity.pdbx_description
1 polymer 'D-MANDELATE DEHYDROGENASE'
2 polymer 'D-MANDELATE DEHYDROGENASE'
3 non-polymer NICOTINAMIDE-ADENINE-DINUCLEOTIDE
4 non-polymer 'SULFATE ION'
5 water water
#
loop_
_entity_poly.entity_id
_entity_poly.type
_entity_poly.pdbx_seq_one_letter_code
_entity_poly.pdbx_strand_id
1 'polypeptide(L)'
;MPRPRVLLLGDPARHLDDLWSDFQQKFEVIPANLTTHDGFKQALREKRYGDFEAIIKLAVENGTESYPWNADLISHLPSS
LKVFAAAGAGFDWLDLDALNERGVAFANSRGAGDTATSDLALYLILSVFRLASYSERAARTGDPETFNRVHLEIGKSAHN
PRGHVLGAVGLGAIQKEIARKAVHGLGMKLVYYDVAPADAETEKALGAERVDSLEELARRSDCVSVSVPYMKLTHHLIDE
AFFAAMKPGSRIVNTARGPVISQDALIAALKSGKLLSAGLDVHEFEPQVSKELIEMKHVTLTTHIGGVAIETFHEFERLT
MTNIDRFLLQGKPLLTPAGKVFAPSSAA
;
A,B,C
2 'polypeptide(L)'
;MPRPRVLLLGDPARHLDDLWSDFQQKFEVIPANLTTHDGFKQALREKRYGDFEAIIKLAVENGTESYPWNADIISHLPSS
LKVFAAAGAGFDWLDLDALNERGVAFANSRGAGDTATSDLALYLILSVFRLASYSERAARTGDPETFNRVHLEIGKSAHN
PRGHVLGAVGLGAIQKEIARKAVHGLGMKLVYYDVAPADAETEKALGAERVDSLEELARRSDCVSVSVPYMKLTHHLIDE
AFFAAMKPGSRIVNTARGPVISQDALIAALKSGKLLSAGLDVHEFEPQVSKELIEMKHVTLTTHIGGVAIETFHEFERLT
MTNIDRFLLQGKPLLTPAGKVFAPSSAA
;
D
#
# COMPACT_ATOMS: atom_id res chain seq x y z
N MET A 1 -2.85 -27.97 -20.27
CA MET A 1 -1.97 -27.76 -21.48
C MET A 1 -1.90 -26.25 -21.84
N PRO A 2 -2.14 -25.82 -23.09
CA PRO A 2 -1.79 -24.40 -23.20
C PRO A 2 -2.96 -23.51 -22.71
N ARG A 3 -3.04 -22.26 -23.11
CA ARG A 3 -4.22 -21.44 -22.80
C ARG A 3 -4.78 -21.50 -21.35
N PRO A 4 -4.22 -20.67 -20.42
CA PRO A 4 -4.93 -20.42 -19.18
C PRO A 4 -6.30 -19.86 -19.46
N ARG A 5 -7.18 -20.00 -18.48
CA ARG A 5 -8.58 -19.66 -18.67
C ARG A 5 -8.85 -18.35 -17.94
N VAL A 6 -9.46 -17.37 -18.64
CA VAL A 6 -9.80 -16.07 -18.10
C VAL A 6 -11.32 -15.84 -18.12
N LEU A 7 -11.87 -15.44 -16.97
CA LEU A 7 -13.22 -15.02 -16.88
C LEU A 7 -13.32 -13.56 -17.34
N LEU A 8 -14.20 -13.28 -18.30
CA LEU A 8 -14.38 -11.91 -18.78
C LEU A 8 -15.57 -11.29 -18.06
N LEU A 9 -15.36 -10.24 -17.26
CA LEU A 9 -16.44 -9.60 -16.51
C LEU A 9 -17.20 -8.54 -17.34
N GLY A 10 -18.35 -8.89 -17.91
CA GLY A 10 -19.08 -7.89 -18.67
C GLY A 10 -18.67 -7.96 -20.10
N ASP A 11 -18.59 -6.79 -20.74
CA ASP A 11 -18.44 -6.69 -22.21
C ASP A 11 -17.02 -6.97 -22.67
N PRO A 12 -16.84 -7.46 -23.91
CA PRO A 12 -15.49 -7.57 -24.47
C PRO A 12 -14.84 -6.22 -24.83
N ALA A 13 -13.63 -6.27 -25.37
CA ALA A 13 -12.91 -5.09 -25.71
C ALA A 13 -13.62 -4.27 -26.79
N ARG A 14 -13.56 -2.95 -26.64
CA ARG A 14 -14.22 -2.02 -27.58
C ARG A 14 -13.23 -1.15 -28.39
N HIS A 15 -11.96 -1.04 -27.99
CA HIS A 15 -11.06 -0.10 -28.63
C HIS A 15 -9.83 -0.77 -29.23
N LEU A 16 -9.20 -1.65 -28.47
CA LEU A 16 -8.00 -2.34 -28.94
C LEU A 16 -8.31 -3.71 -29.54
N ASP A 17 -9.12 -3.73 -30.60
CA ASP A 17 -9.44 -4.97 -31.33
C ASP A 17 -8.29 -5.95 -31.62
N ASP A 18 -7.12 -5.44 -32.02
CA ASP A 18 -6.10 -6.37 -32.46
C ASP A 18 -5.35 -6.99 -31.28
N LEU A 19 -5.32 -6.25 -30.17
CA LEU A 19 -4.77 -6.73 -28.92
C LEU A 19 -5.71 -7.73 -28.31
N TRP A 20 -7.00 -7.44 -28.39
CA TRP A 20 -8.04 -8.32 -27.89
C TRP A 20 -8.09 -9.65 -28.66
N SER A 21 -7.71 -9.60 -29.92
CA SER A 21 -7.59 -10.79 -30.74
C SER A 21 -6.47 -11.70 -30.28
N ASP A 22 -5.26 -11.15 -30.19
CA ASP A 22 -4.10 -11.84 -29.68
C ASP A 22 -4.34 -12.38 -28.24
N PHE A 23 -5.11 -11.63 -27.42
CA PHE A 23 -5.41 -12.04 -26.04
C PHE A 23 -6.17 -13.34 -26.12
N GLN A 24 -6.98 -13.44 -27.13
CA GLN A 24 -7.96 -14.48 -27.21
C GLN A 24 -7.70 -15.87 -27.81
N GLN A 25 -7.00 -16.06 -28.91
CA GLN A 25 -5.62 -16.49 -29.01
C GLN A 25 -4.87 -17.05 -27.82
N LYS A 26 -4.35 -16.22 -26.94
CA LYS A 26 -3.45 -16.75 -25.96
C LYS A 26 -4.17 -17.45 -24.84
N PHE A 27 -5.47 -17.13 -24.70
CA PHE A 27 -6.25 -17.46 -23.52
C PHE A 27 -7.66 -17.91 -23.85
N GLU A 28 -8.20 -18.82 -23.02
CA GLU A 28 -9.57 -19.21 -23.18
C GLU A 28 -10.40 -18.21 -22.38
N VAL A 29 -11.13 -17.35 -23.09
CA VAL A 29 -11.85 -16.29 -22.48
C VAL A 29 -13.29 -16.69 -22.31
N ILE A 30 -13.71 -16.74 -21.06
CA ILE A 30 -15.00 -17.27 -20.69
C ILE A 30 -15.75 -16.11 -20.20
N PRO A 31 -16.86 -15.81 -20.90
CA PRO A 31 -17.82 -14.72 -20.57
C PRO A 31 -18.61 -15.07 -19.32
N ALA A 32 -18.72 -14.17 -18.35
CA ALA A 32 -19.48 -14.46 -17.14
C ALA A 32 -21.02 -14.47 -17.34
N ASN A 33 -21.49 -13.91 -18.46
CA ASN A 33 -22.92 -13.63 -18.64
C ASN A 33 -23.60 -13.28 -17.29
N LEU A 34 -23.22 -12.14 -16.69
CA LEU A 34 -23.72 -11.86 -15.35
C LEU A 34 -25.20 -11.63 -15.39
N THR A 35 -25.88 -12.14 -14.36
CA THR A 35 -27.30 -11.86 -14.01
C THR A 35 -27.32 -10.93 -12.77
N THR A 36 -27.17 -11.46 -11.56
CA THR A 36 -27.05 -10.60 -10.36
C THR A 36 -25.89 -11.09 -9.49
N HIS A 37 -25.59 -10.36 -8.42
CA HIS A 37 -24.56 -10.74 -7.45
C HIS A 37 -24.72 -12.17 -6.90
N ASP A 38 -25.87 -12.43 -6.29
CA ASP A 38 -26.14 -13.71 -5.76
C ASP A 38 -26.00 -14.69 -6.92
N GLY A 39 -26.64 -14.38 -8.03
CA GLY A 39 -26.49 -15.18 -9.24
C GLY A 39 -25.04 -15.58 -9.58
N PHE A 40 -24.11 -14.68 -9.38
CA PHE A 40 -22.69 -14.95 -9.65
C PHE A 40 -22.05 -15.82 -8.54
N LYS A 41 -22.32 -15.51 -7.27
CA LYS A 41 -22.07 -16.44 -6.16
C LYS A 41 -22.52 -17.89 -6.44
N GLN A 42 -23.68 -18.07 -7.05
CA GLN A 42 -24.21 -19.41 -7.27
C GLN A 42 -23.54 -20.10 -8.42
N ALA A 43 -23.22 -19.38 -9.48
CA ALA A 43 -22.44 -19.94 -10.59
C ALA A 43 -21.08 -20.44 -10.07
N LEU A 44 -20.44 -19.64 -9.21
CA LEU A 44 -19.16 -20.01 -8.63
C LEU A 44 -19.23 -21.29 -7.77
N ARG A 45 -20.36 -21.48 -7.07
CA ARG A 45 -20.55 -22.64 -6.16
C ARG A 45 -20.67 -23.89 -6.99
N GLU A 46 -21.59 -23.85 -7.95
CA GLU A 46 -21.78 -24.89 -8.94
C GLU A 46 -20.59 -25.13 -9.86
N LYS A 47 -19.49 -24.40 -9.69
CA LYS A 47 -18.38 -24.51 -10.66
C LYS A 47 -18.80 -24.22 -12.13
N ARG A 48 -19.77 -23.33 -12.39
CA ARG A 48 -20.28 -23.10 -13.77
C ARG A 48 -19.21 -22.82 -14.84
N TYR A 49 -18.12 -22.16 -14.46
CA TYR A 49 -17.08 -21.77 -15.42
C TYR A 49 -15.89 -22.69 -15.37
N GLY A 50 -15.95 -23.69 -14.49
CA GLY A 50 -14.75 -24.50 -14.24
C GLY A 50 -13.63 -23.69 -13.60
N ASP A 51 -12.46 -24.29 -13.45
CA ASP A 51 -11.40 -23.54 -12.84
C ASP A 51 -11.00 -22.49 -13.85
N PHE A 52 -10.71 -21.27 -13.38
CA PHE A 52 -10.02 -20.24 -14.18
C PHE A 52 -8.90 -19.62 -13.40
N GLU A 53 -8.01 -18.94 -14.11
CA GLU A 53 -6.78 -18.40 -13.48
C GLU A 53 -6.75 -16.88 -13.35
N ALA A 54 -7.60 -16.20 -14.12
CA ALA A 54 -7.66 -14.76 -14.15
C ALA A 54 -9.08 -14.26 -14.33
N ILE A 55 -9.36 -13.07 -13.80
CA ILE A 55 -10.52 -12.32 -14.18
C ILE A 55 -9.99 -11.06 -14.84
N ILE A 56 -10.64 -10.62 -15.93
CA ILE A 56 -10.37 -9.36 -16.63
C ILE A 56 -11.68 -8.53 -16.71
N LYS A 57 -11.58 -7.24 -16.39
CA LYS A 57 -12.70 -6.28 -16.36
C LYS A 57 -12.24 -5.06 -17.13
N LEU A 58 -12.88 -4.82 -18.28
CA LEU A 58 -12.24 -4.01 -19.31
C LEU A 58 -12.69 -2.56 -19.32
N ALA A 59 -13.68 -2.25 -18.51
CA ALA A 59 -14.17 -0.87 -18.45
C ALA A 59 -14.63 -0.68 -17.05
N VAL A 60 -14.54 0.55 -16.54
CA VAL A 60 -15.00 0.85 -15.20
C VAL A 60 -16.44 0.41 -14.96
N GLU A 61 -17.32 0.62 -15.95
CA GLU A 61 -18.74 0.28 -15.81
C GLU A 61 -19.15 -1.19 -16.23
N ASN A 62 -18.20 -2.05 -16.59
CA ASN A 62 -18.51 -3.45 -16.99
C ASN A 62 -18.71 -4.34 -15.76
N GLY A 63 -19.44 -5.42 -15.86
CA GLY A 63 -19.63 -6.28 -14.70
C GLY A 63 -20.17 -5.75 -13.35
N THR A 64 -20.60 -4.49 -13.27
CA THR A 64 -21.25 -4.00 -12.04
C THR A 64 -22.37 -4.92 -11.48
N GLU A 65 -23.06 -5.73 -12.29
CA GLU A 65 -23.99 -6.76 -11.75
C GLU A 65 -23.35 -7.70 -10.70
N SER A 66 -22.04 -7.88 -10.73
CA SER A 66 -21.39 -8.68 -9.71
C SER A 66 -21.11 -7.93 -8.38
N TYR A 67 -21.25 -6.61 -8.36
CA TYR A 67 -20.94 -5.86 -7.14
C TYR A 67 -21.96 -6.19 -6.04
N PRO A 68 -21.49 -6.30 -4.77
CA PRO A 68 -20.12 -6.06 -4.33
C PRO A 68 -19.12 -7.24 -4.45
N TRP A 69 -17.86 -6.94 -4.68
CA TRP A 69 -16.85 -7.95 -4.47
C TRP A 69 -16.49 -8.01 -2.98
N ASN A 70 -17.36 -8.67 -2.22
CA ASN A 70 -17.23 -8.81 -0.75
C ASN A 70 -16.61 -10.17 -0.35
N ALA A 71 -16.29 -10.36 0.94
CA ALA A 71 -15.63 -11.62 1.38
C ALA A 71 -16.43 -12.88 1.06
N ASP A 72 -17.75 -12.78 1.19
CA ASP A 72 -18.65 -13.90 0.94
C ASP A 72 -18.62 -14.37 -0.51
N LEU A 73 -18.56 -13.42 -1.44
CA LEU A 73 -18.38 -13.69 -2.89
C LEU A 73 -16.97 -14.22 -3.18
N ILE A 74 -15.98 -13.58 -2.62
CA ILE A 74 -14.62 -13.99 -2.89
C ILE A 74 -14.39 -15.40 -2.40
N SER A 75 -15.17 -15.83 -1.41
CA SER A 75 -14.89 -17.13 -0.81
C SER A 75 -15.37 -18.31 -1.68
N HIS A 76 -16.05 -18.03 -2.79
CA HIS A 76 -16.49 -19.07 -3.72
C HIS A 76 -15.66 -19.17 -5.04
N LEU A 77 -14.61 -18.34 -5.17
CA LEU A 77 -13.78 -18.31 -6.37
C LEU A 77 -13.05 -19.64 -6.51
N PRO A 78 -12.72 -20.08 -7.74
CA PRO A 78 -11.87 -21.31 -7.85
C PRO A 78 -10.44 -21.15 -7.29
N SER A 79 -9.91 -22.21 -6.71
CA SER A 79 -8.64 -22.16 -6.00
C SER A 79 -7.52 -21.99 -7.01
N SER A 80 -7.89 -21.98 -8.27
CA SER A 80 -6.95 -21.85 -9.37
C SER A 80 -6.69 -20.39 -9.73
N LEU A 81 -7.55 -19.46 -9.28
CA LEU A 81 -7.39 -18.01 -9.53
C LEU A 81 -6.07 -17.42 -8.99
N LYS A 82 -5.29 -16.76 -9.85
CA LYS A 82 -4.09 -16.13 -9.40
C LYS A 82 -4.13 -14.61 -9.55
N VAL A 83 -5.02 -14.09 -10.43
CA VAL A 83 -5.00 -12.69 -10.71
C VAL A 83 -6.31 -12.12 -11.20
N PHE A 84 -6.57 -10.87 -10.81
CA PHE A 84 -7.71 -10.14 -11.26
C PHE A 84 -7.24 -8.77 -11.68
N ALA A 85 -7.32 -8.47 -12.97
CA ALA A 85 -6.93 -7.14 -13.48
C ALA A 85 -8.16 -6.33 -13.90
N ALA A 86 -8.20 -5.06 -13.52
CA ALA A 86 -9.36 -4.27 -13.76
C ALA A 86 -9.03 -2.88 -14.32
N ALA A 87 -9.95 -2.41 -15.17
CA ALA A 87 -10.05 -1.00 -15.52
C ALA A 87 -10.42 -0.13 -14.29
N GLY A 88 -9.99 1.13 -14.31
CA GLY A 88 -10.34 2.09 -13.25
C GLY A 88 -9.17 2.36 -12.33
N ALA A 89 -9.22 3.47 -11.59
CA ALA A 89 -8.26 3.70 -10.50
C ALA A 89 -8.85 3.21 -9.20
N GLY A 90 -10.14 3.45 -9.01
CA GLY A 90 -10.82 3.08 -7.79
C GLY A 90 -11.32 1.65 -7.81
N PHE A 91 -11.65 1.18 -6.61
CA PHE A 91 -12.14 -0.15 -6.45
C PHE A 91 -12.90 -0.24 -5.11
N ASP A 92 -13.78 0.75 -4.92
CA ASP A 92 -14.72 0.80 -3.81
C ASP A 92 -15.58 -0.46 -3.73
N TRP A 93 -15.70 -1.19 -4.85
CA TRP A 93 -16.71 -2.23 -5.02
C TRP A 93 -16.06 -3.54 -4.70
N LEU A 94 -14.80 -3.44 -4.30
CA LEU A 94 -13.96 -4.60 -4.08
C LEU A 94 -13.47 -4.62 -2.64
N ASP A 95 -13.59 -5.73 -1.94
CA ASP A 95 -12.82 -5.89 -0.69
C ASP A 95 -11.38 -6.41 -0.98
N LEU A 96 -10.43 -5.49 -1.17
CA LEU A 96 -9.07 -5.86 -1.55
C LEU A 96 -8.38 -6.80 -0.58
N ASP A 97 -8.52 -6.52 0.72
CA ASP A 97 -7.83 -7.35 1.70
C ASP A 97 -8.32 -8.79 1.63
N ALA A 98 -9.61 -8.98 1.35
CA ALA A 98 -10.17 -10.34 1.29
C ALA A 98 -9.67 -11.11 0.05
N LEU A 99 -9.49 -10.38 -1.05
CA LEU A 99 -9.10 -11.00 -2.28
C LEU A 99 -7.71 -11.55 -2.04
N ASN A 100 -6.89 -10.70 -1.43
CA ASN A 100 -5.55 -11.05 -1.00
C ASN A 100 -5.47 -12.18 0.00
N GLU A 101 -6.48 -12.32 0.86
CA GLU A 101 -6.48 -13.46 1.78
C GLU A 101 -6.58 -14.75 1.02
N ARG A 102 -6.90 -14.71 -0.28
CA ARG A 102 -7.00 -15.95 -1.06
C ARG A 102 -5.98 -16.11 -2.15
N GLY A 103 -4.88 -15.38 -2.05
CA GLY A 103 -3.72 -15.59 -2.92
C GLY A 103 -3.98 -15.07 -4.30
N VAL A 104 -5.10 -14.38 -4.46
CA VAL A 104 -5.38 -13.68 -5.72
C VAL A 104 -4.67 -12.29 -5.84
N ALA A 105 -3.78 -12.14 -6.82
CA ALA A 105 -3.18 -10.83 -7.12
C ALA A 105 -4.19 -9.87 -7.79
N PHE A 106 -4.11 -8.60 -7.40
CA PHE A 106 -4.95 -7.58 -8.01
C PHE A 106 -4.16 -6.48 -8.72
N ALA A 107 -4.71 -6.00 -9.82
CA ALA A 107 -4.12 -4.94 -10.61
C ALA A 107 -5.24 -4.03 -11.06
N ASN A 108 -5.07 -2.72 -10.81
CA ASN A 108 -5.92 -1.72 -11.46
C ASN A 108 -5.24 -1.03 -12.64
N SER A 109 -5.80 0.09 -13.03
CA SER A 109 -5.33 0.80 -14.20
C SER A 109 -4.69 2.14 -13.92
N ARG A 110 -3.94 2.19 -12.82
CA ARG A 110 -3.20 3.40 -12.43
C ARG A 110 -2.31 3.88 -13.60
N GLY A 111 -2.40 5.20 -13.82
CA GLY A 111 -1.62 5.89 -14.85
C GLY A 111 -2.31 6.02 -16.19
N ALA A 112 -3.26 5.13 -16.48
CA ALA A 112 -3.97 5.20 -17.75
C ALA A 112 -4.46 6.61 -18.12
N GLY A 113 -4.99 7.37 -17.15
CA GLY A 113 -5.44 8.75 -17.36
C GLY A 113 -4.52 9.85 -16.81
N ASP A 114 -3.20 9.62 -16.73
CA ASP A 114 -2.26 10.67 -16.28
C ASP A 114 -2.28 11.92 -17.19
N THR A 115 -2.16 11.68 -18.50
CA THR A 115 -2.36 12.72 -19.48
C THR A 115 -3.76 13.39 -19.36
N ALA A 116 -4.83 12.63 -19.34
CA ALA A 116 -6.17 13.27 -19.30
C ALA A 116 -6.37 14.16 -18.05
N THR A 117 -6.06 13.61 -16.88
CA THR A 117 -6.38 14.27 -15.66
C THR A 117 -5.47 15.44 -15.42
N SER A 118 -4.18 15.32 -15.77
CA SER A 118 -3.29 16.47 -15.62
C SER A 118 -3.75 17.65 -16.51
N ASP A 119 -4.16 17.35 -17.74
CA ASP A 119 -4.63 18.39 -18.68
C ASP A 119 -5.90 19.07 -18.18
N LEU A 120 -6.76 18.30 -17.53
CA LEU A 120 -8.01 18.86 -17.07
C LEU A 120 -7.71 19.77 -15.87
N ALA A 121 -6.64 19.51 -15.15
CA ALA A 121 -6.37 20.35 -13.98
C ALA A 121 -5.74 21.66 -14.42
N LEU A 122 -4.83 21.55 -15.37
CA LEU A 122 -4.23 22.69 -15.97
C LEU A 122 -5.35 23.62 -16.50
N TYR A 123 -6.31 23.05 -17.23
CA TYR A 123 -7.52 23.77 -17.69
C TYR A 123 -8.15 24.50 -16.55
N LEU A 124 -8.32 23.81 -15.42
CA LEU A 124 -9.03 24.44 -14.30
C LEU A 124 -8.18 25.53 -13.69
N ILE A 125 -6.87 25.31 -13.69
CA ILE A 125 -5.96 26.30 -13.16
C ILE A 125 -6.06 27.57 -14.02
N LEU A 126 -5.98 27.41 -15.33
CA LEU A 126 -6.22 28.51 -16.26
C LEU A 126 -7.54 29.15 -15.92
N SER A 127 -8.55 28.33 -15.66
CA SER A 127 -9.88 28.89 -15.41
C SER A 127 -9.97 29.76 -14.14
N VAL A 128 -9.23 29.41 -13.09
CA VAL A 128 -9.29 30.17 -11.86
C VAL A 128 -8.28 31.32 -11.75
N PHE A 129 -7.25 31.31 -12.58
CA PHE A 129 -6.45 32.54 -12.74
C PHE A 129 -7.11 33.63 -13.62
N ARG A 130 -7.93 33.21 -14.58
CA ARG A 130 -8.43 34.08 -15.62
C ARG A 130 -9.91 34.32 -15.52
N LEU A 131 -10.56 33.67 -14.58
CA LEU A 131 -12.03 33.77 -14.45
C LEU A 131 -12.76 33.47 -15.80
N ALA A 132 -12.35 32.40 -16.46
CA ALA A 132 -12.88 32.12 -17.81
C ALA A 132 -14.31 31.60 -17.74
N SER A 133 -14.60 30.87 -16.67
CA SER A 133 -15.96 30.31 -16.46
C SER A 133 -16.99 31.41 -16.41
N TYR A 134 -16.70 32.43 -15.60
CA TYR A 134 -17.46 33.65 -15.57
C TYR A 134 -17.58 34.23 -16.96
N SER A 135 -16.45 34.37 -17.64
CA SER A 135 -16.46 34.91 -18.99
C SER A 135 -17.32 34.11 -19.99
N GLU A 136 -17.24 32.78 -19.92
CA GLU A 136 -18.13 31.94 -20.71
C GLU A 136 -19.62 32.22 -20.53
N ARG A 137 -20.07 32.23 -19.29
CA ARG A 137 -21.48 32.53 -18.97
C ARG A 137 -21.90 33.92 -19.47
N ALA A 138 -21.00 34.87 -19.30
CA ALA A 138 -21.18 36.22 -19.85
C ALA A 138 -21.36 36.19 -21.37
N ALA A 139 -20.52 35.42 -22.09
CA ALA A 139 -20.71 35.33 -23.54
C ALA A 139 -22.09 34.79 -23.98
N ARG A 140 -22.61 33.82 -23.22
CA ARG A 140 -23.77 33.04 -23.65
C ARG A 140 -25.11 33.69 -23.34
N THR A 141 -25.06 34.86 -22.67
CA THR A 141 -26.22 35.75 -22.54
C THR A 141 -26.53 36.28 -23.90
N GLY A 142 -25.52 36.41 -24.76
CA GLY A 142 -25.71 37.01 -26.09
C GLY A 142 -26.23 38.44 -26.00
N ASP A 143 -26.00 39.05 -24.84
CA ASP A 143 -26.31 40.43 -24.58
C ASP A 143 -24.99 41.21 -24.65
N PRO A 144 -24.85 42.07 -25.68
CA PRO A 144 -23.72 42.99 -25.92
C PRO A 144 -23.22 43.75 -24.69
N GLU A 145 -24.15 44.25 -23.88
CA GLU A 145 -23.76 44.97 -22.66
C GLU A 145 -23.10 44.09 -21.64
N THR A 146 -23.70 42.91 -21.39
CA THR A 146 -23.06 41.89 -20.52
C THR A 146 -21.62 41.55 -21.01
N PHE A 147 -21.48 41.24 -22.29
CA PHE A 147 -20.18 41.05 -22.89
C PHE A 147 -19.17 42.10 -22.41
N ASN A 148 -19.43 43.38 -22.69
CA ASN A 148 -18.51 44.45 -22.25
C ASN A 148 -18.34 44.65 -20.76
N ARG A 149 -19.43 44.59 -20.00
CA ARG A 149 -19.31 44.80 -18.57
C ARG A 149 -18.44 43.69 -17.95
N VAL A 150 -18.61 42.46 -18.42
CA VAL A 150 -17.87 41.34 -17.84
C VAL A 150 -16.45 41.34 -18.34
N HIS A 151 -16.26 41.67 -19.61
CA HIS A 151 -14.93 41.97 -20.12
C HIS A 151 -14.13 42.87 -19.17
N LEU A 152 -14.75 43.99 -18.83
CA LEU A 152 -14.15 44.93 -17.91
C LEU A 152 -14.09 44.39 -16.49
N GLU A 153 -15.15 43.70 -16.05
CA GLU A 153 -15.14 43.26 -14.66
C GLU A 153 -14.06 42.25 -14.38
N ILE A 154 -13.77 41.37 -15.34
CA ILE A 154 -12.72 40.36 -15.16
C ILE A 154 -11.34 40.99 -15.05
N GLY A 155 -11.16 42.14 -15.70
CA GLY A 155 -9.88 42.87 -15.63
C GLY A 155 -9.45 43.29 -14.23
N LYS A 156 -10.41 43.39 -13.28
CA LYS A 156 -10.11 43.74 -11.88
C LYS A 156 -9.39 42.66 -11.07
N SER A 157 -9.36 41.40 -11.53
CA SER A 157 -8.93 40.22 -10.73
C SER A 157 -8.10 39.15 -11.49
N ALA A 158 -8.22 39.12 -12.80
CA ALA A 158 -7.58 38.05 -13.56
C ALA A 158 -6.07 38.26 -13.55
N HIS A 159 -5.34 37.18 -13.57
CA HIS A 159 -3.89 37.18 -13.37
C HIS A 159 -3.26 36.09 -14.26
N ASN A 160 -2.04 36.32 -14.71
CA ASN A 160 -1.37 35.23 -15.41
C ASN A 160 -0.98 34.25 -14.36
N PRO A 161 -1.17 32.94 -14.60
CA PRO A 161 -0.43 32.01 -13.69
C PRO A 161 1.11 32.24 -13.63
N ARG A 162 1.71 32.86 -14.65
CA ARG A 162 3.19 32.95 -14.72
C ARG A 162 3.78 33.64 -13.47
N GLY A 163 4.84 33.09 -12.91
CA GLY A 163 5.41 33.59 -11.65
C GLY A 163 4.65 33.33 -10.31
N HIS A 164 3.39 32.93 -10.36
CA HIS A 164 2.68 32.60 -9.15
C HIS A 164 2.97 31.19 -8.66
N VAL A 165 2.53 30.88 -7.44
CA VAL A 165 2.90 29.62 -6.85
C VAL A 165 1.78 28.59 -6.88
N LEU A 166 2.11 27.44 -7.47
CA LEU A 166 1.27 26.25 -7.39
C LEU A 166 1.71 25.37 -6.20
N GLY A 167 0.80 25.24 -5.25
CA GLY A 167 0.98 24.33 -4.10
C GLY A 167 0.31 22.99 -4.34
N ALA A 168 1.18 22.02 -4.58
CA ALA A 168 0.81 20.65 -4.84
C ALA A 168 0.46 19.91 -3.53
N VAL A 169 -0.81 19.54 -3.33
CA VAL A 169 -1.19 18.63 -2.23
C VAL A 169 -1.17 17.24 -2.79
N GLY A 170 -0.17 16.47 -2.44
CA GLY A 170 0.07 15.23 -3.10
C GLY A 170 0.95 15.53 -4.27
N LEU A 171 2.00 14.73 -4.46
CA LEU A 171 2.83 14.83 -5.65
C LEU A 171 3.07 13.45 -6.24
N GLY A 172 1.99 12.71 -6.50
CA GLY A 172 2.06 11.44 -7.27
C GLY A 172 2.10 11.64 -8.78
N ALA A 173 1.80 10.58 -9.53
CA ALA A 173 1.99 10.62 -10.99
C ALA A 173 1.17 11.71 -11.71
N ILE A 174 -0.05 11.96 -11.27
CA ILE A 174 -0.88 12.96 -11.93
C ILE A 174 -0.38 14.39 -11.68
N GLN A 175 -0.10 14.72 -10.40
CA GLN A 175 0.44 16.04 -10.03
C GLN A 175 1.78 16.30 -10.74
N LYS A 176 2.62 15.28 -10.84
CA LYS A 176 3.91 15.50 -11.50
C LYS A 176 3.71 15.97 -12.94
N GLU A 177 2.67 15.47 -13.62
CA GLU A 177 2.34 15.94 -14.96
C GLU A 177 1.70 17.33 -14.90
N ILE A 178 0.95 17.58 -13.84
CA ILE A 178 0.39 18.89 -13.60
C ILE A 178 1.44 19.94 -13.29
N ALA A 179 2.37 19.63 -12.40
CA ALA A 179 3.47 20.51 -12.11
C ALA A 179 4.23 20.75 -13.39
N ARG A 180 4.62 19.68 -14.08
CA ARG A 180 5.42 19.83 -15.30
C ARG A 180 4.81 20.85 -16.25
N LYS A 181 3.49 20.72 -16.49
CA LYS A 181 2.72 21.60 -17.39
C LYS A 181 2.58 23.01 -16.81
N ALA A 182 2.44 23.09 -15.51
CA ALA A 182 2.25 24.38 -14.86
C ALA A 182 3.57 25.09 -14.76
N VAL A 183 4.62 24.36 -14.39
CA VAL A 183 5.96 24.96 -14.26
C VAL A 183 6.57 25.34 -15.60
N HIS A 184 6.88 24.41 -16.46
CA HIS A 184 7.53 24.78 -17.72
C HIS A 184 6.52 25.28 -18.76
N GLY A 185 5.25 24.89 -18.65
CA GLY A 185 4.24 25.43 -19.54
C GLY A 185 3.95 26.88 -19.18
N LEU A 186 3.34 27.08 -18.01
CA LEU A 186 2.80 28.37 -17.61
C LEU A 186 3.80 29.31 -16.95
N GLY A 187 4.94 28.78 -16.50
CA GLY A 187 5.91 29.56 -15.72
C GLY A 187 5.50 29.75 -14.25
N MET A 188 4.71 28.81 -13.71
CA MET A 188 4.34 28.85 -12.28
C MET A 188 5.48 28.30 -11.45
N LYS A 189 5.44 28.58 -10.15
CA LYS A 189 6.41 27.96 -9.23
C LYS A 189 5.74 26.87 -8.42
N LEU A 190 6.55 25.93 -7.96
CA LEU A 190 5.99 24.75 -7.30
C LEU A 190 6.57 24.50 -5.92
N VAL A 191 5.68 24.51 -4.93
CA VAL A 191 5.95 23.93 -3.64
C VAL A 191 5.04 22.71 -3.49
N TYR A 192 5.49 21.71 -2.73
CA TYR A 192 4.65 20.53 -2.52
C TYR A 192 4.66 19.93 -1.13
N TYR A 193 3.63 19.14 -0.88
CA TYR A 193 3.45 18.46 0.39
C TYR A 193 2.92 17.06 0.20
N ASP A 194 3.74 16.07 0.55
CA ASP A 194 3.50 14.66 0.23
C ASP A 194 4.09 13.75 1.34
N VAL A 195 3.36 12.70 1.71
CA VAL A 195 3.86 11.75 2.71
C VAL A 195 5.21 11.13 2.32
N ALA A 196 5.50 11.06 1.03
CA ALA A 196 6.84 10.66 0.59
C ALA A 196 7.55 11.79 -0.11
N PRO A 197 8.87 11.92 0.08
CA PRO A 197 9.69 12.86 -0.70
C PRO A 197 9.78 12.39 -2.13
N ALA A 198 10.15 13.28 -3.04
CA ALA A 198 10.46 12.89 -4.41
C ALA A 198 11.96 13.07 -4.67
N ASP A 199 12.51 12.26 -5.55
CA ASP A 199 13.97 12.21 -5.74
C ASP A 199 14.56 13.49 -6.31
N ALA A 200 15.88 13.61 -6.20
CA ALA A 200 16.67 14.63 -6.90
C ALA A 200 16.15 14.86 -8.30
N GLU A 201 16.34 13.87 -9.19
CA GLU A 201 15.94 13.92 -10.62
C GLU A 201 14.59 14.60 -10.90
N THR A 202 13.57 14.32 -10.06
CA THR A 202 12.26 15.00 -10.08
C THR A 202 12.31 16.46 -9.59
N GLU A 203 12.75 16.66 -8.35
CA GLU A 203 12.69 17.98 -7.73
C GLU A 203 13.54 18.98 -8.49
N LYS A 204 14.65 18.53 -9.04
CA LYS A 204 15.52 19.36 -9.83
C LYS A 204 14.85 19.71 -11.18
N ALA A 205 14.13 18.74 -11.77
CA ALA A 205 13.39 18.96 -13.02
C ALA A 205 12.23 19.95 -12.87
N LEU A 206 11.42 19.77 -11.83
CA LEU A 206 10.23 20.60 -11.63
C LEU A 206 10.53 21.81 -10.76
N GLY A 207 11.79 21.98 -10.38
CA GLY A 207 12.19 22.97 -9.39
C GLY A 207 11.35 22.93 -8.11
N ALA A 208 11.04 21.70 -7.68
CA ALA A 208 10.10 21.41 -6.58
C ALA A 208 10.68 21.65 -5.17
N GLU A 209 9.87 22.34 -4.36
CA GLU A 209 10.23 22.73 -3.04
C GLU A 209 9.26 22.17 -2.01
N ARG A 210 9.74 21.19 -1.22
CA ARG A 210 8.89 20.47 -0.26
C ARG A 210 8.63 21.23 1.03
N VAL A 211 7.40 21.25 1.53
CA VAL A 211 7.13 21.75 2.87
C VAL A 211 6.52 20.63 3.75
N ASP A 212 6.37 20.87 5.05
CA ASP A 212 6.10 19.76 5.95
C ASP A 212 4.68 19.67 6.37
N SER A 213 3.89 20.73 6.27
CA SER A 213 2.51 20.58 6.62
C SER A 213 1.46 21.25 5.68
N LEU A 214 0.20 20.91 5.85
CA LEU A 214 -0.85 21.50 5.05
C LEU A 214 -0.86 22.99 5.29
N GLU A 215 -0.61 23.38 6.53
CA GLU A 215 -0.75 24.78 6.95
C GLU A 215 0.31 25.60 6.21
N GLU A 216 1.57 25.17 6.30
CA GLU A 216 2.60 25.70 5.45
C GLU A 216 2.10 25.86 4.01
N LEU A 217 1.95 24.75 3.29
CA LEU A 217 1.46 24.75 1.89
C LEU A 217 0.34 25.76 1.62
N ALA A 218 -0.67 25.81 2.47
CA ALA A 218 -1.71 26.83 2.30
C ALA A 218 -1.17 28.29 2.27
N ARG A 219 -0.06 28.54 2.96
CA ARG A 219 0.45 29.91 3.14
C ARG A 219 1.38 30.32 2.00
N ARG A 220 1.89 29.32 1.30
CA ARG A 220 2.90 29.58 0.29
C ARG A 220 2.30 29.51 -1.08
N SER A 221 0.97 29.36 -1.14
CA SER A 221 0.30 29.00 -2.38
C SER A 221 -0.47 30.13 -2.98
N ASP A 222 -0.33 30.28 -4.29
CA ASP A 222 -1.17 31.24 -5.00
C ASP A 222 -2.35 30.49 -5.53
N CYS A 223 -2.08 29.22 -5.83
CA CYS A 223 -3.10 28.26 -6.26
C CYS A 223 -2.78 26.89 -5.73
N VAL A 224 -3.79 26.31 -5.09
CA VAL A 224 -3.69 24.95 -4.53
C VAL A 224 -4.16 23.87 -5.50
N SER A 225 -3.28 22.95 -5.82
CA SER A 225 -3.73 21.81 -6.60
C SER A 225 -3.96 20.56 -5.75
N VAL A 226 -5.20 20.15 -5.56
CA VAL A 226 -5.41 18.96 -4.76
C VAL A 226 -5.42 17.69 -5.61
N SER A 227 -4.53 16.77 -5.30
CA SER A 227 -4.45 15.49 -6.00
C SER A 227 -3.91 14.34 -5.11
N VAL A 228 -4.79 13.88 -4.22
CA VAL A 228 -4.49 12.76 -3.30
C VAL A 228 -5.52 11.60 -3.38
N PRO A 229 -5.11 10.32 -3.07
CA PRO A 229 -6.09 9.19 -3.00
C PRO A 229 -7.17 9.52 -1.99
N TYR A 230 -8.37 8.98 -2.14
CA TYR A 230 -9.43 9.32 -1.20
C TYR A 230 -9.76 8.16 -0.27
N MET A 231 -9.51 8.37 1.04
CA MET A 231 -9.54 7.33 2.10
C MET A 231 -10.14 7.83 3.42
N LYS A 232 -9.66 7.23 4.53
CA LYS A 232 -9.90 7.73 5.89
C LYS A 232 -9.03 8.97 6.11
N LEU A 233 -7.72 8.79 5.92
CA LEU A 233 -6.78 9.87 6.16
C LEU A 233 -7.17 11.17 5.39
N THR A 234 -7.60 11.05 4.14
CA THR A 234 -7.82 12.24 3.34
C THR A 234 -9.25 12.82 3.31
N HIS A 235 -10.19 12.22 4.04
CA HIS A 235 -11.53 12.78 4.11
C HIS A 235 -11.53 14.17 4.76
N HIS A 236 -12.20 15.14 4.14
CA HIS A 236 -12.25 16.54 4.61
C HIS A 236 -10.85 17.12 4.95
N LEU A 237 -9.80 16.59 4.32
CA LEU A 237 -8.40 16.97 4.51
C LEU A 237 -8.18 18.47 4.34
N ILE A 238 -8.84 19.04 3.35
CA ILE A 238 -8.84 20.47 3.14
C ILE A 238 -10.06 21.04 3.84
N ASP A 239 -9.83 21.56 5.02
CA ASP A 239 -10.95 21.98 5.85
C ASP A 239 -10.87 23.46 6.15
N GLU A 240 -11.75 23.93 7.03
CA GLU A 240 -11.76 25.31 7.51
C GLU A 240 -10.37 25.84 7.95
N ALA A 241 -9.59 24.99 8.62
CA ALA A 241 -8.22 25.26 9.06
C ALA A 241 -7.28 25.54 7.89
N PHE A 242 -7.48 24.82 6.79
CA PHE A 242 -6.69 25.01 5.59
C PHE A 242 -6.98 26.36 4.94
N PHE A 243 -8.25 26.62 4.66
CA PHE A 243 -8.68 27.91 4.13
C PHE A 243 -8.31 29.10 5.01
N ALA A 244 -8.30 28.88 6.33
CA ALA A 244 -7.83 29.87 7.28
C ALA A 244 -6.37 30.26 7.00
N ALA A 245 -5.49 29.30 6.63
CA ALA A 245 -4.04 29.57 6.39
C ALA A 245 -3.64 30.05 4.98
N MET A 246 -4.63 30.24 4.12
CA MET A 246 -4.38 30.56 2.72
C MET A 246 -4.32 32.05 2.51
N LYS A 247 -3.41 32.49 1.62
CA LYS A 247 -3.29 33.90 1.31
C LYS A 247 -4.66 34.46 0.92
N PRO A 248 -4.93 35.71 1.27
CA PRO A 248 -6.16 36.37 0.83
C PRO A 248 -6.21 36.39 -0.68
N GLY A 249 -7.39 36.20 -1.24
CA GLY A 249 -7.56 36.21 -2.69
C GLY A 249 -6.86 35.08 -3.47
N SER A 250 -6.65 33.93 -2.81
CA SER A 250 -6.02 32.77 -3.44
C SER A 250 -7.10 31.90 -4.13
N ARG A 251 -6.66 30.75 -4.62
CA ARG A 251 -7.44 29.89 -5.51
C ARG A 251 -7.16 28.40 -5.25
N ILE A 252 -8.10 27.56 -5.66
CA ILE A 252 -7.94 26.15 -5.41
C ILE A 252 -8.64 25.33 -6.49
N VAL A 253 -8.00 24.23 -6.88
CA VAL A 253 -8.60 23.24 -7.81
C VAL A 253 -8.52 21.80 -7.30
N ASN A 254 -9.62 21.09 -7.50
CA ASN A 254 -9.70 19.67 -7.10
C ASN A 254 -9.92 18.73 -8.29
N THR A 255 -8.97 17.81 -8.51
CA THR A 255 -9.21 16.73 -9.49
C THR A 255 -9.18 15.29 -8.93
N ALA A 256 -9.08 15.17 -7.59
CA ALA A 256 -8.84 13.90 -6.82
C ALA A 256 -10.11 13.14 -6.52
N ARG A 257 -10.75 13.45 -5.38
CA ARG A 257 -12.13 13.02 -5.12
C ARG A 257 -12.92 14.09 -4.35
N GLY A 258 -14.24 14.10 -4.55
CA GLY A 258 -15.18 15.11 -4.05
C GLY A 258 -14.95 15.61 -2.63
N PRO A 259 -15.01 14.70 -1.64
CA PRO A 259 -14.93 15.03 -0.22
C PRO A 259 -13.51 15.24 0.36
N VAL A 260 -12.44 15.09 -0.43
CA VAL A 260 -11.11 15.50 0.02
C VAL A 260 -11.08 16.98 0.46
N ILE A 261 -12.07 17.76 0.01
CA ILE A 261 -12.21 19.17 0.31
C ILE A 261 -13.62 19.35 0.85
N SER A 262 -13.72 19.94 2.04
CA SER A 262 -15.00 20.15 2.62
C SER A 262 -15.81 21.18 1.84
N GLN A 263 -16.91 20.75 1.27
CA GLN A 263 -17.73 21.62 0.48
C GLN A 263 -18.12 22.87 1.29
N ASP A 264 -18.41 22.72 2.57
CA ASP A 264 -18.85 23.87 3.37
C ASP A 264 -17.78 24.87 3.78
N ALA A 265 -16.58 24.35 4.07
CA ALA A 265 -15.41 25.16 4.34
C ALA A 265 -15.05 25.94 3.06
N LEU A 266 -15.22 25.28 1.90
CA LEU A 266 -14.99 25.90 0.62
C LEU A 266 -15.97 27.01 0.35
N ILE A 267 -17.25 26.75 0.54
CA ILE A 267 -18.24 27.79 0.33
C ILE A 267 -17.91 29.02 1.20
N ALA A 268 -17.77 28.82 2.50
CA ALA A 268 -17.37 29.89 3.42
C ALA A 268 -16.15 30.67 2.90
N ALA A 269 -15.01 30.00 2.74
CA ALA A 269 -13.80 30.66 2.24
C ALA A 269 -14.11 31.46 0.98
N LEU A 270 -14.87 30.88 0.06
CA LEU A 270 -15.21 31.66 -1.12
C LEU A 270 -16.01 32.88 -0.70
N LYS A 271 -16.98 32.73 0.19
CA LYS A 271 -17.89 33.82 0.58
C LYS A 271 -17.18 34.94 1.34
N SER A 272 -16.24 34.57 2.21
CA SER A 272 -15.46 35.58 2.93
C SER A 272 -14.62 36.42 1.93
N GLY A 273 -14.41 35.90 0.73
CA GLY A 273 -13.47 36.52 -0.20
C GLY A 273 -12.04 36.09 0.16
N LYS A 274 -11.88 35.14 1.07
CA LYS A 274 -10.57 34.55 1.30
C LYS A 274 -10.09 33.84 0.02
N LEU A 275 -11.02 33.14 -0.64
CA LEU A 275 -10.80 32.64 -1.99
C LEU A 275 -11.40 33.57 -3.04
N LEU A 276 -10.59 33.81 -4.06
CA LEU A 276 -11.05 34.52 -5.26
C LEU A 276 -11.93 33.61 -6.12
N SER A 277 -11.45 32.38 -6.30
CA SER A 277 -12.04 31.47 -7.29
C SER A 277 -11.70 30.05 -6.93
N ALA A 278 -12.37 29.09 -7.54
CA ALA A 278 -12.00 27.69 -7.37
C ALA A 278 -12.57 26.85 -8.50
N GLY A 279 -11.98 25.66 -8.68
CA GLY A 279 -12.32 24.85 -9.82
C GLY A 279 -12.51 23.46 -9.32
N LEU A 280 -13.68 22.90 -9.58
CA LEU A 280 -13.99 21.58 -9.07
C LEU A 280 -14.37 20.70 -10.26
N ASP A 281 -13.66 19.59 -10.43
CA ASP A 281 -14.09 18.54 -11.35
C ASP A 281 -14.93 17.49 -10.58
N VAL A 282 -14.58 17.32 -9.31
CA VAL A 282 -15.16 16.35 -8.39
C VAL A 282 -15.89 17.12 -7.25
N HIS A 283 -17.00 16.56 -6.78
CA HIS A 283 -17.84 17.26 -5.83
C HIS A 283 -18.20 16.37 -4.63
N GLU A 284 -18.17 16.94 -3.43
CA GLU A 284 -18.51 16.18 -2.21
C GLU A 284 -19.69 15.25 -2.44
N PHE A 285 -20.81 15.82 -2.91
CA PHE A 285 -22.09 15.09 -3.04
C PHE A 285 -22.39 14.62 -4.47
N GLU A 286 -21.30 14.46 -5.23
CA GLU A 286 -21.33 13.87 -6.56
C GLU A 286 -22.29 12.68 -6.63
N PRO A 287 -23.19 12.67 -7.60
CA PRO A 287 -23.35 13.57 -8.73
C PRO A 287 -24.13 14.86 -8.47
N GLN A 288 -24.50 15.15 -7.24
CA GLN A 288 -25.10 16.46 -6.97
C GLN A 288 -23.98 17.52 -6.72
N VAL A 289 -23.90 18.49 -7.63
CA VAL A 289 -22.95 19.60 -7.51
C VAL A 289 -23.58 20.65 -6.57
N SER A 290 -22.77 21.23 -5.68
CA SER A 290 -23.24 22.36 -4.86
C SER A 290 -23.99 23.48 -5.60
N LYS A 291 -25.23 23.69 -5.17
CA LYS A 291 -26.03 24.73 -5.76
C LYS A 291 -25.61 26.13 -5.34
N GLU A 292 -24.91 26.24 -4.21
CA GLU A 292 -24.30 27.51 -3.80
C GLU A 292 -23.10 27.78 -4.69
N LEU A 293 -22.14 26.86 -4.72
CA LEU A 293 -21.03 26.95 -5.68
C LEU A 293 -21.49 27.40 -7.08
N ILE A 294 -22.63 26.87 -7.55
CA ILE A 294 -23.16 27.16 -8.90
C ILE A 294 -23.52 28.60 -9.08
N GLU A 295 -24.16 29.20 -8.09
CA GLU A 295 -24.58 30.60 -8.19
C GLU A 295 -23.39 31.61 -8.16
N MET A 296 -22.25 31.21 -7.60
CA MET A 296 -21.05 32.06 -7.52
C MET A 296 -20.34 32.30 -8.87
N LYS A 297 -20.12 33.57 -9.21
CA LYS A 297 -19.41 33.96 -10.45
C LYS A 297 -18.08 33.23 -10.67
N HIS A 298 -17.28 33.09 -9.62
CA HIS A 298 -15.89 32.69 -9.76
C HIS A 298 -15.57 31.21 -9.51
N VAL A 299 -16.56 30.32 -9.66
CA VAL A 299 -16.35 28.89 -9.38
C VAL A 299 -16.54 28.13 -10.66
N THR A 300 -15.51 27.39 -11.04
CA THR A 300 -15.57 26.58 -12.26
C THR A 300 -16.03 25.19 -11.86
N LEU A 301 -17.03 24.67 -12.57
CA LEU A 301 -17.47 23.30 -12.26
C LEU A 301 -17.61 22.34 -13.44
N THR A 302 -16.98 21.17 -13.36
CA THR A 302 -17.19 20.18 -14.41
C THR A 302 -17.67 18.81 -13.92
N THR A 303 -18.28 18.02 -14.83
CA THR A 303 -18.88 16.72 -14.53
C THR A 303 -17.85 15.59 -14.48
N HIS A 304 -16.93 15.70 -13.53
CA HIS A 304 -15.94 14.65 -13.30
C HIS A 304 -15.25 14.13 -14.60
N ILE A 305 -14.85 15.03 -15.48
CA ILE A 305 -14.27 14.64 -16.76
C ILE A 305 -12.73 14.54 -16.75
N GLY A 306 -12.13 14.48 -15.56
CA GLY A 306 -10.67 14.40 -15.42
C GLY A 306 -10.03 13.45 -16.41
N GLY A 307 -10.32 12.15 -16.20
CA GLY A 307 -9.82 11.03 -16.98
C GLY A 307 -10.62 10.64 -18.18
N VAL A 308 -11.72 11.36 -18.43
CA VAL A 308 -12.64 11.03 -19.52
C VAL A 308 -12.07 11.50 -20.83
N ALA A 309 -11.22 10.68 -21.43
CA ALA A 309 -10.74 10.89 -22.79
C ALA A 309 -10.62 9.53 -23.46
N ILE A 310 -10.85 9.51 -24.77
CA ILE A 310 -10.79 8.24 -25.49
C ILE A 310 -9.47 7.50 -25.19
N GLU A 311 -8.33 8.20 -25.19
CA GLU A 311 -7.02 7.55 -24.93
C GLU A 311 -6.95 6.85 -23.55
N THR A 312 -7.65 7.40 -22.56
CA THR A 312 -7.58 6.82 -21.25
C THR A 312 -8.11 5.41 -21.39
N PHE A 313 -9.29 5.27 -22.06
CA PHE A 313 -9.95 3.97 -22.17
C PHE A 313 -9.20 3.03 -23.06
N HIS A 314 -8.50 3.58 -24.06
CA HIS A 314 -7.60 2.74 -24.81
C HIS A 314 -6.62 2.13 -23.86
N GLU A 315 -6.13 2.90 -22.92
CA GLU A 315 -5.07 2.36 -22.01
C GLU A 315 -5.64 1.40 -20.89
N PHE A 316 -6.90 1.58 -20.47
CA PHE A 316 -7.52 0.65 -19.54
C PHE A 316 -7.38 -0.77 -20.16
N GLU A 317 -7.86 -0.92 -21.39
CA GLU A 317 -7.75 -2.17 -22.14
C GLU A 317 -6.29 -2.63 -22.33
N ARG A 318 -5.37 -1.72 -22.69
CA ARG A 318 -3.97 -2.14 -22.81
C ARG A 318 -3.48 -2.81 -21.51
N LEU A 319 -3.64 -2.08 -20.39
CA LEU A 319 -3.12 -2.53 -19.11
C LEU A 319 -3.81 -3.78 -18.67
N THR A 320 -5.15 -3.84 -18.68
CA THR A 320 -5.80 -5.03 -18.17
C THR A 320 -5.28 -6.24 -18.91
N MET A 321 -5.31 -6.21 -20.24
CA MET A 321 -4.78 -7.33 -21.05
C MET A 321 -3.30 -7.60 -20.87
N THR A 322 -2.49 -6.57 -20.71
CA THR A 322 -1.03 -6.75 -20.65
C THR A 322 -0.61 -7.26 -19.27
N ASN A 323 -1.40 -6.87 -18.28
CA ASN A 323 -1.18 -7.27 -16.92
C ASN A 323 -1.32 -8.78 -16.75
N ILE A 324 -2.32 -9.35 -17.41
CA ILE A 324 -2.60 -10.78 -17.27
C ILE A 324 -1.61 -11.61 -18.10
N ASP A 325 -1.23 -11.11 -19.27
CA ASP A 325 -0.22 -11.73 -20.14
C ASP A 325 1.15 -11.82 -19.45
N ARG A 326 1.58 -10.76 -18.81
CA ARG A 326 2.89 -10.76 -18.14
C ARG A 326 2.89 -11.78 -17.03
N PHE A 327 1.90 -11.64 -16.15
CA PHE A 327 1.75 -12.41 -14.91
C PHE A 327 1.58 -13.88 -15.15
N LEU A 328 1.01 -14.26 -16.29
CA LEU A 328 0.67 -15.67 -16.52
C LEU A 328 1.48 -16.28 -17.64
N LEU A 329 1.87 -15.49 -18.63
CA LEU A 329 2.58 -16.11 -19.72
C LEU A 329 4.05 -15.72 -19.81
N GLN A 330 4.44 -14.60 -19.21
CA GLN A 330 5.78 -14.06 -19.37
C GLN A 330 6.59 -14.12 -18.11
N GLY A 331 6.10 -14.79 -17.08
CA GLY A 331 6.86 -14.87 -15.84
C GLY A 331 7.13 -13.57 -15.11
N LYS A 332 6.53 -12.46 -15.57
CA LYS A 332 6.81 -11.09 -15.09
C LYS A 332 5.78 -10.50 -14.11
N PRO A 333 6.17 -9.55 -13.23
CA PRO A 333 5.14 -9.13 -12.30
C PRO A 333 4.19 -8.09 -12.93
N LEU A 334 3.10 -7.78 -12.27
CA LEU A 334 2.15 -6.81 -12.81
C LEU A 334 2.78 -5.44 -13.05
N LEU A 335 2.21 -4.66 -13.95
CA LEU A 335 2.67 -3.28 -14.14
C LEU A 335 2.02 -2.40 -13.09
N THR A 336 0.76 -2.68 -12.76
CA THR A 336 0.03 -1.84 -11.81
C THR A 336 -0.66 -2.58 -10.65
N PRO A 337 0.12 -3.23 -9.76
CA PRO A 337 -0.50 -3.98 -8.64
C PRO A 337 -1.16 -3.04 -7.73
N ALA A 338 -2.12 -3.52 -6.98
CA ALA A 338 -2.63 -2.74 -5.88
C ALA A 338 -2.96 -3.74 -4.78
N GLY A 339 -2.40 -3.53 -3.60
CA GLY A 339 -2.55 -4.46 -2.44
C GLY A 339 -1.32 -5.35 -2.32
N LYS A 340 -1.51 -6.60 -1.86
CA LYS A 340 -0.42 -7.56 -1.76
C LYS A 340 0.16 -7.91 -3.15
N VAL A 341 1.47 -7.87 -3.31
CA VAL A 341 2.16 -8.32 -4.53
C VAL A 341 2.49 -9.82 -4.46
N PHE A 342 2.28 -10.58 -5.54
CA PHE A 342 2.52 -12.05 -5.51
C PHE A 342 3.47 -12.40 -6.64
N ALA A 343 4.07 -13.59 -6.58
CA ALA A 343 5.03 -14.02 -7.57
C ALA A 343 4.26 -14.47 -8.80
N PRO A 344 4.77 -14.15 -9.99
CA PRO A 344 4.22 -14.68 -11.23
C PRO A 344 4.49 -16.17 -11.51
N SER A 345 4.37 -16.55 -12.79
CA SER A 345 4.38 -17.92 -13.33
C SER A 345 4.41 -17.77 -14.87
N SER A 346 4.84 -18.84 -15.60
CA SER A 346 5.11 -18.79 -17.06
C SER A 346 4.87 -20.10 -17.88
N PRO B 2 0.76 26.06 16.43
CA PRO B 2 0.81 24.77 15.74
C PRO B 2 2.18 24.07 15.85
N ARG B 3 2.23 22.81 15.34
CA ARG B 3 3.32 21.77 15.45
C ARG B 3 4.27 21.76 16.66
N PRO B 4 4.04 20.79 17.62
CA PRO B 4 4.98 20.44 18.73
C PRO B 4 6.24 19.79 18.19
N ARG B 5 7.29 19.61 18.99
CA ARG B 5 8.61 19.27 18.43
C ARG B 5 9.27 18.06 19.09
N VAL B 6 9.63 17.04 18.32
CA VAL B 6 10.07 15.77 18.93
C VAL B 6 11.55 15.46 18.68
N LEU B 7 12.24 15.10 19.74
CA LEU B 7 13.62 14.67 19.60
C LEU B 7 13.61 13.17 19.26
N LEU B 8 14.09 12.85 18.05
CA LEU B 8 14.24 11.43 17.62
C LEU B 8 15.65 10.92 17.97
N LEU B 9 15.75 9.93 18.85
CA LEU B 9 17.03 9.30 19.17
C LEU B 9 17.23 8.15 18.22
N GLY B 10 18.39 8.16 17.55
CA GLY B 10 18.76 7.10 16.63
C GLY B 10 18.03 7.13 15.31
N ASP B 11 17.97 5.95 14.69
CA ASP B 11 17.53 5.83 13.31
C ASP B 11 16.03 5.98 13.29
N PRO B 12 15.48 6.53 12.19
CA PRO B 12 14.03 6.60 12.11
C PRO B 12 13.39 5.25 11.79
N ALA B 13 12.06 5.29 11.71
CA ALA B 13 11.20 4.15 11.44
C ALA B 13 11.68 3.28 10.29
N ARG B 14 11.82 1.97 10.50
CA ARG B 14 12.20 1.04 9.44
C ARG B 14 11.06 0.17 9.00
N HIS B 15 9.88 0.30 9.61
CA HIS B 15 8.80 -0.63 9.36
C HIS B 15 7.50 0.05 8.99
N LEU B 16 7.03 1.00 9.79
CA LEU B 16 5.84 1.74 9.39
C LEU B 16 6.29 2.93 8.56
N ASP B 17 5.69 3.12 7.40
CA ASP B 17 6.05 4.34 6.65
C ASP B 17 4.91 5.33 6.56
N ASP B 18 3.71 4.83 6.29
CA ASP B 18 2.51 5.69 6.27
C ASP B 18 2.14 6.33 7.61
N LEU B 19 2.54 5.68 8.71
CA LEU B 19 2.31 6.24 10.04
C LEU B 19 3.41 7.24 10.39
N TRP B 20 4.65 6.91 9.99
CA TRP B 20 5.83 7.77 10.22
C TRP B 20 5.62 9.11 9.53
N SER B 21 5.14 9.00 8.29
CA SER B 21 4.83 10.14 7.45
C SER B 21 3.71 10.99 8.04
N ASP B 22 2.56 10.38 8.35
CA ASP B 22 1.58 10.98 9.24
C ASP B 22 2.19 11.70 10.49
N PHE B 23 2.94 10.95 11.32
CA PHE B 23 3.70 11.49 12.47
C PHE B 23 4.63 12.68 12.12
N GLN B 24 5.48 12.53 11.12
CA GLN B 24 6.32 13.67 10.67
C GLN B 24 5.52 14.86 10.06
N GLN B 25 4.35 14.57 9.49
CA GLN B 25 3.44 15.64 9.06
C GLN B 25 2.94 16.40 10.28
N LYS B 26 2.70 15.67 11.36
CA LYS B 26 2.06 16.24 12.56
C LYS B 26 3.02 17.01 13.46
N PHE B 27 4.26 16.52 13.57
CA PHE B 27 5.31 17.00 14.49
C PHE B 27 6.50 17.47 13.72
N GLU B 28 7.28 18.38 14.30
CA GLU B 28 8.61 18.63 13.76
C GLU B 28 9.53 17.65 14.43
N VAL B 29 9.87 16.60 13.71
CA VAL B 29 10.93 15.69 14.21
C VAL B 29 12.34 16.25 14.06
N ILE B 30 13.12 16.24 15.15
CA ILE B 30 14.50 16.73 15.16
C ILE B 30 15.39 15.55 15.36
N PRO B 31 16.15 15.19 14.31
CA PRO B 31 17.19 14.13 14.44
C PRO B 31 18.16 14.46 15.56
N ALA B 32 18.38 13.57 16.52
CA ALA B 32 19.29 13.89 17.62
C ALA B 32 20.77 13.94 17.21
N ASN B 33 21.08 13.38 16.02
CA ASN B 33 22.48 13.21 15.49
C ASN B 33 23.49 12.73 16.51
N LEU B 34 23.15 11.67 17.23
CA LEU B 34 23.97 11.26 18.39
C LEU B 34 25.37 10.84 18.00
N THR B 35 26.32 11.30 18.81
CA THR B 35 27.72 10.86 18.77
C THR B 35 28.07 10.09 20.06
N THR B 36 28.41 10.81 21.14
CA THR B 36 28.75 10.16 22.41
C THR B 36 27.79 10.65 23.50
N HIS B 37 27.93 10.09 24.70
CA HIS B 37 27.01 10.41 25.78
C HIS B 37 27.14 11.87 26.16
N ASP B 38 28.38 12.29 26.40
CA ASP B 38 28.62 13.66 26.81
C ASP B 38 28.40 14.55 25.60
N GLY B 39 28.74 14.03 24.41
CA GLY B 39 28.38 14.65 23.12
C GLY B 39 26.91 15.03 23.06
N PHE B 40 26.06 14.26 23.74
CA PHE B 40 24.64 14.61 23.86
C PHE B 40 24.32 15.65 24.97
N LYS B 41 24.79 15.44 26.21
CA LYS B 41 24.49 16.43 27.27
C LYS B 41 24.97 17.85 26.91
N GLN B 42 26.09 17.92 26.19
CA GLN B 42 26.65 19.18 25.61
C GLN B 42 25.70 19.93 24.66
N ALA B 43 25.05 19.19 23.75
CA ALA B 43 24.04 19.76 22.84
C ALA B 43 22.85 20.34 23.61
N LEU B 44 22.36 19.55 24.58
CA LEU B 44 21.27 19.95 25.50
C LEU B 44 21.65 21.18 26.31
N ARG B 45 22.92 21.21 26.74
CA ARG B 45 23.48 22.33 27.49
C ARG B 45 23.52 23.59 26.66
N GLU B 46 23.86 23.43 25.37
CA GLU B 46 24.05 24.52 24.43
C GLU B 46 22.75 24.96 23.77
N LYS B 47 21.68 24.22 24.05
CA LYS B 47 20.38 24.44 23.43
C LYS B 47 20.35 24.18 21.89
N ARG B 48 21.30 23.38 21.37
CA ARG B 48 21.31 22.96 19.94
C ARG B 48 19.89 22.61 19.42
N TYR B 49 19.17 21.77 20.17
CA TYR B 49 17.84 21.28 19.73
C TYR B 49 16.69 22.28 19.87
N GLY B 50 16.84 23.24 20.78
CA GLY B 50 15.76 24.17 21.12
C GLY B 50 14.84 23.53 22.14
N ASP B 51 13.68 24.14 22.30
CA ASP B 51 12.69 23.50 23.17
C ASP B 51 11.92 22.47 22.39
N PHE B 52 11.94 21.25 22.92
CA PHE B 52 11.13 20.16 22.42
C PHE B 52 10.28 19.52 23.52
N GLU B 53 9.11 19.07 23.12
CA GLU B 53 8.12 18.55 24.04
C GLU B 53 8.10 17.02 24.18
N ALA B 54 8.75 16.30 23.28
CA ALA B 54 8.74 14.82 23.29
C ALA B 54 10.06 14.13 22.95
N ILE B 55 10.22 12.93 23.45
CA ILE B 55 11.28 12.08 22.93
C ILE B 55 10.72 10.74 22.40
N ILE B 56 11.25 10.31 21.25
CA ILE B 56 10.91 9.00 20.65
C ILE B 56 12.13 8.13 20.33
N LYS B 57 12.19 6.95 20.93
CA LYS B 57 13.20 5.95 20.57
C LYS B 57 12.51 4.69 20.00
N LEU B 58 12.94 4.32 18.78
CA LEU B 58 12.09 3.51 17.91
C LEU B 58 12.38 2.02 17.93
N ALA B 59 13.43 1.64 18.62
CA ALA B 59 13.78 0.25 18.71
C ALA B 59 14.64 0.19 19.95
N VAL B 60 14.74 -1.00 20.54
CA VAL B 60 15.47 -1.21 21.77
C VAL B 60 16.93 -0.76 21.65
N GLU B 61 17.54 -1.03 20.50
CA GLU B 61 18.96 -0.72 20.27
C GLU B 61 19.20 0.61 19.50
N ASN B 62 18.12 1.29 19.13
CA ASN B 62 18.20 2.68 18.68
C ASN B 62 18.62 3.64 19.79
N GLY B 63 19.46 4.62 19.41
CA GLY B 63 19.87 5.71 20.28
C GLY B 63 20.82 5.40 21.44
N THR B 64 21.33 4.16 21.54
CA THR B 64 22.23 3.74 22.64
C THR B 64 23.60 4.50 22.78
N GLU B 65 23.98 5.30 21.78
CA GLU B 65 25.12 6.26 21.92
C GLU B 65 24.85 7.25 23.04
N SER B 66 23.56 7.52 23.32
CA SER B 66 23.12 8.45 24.38
C SER B 66 22.98 7.88 25.82
N TYR B 67 23.01 6.56 26.01
CA TYR B 67 23.06 5.98 27.35
C TYR B 67 24.33 6.40 28.09
N PRO B 68 24.25 6.54 29.44
CA PRO B 68 23.04 6.29 30.24
C PRO B 68 22.11 7.51 30.37
N TRP B 69 20.83 7.24 30.60
CA TRP B 69 19.84 8.26 30.92
C TRP B 69 19.74 8.43 32.43
N ASN B 70 20.67 9.22 32.97
CA ASN B 70 20.80 9.36 34.44
C ASN B 70 20.39 10.75 34.92
N ALA B 71 20.24 10.90 36.23
CA ALA B 71 19.89 12.19 36.86
C ALA B 71 20.55 13.43 36.20
N ASP B 72 21.88 13.33 36.00
CA ASP B 72 22.69 14.40 35.44
C ASP B 72 22.19 14.86 34.05
N LEU B 73 22.01 13.89 33.15
CA LEU B 73 21.59 14.13 31.76
C LEU B 73 20.16 14.62 31.74
N ILE B 74 19.32 13.94 32.52
CA ILE B 74 17.97 14.39 32.78
C ILE B 74 17.97 15.89 33.15
N SER B 75 18.89 16.28 34.03
CA SER B 75 18.90 17.64 34.52
C SER B 75 19.02 18.68 33.36
N HIS B 76 19.56 18.24 32.21
CA HIS B 76 19.78 19.15 31.04
C HIS B 76 18.67 19.20 29.97
N LEU B 77 17.65 18.35 30.13
CA LEU B 77 16.52 18.29 29.19
C LEU B 77 15.80 19.62 29.23
N PRO B 78 15.14 20.03 28.13
CA PRO B 78 14.49 21.35 28.24
C PRO B 78 13.25 21.27 29.16
N SER B 79 12.82 22.41 29.70
CA SER B 79 11.66 22.45 30.62
C SER B 79 10.33 22.22 29.89
N SER B 80 10.39 22.32 28.57
CA SER B 80 9.22 22.08 27.73
C SER B 80 8.93 20.59 27.59
N LEU B 81 9.90 19.74 27.95
CA LEU B 81 9.76 18.30 27.70
C LEU B 81 8.65 17.66 28.53
N LYS B 82 7.67 17.04 27.90
CA LYS B 82 6.56 16.39 28.60
C LYS B 82 6.51 14.85 28.62
N VAL B 83 6.92 14.20 27.54
CA VAL B 83 6.68 12.77 27.41
C VAL B 83 7.80 12.10 26.67
N PHE B 84 8.09 10.86 27.05
CA PHE B 84 9.17 10.08 26.44
C PHE B 84 8.56 8.69 26.13
N ALA B 85 8.51 8.31 24.85
CA ALA B 85 7.99 6.99 24.46
C ALA B 85 9.07 6.18 23.82
N ALA B 86 9.25 4.96 24.28
CA ALA B 86 10.34 4.11 23.82
C ALA B 86 9.85 2.68 23.56
N ALA B 87 10.49 2.05 22.58
CA ALA B 87 10.37 0.61 22.35
C ALA B 87 10.96 -0.20 23.53
N GLY B 88 10.42 -1.38 23.76
CA GLY B 88 10.91 -2.23 24.83
C GLY B 88 9.89 -2.47 25.93
N ALA B 89 10.18 -3.47 26.76
CA ALA B 89 9.56 -3.68 28.06
C ALA B 89 10.49 -3.11 29.16
N GLY B 90 11.81 -3.15 28.91
CA GLY B 90 12.80 -2.76 29.92
C GLY B 90 13.38 -1.36 29.73
N PHE B 91 13.78 -0.74 30.83
CA PHE B 91 14.31 0.64 30.76
C PHE B 91 15.45 0.80 31.76
N ASP B 92 16.34 -0.17 31.72
CA ASP B 92 17.40 -0.23 32.70
C ASP B 92 18.48 0.79 32.36
N TRP B 93 18.56 1.15 31.07
CA TRP B 93 19.34 2.30 30.61
C TRP B 93 18.88 3.66 31.25
N LEU B 94 17.65 3.70 31.77
CA LEU B 94 16.96 4.93 32.18
C LEU B 94 16.75 5.02 33.68
N ASP B 95 17.13 6.14 34.26
CA ASP B 95 16.79 6.41 35.65
C ASP B 95 15.32 6.90 35.75
N LEU B 96 14.38 5.95 35.87
CA LEU B 96 12.98 6.27 35.77
C LEU B 96 12.54 7.40 36.70
N ASP B 97 12.98 7.33 37.94
CA ASP B 97 12.47 8.31 38.88
C ASP B 97 13.02 9.71 38.76
N ALA B 98 14.26 9.85 38.28
CA ALA B 98 14.80 11.19 37.95
C ALA B 98 14.10 11.84 36.75
N LEU B 99 13.50 10.99 35.92
CA LEU B 99 12.71 11.46 34.79
C LEU B 99 11.35 11.93 35.27
N ASN B 100 10.68 11.09 36.07
CA ASN B 100 9.39 11.46 36.66
C ASN B 100 9.49 12.72 37.52
N GLU B 101 10.47 12.78 38.43
CA GLU B 101 10.75 13.97 39.26
C GLU B 101 10.97 15.24 38.47
N ARG B 102 11.09 15.10 37.16
CA ARG B 102 11.30 16.25 36.31
C ARG B 102 10.07 16.66 35.56
N GLY B 103 8.90 16.10 35.91
CA GLY B 103 7.62 16.31 35.20
C GLY B 103 7.41 15.61 33.85
N VAL B 104 8.27 14.65 33.51
CA VAL B 104 8.22 13.96 32.22
C VAL B 104 7.60 12.55 32.31
N ALA B 105 6.51 12.37 31.55
CA ALA B 105 5.78 11.14 31.45
C ALA B 105 6.55 10.17 30.60
N PHE B 106 6.50 8.90 30.97
CA PHE B 106 7.13 7.86 30.21
C PHE B 106 6.14 6.81 29.74
N ALA B 107 6.35 6.29 28.54
CA ALA B 107 5.64 5.10 28.03
C ALA B 107 6.66 4.16 27.40
N ASN B 108 6.48 2.87 27.64
CA ASN B 108 7.29 1.88 26.95
C ASN B 108 6.39 1.21 25.92
N SER B 109 6.76 0.02 25.47
CA SER B 109 5.92 -0.60 24.44
C SER B 109 5.36 -1.95 24.86
N ARG B 110 5.01 -2.04 26.13
CA ARG B 110 4.36 -3.18 26.75
C ARG B 110 3.16 -3.61 25.89
N GLY B 111 3.07 -4.92 25.66
CA GLY B 111 1.99 -5.52 24.86
C GLY B 111 2.38 -5.84 23.43
N ALA B 112 3.42 -5.14 22.91
CA ALA B 112 3.95 -5.30 21.54
C ALA B 112 4.35 -6.72 21.21
N GLY B 113 4.99 -7.36 22.17
CA GLY B 113 5.53 -8.71 22.00
C GLY B 113 4.76 -9.78 22.76
N ASP B 114 3.46 -9.55 23.01
CA ASP B 114 2.66 -10.59 23.70
C ASP B 114 2.53 -11.88 22.87
N THR B 115 2.32 -11.78 21.56
CA THR B 115 2.24 -12.96 20.71
C THR B 115 3.63 -13.66 20.63
N ALA B 116 4.66 -12.92 20.28
CA ALA B 116 5.98 -13.53 20.17
C ALA B 116 6.39 -14.25 21.46
N THR B 117 6.32 -13.55 22.58
CA THR B 117 6.97 -14.02 23.78
C THR B 117 6.22 -15.23 24.30
N SER B 118 4.88 -15.20 24.25
CA SER B 118 4.09 -16.38 24.60
C SER B 118 4.35 -17.63 23.70
N ASP B 119 4.49 -17.43 22.39
CA ASP B 119 4.79 -18.51 21.49
C ASP B 119 6.13 -19.11 21.89
N LEU B 120 7.10 -18.27 22.22
CA LEU B 120 8.45 -18.78 22.64
C LEU B 120 8.36 -19.57 23.95
N ALA B 121 7.51 -19.09 24.87
CA ALA B 121 7.31 -19.82 26.13
C ALA B 121 6.71 -21.17 25.84
N LEU B 122 5.72 -21.19 24.95
CA LEU B 122 5.09 -22.44 24.51
C LEU B 122 6.10 -23.44 23.88
N TYR B 123 6.94 -22.92 22.97
CA TYR B 123 8.05 -23.70 22.42
C TYR B 123 8.81 -24.32 23.57
N LEU B 124 9.17 -23.51 24.54
CA LEU B 124 10.00 -23.98 25.66
C LEU B 124 9.25 -25.04 26.44
N ILE B 125 7.96 -24.78 26.76
CA ILE B 125 7.14 -25.76 27.47
C ILE B 125 7.04 -27.07 26.69
N LEU B 126 6.90 -27.00 25.37
CA LEU B 126 6.93 -28.19 24.52
C LEU B 126 8.28 -28.86 24.62
N SER B 127 9.34 -28.08 24.58
CA SER B 127 10.70 -28.62 24.64
C SER B 127 10.98 -29.36 25.96
N VAL B 128 10.55 -28.80 27.08
CA VAL B 128 10.99 -29.42 28.35
C VAL B 128 10.16 -30.66 28.70
N PHE B 129 8.94 -30.71 28.20
CA PHE B 129 8.17 -31.95 28.21
C PHE B 129 8.65 -33.05 27.28
N ARG B 130 9.14 -32.69 26.11
CA ARG B 130 9.41 -33.68 25.08
C ARG B 130 10.90 -33.98 24.91
N LEU B 131 11.73 -33.27 25.67
CA LEU B 131 13.19 -33.33 25.54
C LEU B 131 13.65 -33.14 24.08
N ALA B 132 13.07 -32.13 23.45
CA ALA B 132 13.26 -31.91 22.03
C ALA B 132 14.64 -31.34 21.70
N SER B 133 15.20 -30.61 22.65
CA SER B 133 16.52 -30.02 22.49
C SER B 133 17.53 -31.15 22.34
N TYR B 134 17.37 -32.16 23.17
CA TYR B 134 18.27 -33.29 23.20
C TYR B 134 18.17 -34.09 21.89
N SER B 135 16.92 -34.26 21.43
CA SER B 135 16.61 -34.82 20.11
C SER B 135 17.30 -34.04 18.99
N GLU B 136 17.22 -32.72 19.03
CA GLU B 136 17.85 -31.93 18.00
C GLU B 136 19.38 -32.14 17.99
N ARG B 137 20.03 -32.08 19.14
CA ARG B 137 21.49 -32.33 19.24
C ARG B 137 21.88 -33.69 18.64
N ALA B 138 21.21 -34.75 19.08
CA ALA B 138 21.44 -36.11 18.51
C ALA B 138 21.27 -36.24 16.99
N ALA B 139 20.26 -35.58 16.42
CA ALA B 139 20.10 -35.58 14.97
C ALA B 139 21.26 -34.85 14.31
N ARG B 140 21.72 -33.80 14.96
CA ARG B 140 22.68 -32.91 14.36
C ARG B 140 24.05 -33.60 14.28
N THR B 141 24.22 -34.71 14.99
CA THR B 141 25.45 -35.50 14.91
C THR B 141 25.61 -36.30 13.55
N GLY B 142 24.54 -36.45 12.76
CA GLY B 142 24.60 -37.21 11.51
C GLY B 142 25.00 -38.68 11.65
N ASP B 143 24.76 -39.22 12.83
CA ASP B 143 25.22 -40.56 13.15
C ASP B 143 24.05 -41.48 13.50
N PRO B 144 23.80 -42.52 12.67
CA PRO B 144 22.59 -43.37 12.78
C PRO B 144 22.36 -44.05 14.15
N GLU B 145 23.43 -44.53 14.80
CA GLU B 145 23.24 -45.16 16.12
C GLU B 145 22.87 -44.14 17.21
N THR B 146 23.37 -42.91 17.08
CA THR B 146 22.95 -41.83 17.97
C THR B 146 21.49 -41.45 17.74
N PHE B 147 21.09 -41.38 16.47
CA PHE B 147 19.71 -41.12 16.13
C PHE B 147 18.79 -42.09 16.85
N ASN B 148 19.01 -43.39 16.67
CA ASN B 148 18.18 -44.43 17.31
C ASN B 148 18.27 -44.52 18.82
N ARG B 149 19.49 -44.36 19.36
CA ARG B 149 19.71 -44.53 20.78
C ARG B 149 18.95 -43.43 21.50
N VAL B 150 19.11 -42.22 20.99
CA VAL B 150 18.47 -41.08 21.59
C VAL B 150 16.94 -41.15 21.42
N HIS B 151 16.49 -41.57 20.24
CA HIS B 151 15.08 -41.85 19.98
C HIS B 151 14.45 -42.74 21.08
N LEU B 152 15.16 -43.80 21.43
CA LEU B 152 14.76 -44.64 22.55
C LEU B 152 14.83 -43.99 23.94
N GLU B 153 15.97 -43.39 24.28
CA GLU B 153 16.20 -42.74 25.58
C GLU B 153 15.19 -41.61 25.88
N ILE B 154 14.80 -40.86 24.86
CA ILE B 154 13.76 -39.85 25.09
C ILE B 154 12.48 -40.47 25.59
N GLY B 155 12.13 -41.66 25.09
CA GLY B 155 11.01 -42.53 25.57
C GLY B 155 10.82 -42.82 27.05
N LYS B 156 11.90 -43.17 27.78
CA LYS B 156 11.96 -43.21 29.26
C LYS B 156 11.29 -42.04 30.01
N SER B 157 11.42 -40.82 29.47
CA SER B 157 11.10 -39.61 30.23
C SER B 157 10.18 -38.60 29.61
N ALA B 158 9.76 -38.77 28.35
CA ALA B 158 8.98 -37.71 27.69
C ALA B 158 7.50 -37.79 28.00
N HIS B 159 6.84 -36.63 28.05
CA HIS B 159 5.41 -36.58 28.38
C HIS B 159 4.66 -35.57 27.55
N ASN B 160 3.43 -35.90 27.18
CA ASN B 160 2.57 -34.92 26.60
C ASN B 160 2.31 -33.90 27.66
N PRO B 161 2.47 -32.63 27.31
CA PRO B 161 2.00 -31.59 28.25
C PRO B 161 0.57 -31.80 28.76
N ARG B 162 -0.25 -32.48 27.95
CA ARG B 162 -1.71 -32.60 28.18
C ARG B 162 -2.04 -33.19 29.55
N GLY B 163 -3.04 -32.63 30.22
CA GLY B 163 -3.45 -33.11 31.58
C GLY B 163 -2.55 -32.66 32.76
N HIS B 164 -1.35 -32.22 32.45
CA HIS B 164 -0.45 -31.73 33.45
C HIS B 164 -0.73 -30.29 33.88
N VAL B 165 -0.07 -29.87 34.95
CA VAL B 165 -0.39 -28.54 35.54
C VAL B 165 0.73 -27.56 35.15
N LEU B 166 0.31 -26.47 34.51
CA LEU B 166 1.18 -25.33 34.26
C LEU B 166 1.02 -24.41 35.45
N GLY B 167 2.15 -24.14 36.11
CA GLY B 167 2.20 -23.24 37.26
C GLY B 167 2.79 -21.88 36.92
N ALA B 168 1.94 -20.87 36.97
CA ALA B 168 2.31 -19.54 36.49
C ALA B 168 2.81 -18.64 37.61
N VAL B 169 4.08 -18.22 37.50
CA VAL B 169 4.63 -17.15 38.35
C VAL B 169 4.32 -15.89 37.59
N GLY B 170 3.37 -15.13 38.09
CA GLY B 170 2.92 -13.95 37.42
C GLY B 170 1.86 -14.41 36.44
N LEU B 171 0.73 -13.69 36.39
CA LEU B 171 -0.23 -13.89 35.35
C LEU B 171 -0.51 -12.55 34.68
N GLY B 172 0.53 -12.02 34.03
CA GLY B 172 0.43 -10.78 33.25
C GLY B 172 -0.04 -10.93 31.80
N ALA B 173 0.21 -9.89 31.00
CA ALA B 173 -0.27 -9.94 29.64
C ALA B 173 0.31 -11.16 28.88
N ILE B 174 1.64 -11.30 28.93
CA ILE B 174 2.33 -12.39 28.25
C ILE B 174 1.83 -13.75 28.78
N GLN B 175 1.74 -13.88 30.11
CA GLN B 175 1.30 -15.17 30.67
C GLN B 175 -0.17 -15.49 30.40
N LYS B 176 -1.05 -14.50 30.29
CA LYS B 176 -2.44 -14.82 29.93
C LYS B 176 -2.50 -15.50 28.56
N GLU B 177 -1.58 -15.10 27.68
CA GLU B 177 -1.48 -15.61 26.33
C GLU B 177 -0.73 -16.95 26.34
N ILE B 178 0.34 -17.09 27.13
CA ILE B 178 0.89 -18.39 27.44
C ILE B 178 -0.14 -19.41 28.00
N ALA B 179 -0.85 -19.06 29.07
CA ALA B 179 -1.85 -19.96 29.64
C ALA B 179 -2.90 -20.31 28.60
N ARG B 180 -3.38 -19.33 27.81
CA ARG B 180 -4.51 -19.55 26.92
C ARG B 180 -4.20 -20.64 25.97
N LYS B 181 -2.96 -20.61 25.48
CA LYS B 181 -2.48 -21.55 24.48
C LYS B 181 -2.20 -22.91 25.09
N ALA B 182 -1.55 -22.90 26.26
CA ALA B 182 -1.24 -24.14 26.99
C ALA B 182 -2.52 -24.80 27.48
N VAL B 183 -3.45 -24.03 28.03
CA VAL B 183 -4.70 -24.63 28.46
C VAL B 183 -5.56 -25.05 27.26
N HIS B 184 -5.88 -24.14 26.35
CA HIS B 184 -6.79 -24.55 25.26
C HIS B 184 -6.19 -25.33 24.12
N GLY B 185 -4.92 -25.08 23.79
CA GLY B 185 -4.35 -25.84 22.72
C GLY B 185 -3.74 -27.13 23.23
N LEU B 186 -2.78 -26.97 24.14
CA LEU B 186 -2.00 -28.08 24.64
C LEU B 186 -2.76 -29.05 25.57
N GLY B 187 -3.86 -28.57 26.16
CA GLY B 187 -4.64 -29.34 27.11
C GLY B 187 -4.12 -29.36 28.55
N MET B 188 -3.28 -28.41 28.94
CA MET B 188 -2.84 -28.34 30.37
C MET B 188 -3.92 -27.78 31.33
N LYS B 189 -3.69 -27.98 32.62
CA LYS B 189 -4.40 -27.26 33.70
C LYS B 189 -3.53 -26.10 34.25
N LEU B 190 -4.12 -25.12 34.91
CA LEU B 190 -3.36 -23.93 35.37
C LEU B 190 -3.62 -23.56 36.82
N VAL B 191 -2.51 -23.32 37.51
CA VAL B 191 -2.49 -22.63 38.81
C VAL B 191 -1.54 -21.42 38.69
N TYR B 192 -1.84 -20.35 39.40
CA TYR B 192 -0.99 -19.18 39.30
C TYR B 192 -0.84 -18.55 40.66
N TYR B 193 0.34 -17.94 40.86
CA TYR B 193 0.56 -16.92 41.86
C TYR B 193 0.77 -15.60 41.15
N ASP B 194 0.12 -14.54 41.64
CA ASP B 194 0.41 -13.14 41.25
C ASP B 194 -0.02 -12.23 42.40
N VAL B 195 0.79 -11.22 42.69
CA VAL B 195 0.43 -10.17 43.64
C VAL B 195 -0.98 -9.66 43.45
N ALA B 196 -1.35 -9.26 42.25
CA ALA B 196 -2.77 -8.98 42.02
C ALA B 196 -3.43 -10.25 41.48
N PRO B 197 -4.63 -10.58 41.98
CA PRO B 197 -5.49 -11.58 41.32
C PRO B 197 -5.93 -11.16 39.90
N ALA B 198 -6.52 -12.11 39.16
CA ALA B 198 -7.13 -11.81 37.87
C ALA B 198 -8.66 -11.76 38.02
N ASP B 199 -9.34 -11.20 37.02
CA ASP B 199 -10.80 -11.04 37.15
C ASP B 199 -11.59 -12.36 36.96
N ALA B 200 -12.79 -12.43 37.52
CA ALA B 200 -13.68 -13.58 37.30
C ALA B 200 -13.61 -14.01 35.83
N GLU B 201 -13.96 -13.08 34.93
CA GLU B 201 -14.01 -13.27 33.47
C GLU B 201 -12.77 -13.99 32.91
N THR B 202 -11.58 -13.68 33.45
CA THR B 202 -10.31 -14.30 33.04
C THR B 202 -10.08 -15.66 33.67
N GLU B 203 -10.44 -15.80 34.95
CA GLU B 203 -10.22 -17.07 35.61
C GLU B 203 -11.11 -18.19 35.07
N LYS B 204 -12.37 -17.86 34.82
CA LYS B 204 -13.30 -18.78 34.22
C LYS B 204 -12.75 -19.21 32.85
N ALA B 205 -12.28 -18.25 32.03
CA ALA B 205 -11.87 -18.53 30.64
C ALA B 205 -10.76 -19.54 30.61
N LEU B 206 -9.70 -19.25 31.38
CA LEU B 206 -8.50 -20.10 31.47
C LEU B 206 -8.60 -21.27 32.46
N GLY B 207 -9.69 -21.37 33.22
CA GLY B 207 -9.77 -22.34 34.32
C GLY B 207 -8.73 -22.12 35.44
N ALA B 208 -8.21 -20.90 35.54
CA ALA B 208 -7.07 -20.51 36.39
C ALA B 208 -7.35 -20.56 37.89
N GLU B 209 -6.88 -21.61 38.55
CA GLU B 209 -6.98 -21.69 39.98
C GLU B 209 -5.80 -20.93 40.64
N ARG B 210 -6.12 -20.00 41.51
CA ARG B 210 -5.14 -19.20 42.23
C ARG B 210 -4.65 -19.85 43.54
N VAL B 211 -3.38 -19.67 43.85
CA VAL B 211 -2.82 -20.13 45.12
C VAL B 211 -2.27 -18.93 45.90
N ASP B 212 -1.99 -19.13 47.19
CA ASP B 212 -1.65 -18.03 48.08
C ASP B 212 -0.14 -17.78 48.19
N SER B 213 0.68 -18.80 47.91
CA SER B 213 2.15 -18.59 47.94
C SER B 213 3.00 -19.27 46.84
N LEU B 214 4.24 -18.81 46.70
CA LEU B 214 5.20 -19.42 45.78
C LEU B 214 5.51 -20.88 46.10
N GLU B 215 5.65 -21.24 47.37
CA GLU B 215 5.84 -22.66 47.75
C GLU B 215 4.64 -23.54 47.29
N GLU B 216 3.43 -22.98 47.38
CA GLU B 216 2.20 -23.65 46.96
C GLU B 216 2.09 -23.83 45.44
N LEU B 217 2.52 -22.85 44.67
CA LEU B 217 2.59 -23.01 43.22
C LEU B 217 3.62 -24.06 42.85
N ALA B 218 4.75 -24.06 43.57
CA ALA B 218 5.77 -25.02 43.29
C ALA B 218 5.26 -26.45 43.47
N ARG B 219 4.61 -26.73 44.61
CA ARG B 219 4.16 -28.09 44.95
C ARG B 219 3.07 -28.55 44.00
N ARG B 220 2.33 -27.59 43.46
CA ARG B 220 1.24 -27.92 42.59
C ARG B 220 1.57 -28.04 41.10
N SER B 221 2.68 -27.46 40.67
CA SER B 221 3.07 -27.42 39.26
C SER B 221 3.72 -28.69 38.71
N ASP B 222 3.57 -28.93 37.40
CA ASP B 222 4.27 -29.95 36.64
C ASP B 222 5.30 -29.27 35.77
N CYS B 223 4.90 -28.13 35.22
CA CYS B 223 5.88 -27.19 34.63
C CYS B 223 5.59 -25.80 35.17
N VAL B 224 6.61 -25.10 35.62
CA VAL B 224 6.46 -23.70 36.05
C VAL B 224 6.84 -22.72 34.91
N SER B 225 6.00 -21.73 34.67
CA SER B 225 6.37 -20.69 33.73
C SER B 225 6.59 -19.41 34.47
N VAL B 226 7.83 -18.93 34.43
CA VAL B 226 8.18 -17.67 35.07
C VAL B 226 7.89 -16.45 34.17
N SER B 227 7.02 -15.55 34.62
CA SER B 227 6.78 -14.32 33.86
C SER B 227 6.48 -13.03 34.68
N VAL B 228 7.51 -12.38 35.20
CA VAL B 228 7.30 -11.21 36.09
C VAL B 228 8.28 -10.12 35.69
N PRO B 229 8.00 -8.82 35.99
CA PRO B 229 9.07 -7.89 35.63
C PRO B 229 10.29 -8.12 36.55
N TYR B 230 11.48 -7.69 36.11
CA TYR B 230 12.68 -7.79 36.93
C TYR B 230 12.88 -6.55 37.81
N MET B 231 13.27 -6.77 39.07
CA MET B 231 13.46 -5.71 40.09
C MET B 231 13.98 -6.30 41.42
N LYS B 232 14.53 -5.44 42.30
CA LYS B 232 14.80 -5.81 43.71
C LYS B 232 13.89 -6.97 44.19
N LEU B 233 12.57 -6.75 44.28
CA LEU B 233 11.68 -7.75 44.85
C LEU B 233 11.66 -9.10 44.11
N THR B 234 11.99 -9.14 42.83
CA THR B 234 11.95 -10.42 42.09
C THR B 234 13.33 -10.95 41.75
N HIS B 235 14.35 -10.39 42.38
CA HIS B 235 15.70 -10.90 42.21
C HIS B 235 15.81 -12.23 42.92
N HIS B 236 16.17 -13.27 42.18
CA HIS B 236 16.30 -14.62 42.77
C HIS B 236 15.00 -15.13 43.40
N LEU B 237 13.87 -14.64 42.89
CA LEU B 237 12.56 -15.09 43.33
C LEU B 237 12.47 -16.59 43.33
N ILE B 238 13.18 -17.23 42.39
CA ILE B 238 13.15 -18.66 42.29
C ILE B 238 14.52 -19.07 42.76
N ASP B 239 14.55 -19.57 43.99
CA ASP B 239 15.78 -19.92 44.75
C ASP B 239 15.65 -21.36 45.21
N GLU B 240 16.48 -21.79 46.15
CA GLU B 240 16.48 -23.20 46.63
C GLU B 240 15.18 -23.66 47.31
N ALA B 241 14.58 -22.77 48.12
CA ALA B 241 13.31 -23.07 48.80
C ALA B 241 12.18 -23.34 47.80
N PHE B 242 12.20 -22.64 46.67
CA PHE B 242 11.22 -22.85 45.65
C PHE B 242 11.36 -24.21 44.98
N PHE B 243 12.61 -24.60 44.70
CA PHE B 243 12.90 -25.85 44.02
C PHE B 243 12.65 -27.01 45.00
N ALA B 244 13.13 -26.88 46.25
CA ALA B 244 12.78 -27.83 47.33
C ALA B 244 11.29 -28.18 47.36
N ALA B 245 10.45 -27.17 47.18
CA ALA B 245 9.01 -27.34 47.19
C ALA B 245 8.41 -28.03 45.91
N MET B 246 9.14 -28.00 44.79
CA MET B 246 8.62 -28.56 43.52
C MET B 246 8.54 -30.08 43.56
N LYS B 247 7.63 -30.64 42.76
CA LYS B 247 7.50 -32.08 42.55
C LYS B 247 8.80 -32.69 42.03
N PRO B 248 9.06 -33.94 42.40
CA PRO B 248 10.14 -34.70 41.72
C PRO B 248 9.88 -34.89 40.24
N GLY B 249 10.88 -34.65 39.39
CA GLY B 249 10.74 -34.86 37.95
C GLY B 249 10.00 -33.69 37.29
N SER B 250 10.03 -32.50 37.90
CA SER B 250 9.26 -31.41 37.33
C SER B 250 10.08 -30.55 36.39
N ARG B 251 9.41 -29.51 35.86
CA ARG B 251 10.00 -28.64 34.82
C ARG B 251 9.86 -27.14 35.09
N ILE B 252 10.80 -26.35 34.61
CA ILE B 252 10.67 -24.92 34.74
C ILE B 252 11.03 -24.26 33.40
N VAL B 253 10.31 -23.18 33.08
CA VAL B 253 10.66 -22.33 31.95
C VAL B 253 10.61 -20.86 32.34
N ASN B 254 11.55 -20.11 31.77
CA ASN B 254 11.66 -18.68 32.02
C ASN B 254 11.84 -17.84 30.73
N THR B 255 10.89 -16.94 30.52
CA THR B 255 10.96 -15.97 29.43
C THR B 255 10.81 -14.52 29.94
N ALA B 256 11.07 -14.32 31.22
CA ALA B 256 10.94 -12.99 31.84
C ALA B 256 12.29 -12.28 31.83
N ARG B 257 13.06 -12.45 32.92
CA ARG B 257 14.46 -11.99 32.97
C ARG B 257 15.41 -12.98 33.63
N GLY B 258 16.66 -12.93 33.19
CA GLY B 258 17.72 -13.84 33.67
C GLY B 258 17.79 -14.07 35.16
N PRO B 259 17.98 -12.99 35.97
CA PRO B 259 18.14 -13.13 37.42
C PRO B 259 16.86 -13.42 38.24
N VAL B 260 15.74 -13.66 37.59
CA VAL B 260 14.57 -13.99 38.41
C VAL B 260 14.69 -15.39 38.98
N ILE B 261 15.48 -16.23 38.32
CA ILE B 261 15.66 -17.59 38.77
C ILE B 261 17.09 -17.57 39.13
N SER B 262 17.40 -18.14 40.28
CA SER B 262 18.76 -18.29 40.72
C SER B 262 19.45 -19.33 39.83
N GLN B 263 20.48 -18.91 39.09
CA GLN B 263 21.28 -19.85 38.27
C GLN B 263 21.78 -21.05 39.04
N ASP B 264 22.44 -20.84 40.16
CA ASP B 264 23.10 -21.93 40.90
C ASP B 264 22.12 -22.88 41.47
N ALA B 265 21.03 -22.33 42.01
CA ALA B 265 20.05 -23.18 42.61
C ALA B 265 19.50 -24.08 41.48
N LEU B 266 19.27 -23.48 40.30
CA LEU B 266 18.69 -24.23 39.19
C LEU B 266 19.62 -25.38 38.84
N ILE B 267 20.91 -25.08 38.60
CA ILE B 267 21.90 -26.14 38.30
C ILE B 267 21.83 -27.28 39.32
N ALA B 268 21.78 -26.93 40.62
CA ALA B 268 21.62 -27.92 41.73
C ALA B 268 20.32 -28.75 41.65
N ALA B 269 19.23 -28.14 41.23
CA ALA B 269 17.94 -28.86 41.13
C ALA B 269 17.96 -29.85 39.94
N LEU B 270 18.65 -29.45 38.87
CA LEU B 270 18.94 -30.34 37.73
C LEU B 270 19.93 -31.48 38.01
N LYS B 271 21.07 -31.19 38.65
CA LYS B 271 21.99 -32.26 39.04
C LYS B 271 21.33 -33.23 40.00
N SER B 272 20.67 -32.73 41.03
CA SER B 272 20.02 -33.59 42.00
C SER B 272 18.91 -34.43 41.36
N GLY B 273 18.32 -33.97 40.24
CA GLY B 273 17.24 -34.72 39.59
C GLY B 273 15.87 -34.36 40.14
N LYS B 274 15.82 -33.30 40.94
CA LYS B 274 14.53 -32.72 41.33
C LYS B 274 13.81 -32.14 40.07
N LEU B 275 14.56 -31.40 39.22
CA LEU B 275 14.06 -31.04 37.90
C LEU B 275 14.41 -32.14 36.89
N LEU B 276 13.49 -32.44 36.00
CA LEU B 276 13.79 -33.28 34.86
C LEU B 276 14.53 -32.44 33.80
N SER B 277 14.09 -31.19 33.65
CA SER B 277 14.41 -30.39 32.48
C SER B 277 13.94 -28.96 32.66
N ALA B 278 14.60 -28.05 31.93
CA ALA B 278 14.35 -26.62 32.07
C ALA B 278 14.47 -25.91 30.72
N GLY B 279 13.93 -24.71 30.62
CA GLY B 279 14.05 -23.98 29.39
C GLY B 279 14.23 -22.53 29.71
N LEU B 280 15.27 -21.93 29.14
CA LEU B 280 15.60 -20.55 29.44
C LEU B 280 15.80 -19.78 28.15
N ASP B 281 15.02 -18.70 27.99
CA ASP B 281 15.24 -17.77 26.95
C ASP B 281 16.11 -16.67 27.51
N VAL B 282 16.01 -16.46 28.83
CA VAL B 282 16.77 -15.44 29.53
C VAL B 282 17.69 -16.11 30.58
N HIS B 283 18.74 -15.42 30.98
CA HIS B 283 19.89 -16.04 31.63
C HIS B 283 20.49 -15.07 32.65
N GLU B 284 20.85 -15.55 33.83
CA GLU B 284 21.30 -14.64 34.87
C GLU B 284 22.48 -13.78 34.44
N PHE B 285 23.45 -14.36 33.74
CA PHE B 285 24.60 -13.57 33.37
C PHE B 285 24.60 -13.21 31.91
N GLU B 286 23.41 -13.05 31.35
CA GLU B 286 23.23 -12.63 29.97
C GLU B 286 24.19 -11.51 29.63
N PRO B 287 24.89 -11.56 28.48
CA PRO B 287 24.84 -12.55 27.39
C PRO B 287 25.53 -13.88 27.66
N GLN B 288 26.09 -14.06 28.86
CA GLN B 288 26.86 -15.26 29.10
C GLN B 288 25.96 -16.40 29.55
N VAL B 289 25.73 -17.35 28.65
CA VAL B 289 24.92 -18.52 28.99
C VAL B 289 25.71 -19.47 29.88
N SER B 290 25.07 -20.10 30.86
CA SER B 290 25.76 -21.05 31.77
C SER B 290 26.40 -22.25 31.03
N LYS B 291 27.72 -22.39 31.14
CA LYS B 291 28.39 -23.56 30.59
C LYS B 291 28.00 -24.88 31.27
N GLU B 292 27.48 -24.79 32.50
CA GLU B 292 27.01 -25.97 33.23
C GLU B 292 25.72 -26.45 32.68
N LEU B 293 24.77 -25.53 32.47
CA LEU B 293 23.52 -25.83 31.77
C LEU B 293 23.75 -26.44 30.37
N ILE B 294 24.70 -25.88 29.62
CA ILE B 294 24.99 -26.36 28.28
C ILE B 294 25.35 -27.84 28.23
N GLU B 295 26.11 -28.33 29.20
CA GLU B 295 26.48 -29.76 29.25
C GLU B 295 25.30 -30.72 29.46
N MET B 296 24.19 -30.25 30.01
CA MET B 296 23.12 -31.15 30.41
C MET B 296 22.22 -31.51 29.21
N LYS B 297 21.90 -32.80 29.06
CA LYS B 297 20.94 -33.24 28.07
C LYS B 297 19.56 -32.53 28.10
N HIS B 298 19.00 -32.24 29.27
CA HIS B 298 17.59 -31.74 29.29
C HIS B 298 17.39 -30.26 29.53
N VAL B 299 18.39 -29.44 29.22
CA VAL B 299 18.24 -28.01 29.36
C VAL B 299 18.04 -27.48 27.95
N THR B 300 17.17 -26.53 27.79
CA THR B 300 16.98 -25.92 26.49
C THR B 300 17.28 -24.47 26.70
N LEU B 301 18.17 -23.93 25.84
CA LEU B 301 18.64 -22.56 26.01
C LEU B 301 18.46 -21.79 24.71
N THR B 302 17.78 -20.62 24.74
CA THR B 302 17.63 -19.78 23.55
C THR B 302 18.14 -18.36 23.80
N THR B 303 18.80 -17.76 22.80
CA THR B 303 19.33 -16.37 22.86
C THR B 303 18.29 -15.18 23.05
N HIS B 304 17.46 -15.24 24.09
CA HIS B 304 16.54 -14.11 24.39
C HIS B 304 15.74 -13.64 23.16
N ILE B 305 15.16 -14.58 22.44
CA ILE B 305 14.40 -14.25 21.26
C ILE B 305 12.88 -14.18 21.57
N GLY B 306 12.50 -14.19 22.85
CA GLY B 306 11.10 -14.10 23.30
C GLY B 306 10.21 -13.21 22.46
N GLY B 307 10.41 -11.90 22.58
CA GLY B 307 9.82 -10.88 21.71
C GLY B 307 10.36 -10.74 20.28
N VAL B 308 11.39 -11.50 19.89
CA VAL B 308 12.05 -11.19 18.60
C VAL B 308 11.23 -11.68 17.40
N ALA B 309 10.34 -10.82 16.93
CA ALA B 309 9.66 -11.06 15.68
C ALA B 309 9.43 -9.74 15.00
N ILE B 310 9.62 -9.71 13.70
CA ILE B 310 9.20 -8.56 12.89
C ILE B 310 7.86 -7.90 13.36
N GLU B 311 6.80 -8.68 13.58
CA GLU B 311 5.55 -8.08 14.11
C GLU B 311 5.77 -7.29 15.43
N THR B 312 6.68 -7.75 16.27
CA THR B 312 6.94 -7.01 17.47
C THR B 312 7.45 -5.64 17.11
N PHE B 313 8.38 -5.60 16.15
CA PHE B 313 9.05 -4.35 15.85
C PHE B 313 8.13 -3.38 15.23
N HIS B 314 7.28 -3.82 14.29
CA HIS B 314 6.25 -2.97 13.73
C HIS B 314 5.48 -2.36 14.89
N GLU B 315 5.12 -3.17 15.88
CA GLU B 315 4.26 -2.67 16.94
C GLU B 315 5.02 -1.71 17.89
N PHE B 316 6.33 -1.87 18.06
CA PHE B 316 7.15 -0.86 18.77
C PHE B 316 6.96 0.54 18.14
N GLU B 317 7.09 0.60 16.81
CA GLU B 317 6.92 1.84 16.09
C GLU B 317 5.47 2.35 16.19
N ARG B 318 4.49 1.46 16.11
CA ARG B 318 3.11 1.94 16.20
C ARG B 318 2.84 2.60 17.56
N LEU B 319 3.43 2.02 18.61
CA LEU B 319 3.07 2.36 19.98
C LEU B 319 3.75 3.64 20.36
N THR B 320 5.03 3.75 20.02
CA THR B 320 5.78 4.95 20.34
C THR B 320 5.16 6.21 19.66
N MET B 321 5.02 6.16 18.33
CA MET B 321 4.35 7.21 17.60
C MET B 321 2.93 7.45 18.11
N THR B 322 2.18 6.40 18.38
CA THR B 322 0.76 6.59 18.76
C THR B 322 0.67 7.19 20.16
N ASN B 323 1.53 6.77 21.07
CA ASN B 323 1.59 7.40 22.37
C ASN B 323 1.91 8.90 22.29
N ILE B 324 2.88 9.29 21.47
CA ILE B 324 3.21 10.69 21.40
C ILE B 324 2.09 11.50 20.76
N ASP B 325 1.43 10.95 19.76
CA ASP B 325 0.29 11.60 19.12
C ASP B 325 -0.83 11.86 20.11
N ARG B 326 -1.07 10.88 20.97
CA ARG B 326 -2.25 10.94 21.81
C ARG B 326 -2.07 11.89 23.00
N PHE B 327 -0.85 11.92 23.50
CA PHE B 327 -0.52 12.71 24.65
C PHE B 327 -0.43 14.19 24.30
N LEU B 328 0.18 14.50 23.17
CA LEU B 328 0.35 15.90 22.70
C LEU B 328 -0.79 16.46 21.82
N LEU B 329 -1.27 15.69 20.84
CA LEU B 329 -2.32 16.22 19.92
C LEU B 329 -3.81 15.87 20.19
N GLN B 330 -4.08 14.80 20.94
CA GLN B 330 -5.47 14.34 21.13
C GLN B 330 -6.05 14.50 22.56
N GLY B 331 -5.25 14.97 23.50
CA GLY B 331 -5.76 15.13 24.87
C GLY B 331 -5.99 13.80 25.58
N LYS B 332 -5.41 12.71 25.06
CA LYS B 332 -5.64 11.34 25.61
C LYS B 332 -4.44 10.76 26.41
N PRO B 333 -4.73 9.96 27.45
CA PRO B 333 -3.61 9.36 28.18
C PRO B 333 -2.86 8.34 27.33
N LEU B 334 -1.65 8.02 27.77
CA LEU B 334 -0.82 7.03 27.13
C LEU B 334 -1.48 5.65 27.15
N LEU B 335 -1.40 4.93 26.04
CA LEU B 335 -1.79 3.51 26.02
C LEU B 335 -0.90 2.66 26.95
N THR B 336 0.40 2.98 27.06
CA THR B 336 1.29 2.12 27.82
C THR B 336 2.23 2.88 28.74
N PRO B 337 1.67 3.59 29.72
CA PRO B 337 2.43 4.34 30.71
C PRO B 337 3.26 3.42 31.56
N ALA B 338 4.45 3.86 31.94
CA ALA B 338 5.24 3.20 32.96
C ALA B 338 5.81 4.27 33.90
N GLY B 339 5.74 4.02 35.22
CA GLY B 339 6.09 5.08 36.25
C GLY B 339 4.93 6.05 36.58
N LYS B 340 5.24 7.29 36.99
CA LYS B 340 4.19 8.31 37.23
C LYS B 340 3.30 8.59 36.03
N VAL B 341 2.00 8.45 36.21
CA VAL B 341 1.08 8.87 35.17
C VAL B 341 0.96 10.37 35.30
N PHE B 342 1.02 11.07 34.14
CA PHE B 342 0.76 12.53 34.03
C PHE B 342 -0.43 12.84 33.12
N ALA B 343 -0.86 14.08 33.18
CA ALA B 343 -2.06 14.50 32.47
C ALA B 343 -1.63 14.91 31.08
N PRO B 344 -2.39 14.49 30.06
CA PRO B 344 -2.09 14.84 28.67
C PRO B 344 -2.33 16.33 28.43
N SER B 345 -2.03 16.82 27.24
CA SER B 345 -2.43 18.17 26.82
C SER B 345 -3.19 18.02 25.49
N SER B 346 -4.07 18.98 25.17
CA SER B 346 -4.68 18.97 23.83
C SER B 346 -4.06 19.99 22.88
N PRO C 2 -7.80 -73.85 26.74
CA PRO C 2 -8.72 -72.72 26.68
C PRO C 2 -8.18 -71.38 27.20
N ARG C 3 -6.84 -71.36 27.24
CA ARG C 3 -6.02 -70.14 27.24
C ARG C 3 -5.41 -70.02 25.84
N PRO C 4 -6.02 -69.21 24.96
CA PRO C 4 -5.46 -69.17 23.61
C PRO C 4 -4.05 -68.60 23.68
N ARG C 5 -3.23 -68.86 22.66
CA ARG C 5 -1.83 -68.47 22.72
C ARG C 5 -1.41 -67.64 21.54
N VAL C 6 -0.29 -66.92 21.59
CA VAL C 6 -0.07 -65.47 21.77
C VAL C 6 1.44 -65.36 21.69
N LEU C 7 1.92 -65.28 20.45
CA LEU C 7 3.31 -64.96 20.17
C LEU C 7 3.60 -63.45 20.46
N LEU C 8 4.65 -63.22 21.28
CA LEU C 8 4.99 -61.89 21.75
C LEU C 8 6.20 -61.51 20.96
N LEU C 9 6.08 -60.44 20.17
CA LEU C 9 7.21 -59.99 19.37
C LEU C 9 8.13 -59.01 20.16
N GLY C 10 9.21 -59.56 20.72
CA GLY C 10 10.16 -58.76 21.47
C GLY C 10 9.62 -58.48 22.86
N ASP C 11 9.84 -57.27 23.35
CA ASP C 11 9.66 -57.03 24.77
C ASP C 11 8.25 -57.09 25.28
N PRO C 12 8.08 -57.56 26.55
CA PRO C 12 6.78 -57.53 27.24
C PRO C 12 6.41 -56.10 27.63
N ALA C 13 5.40 -55.93 28.47
CA ALA C 13 4.85 -54.63 28.76
C ALA C 13 5.70 -53.85 29.76
N ARG C 14 5.86 -52.54 29.49
CA ARG C 14 6.63 -51.64 30.32
C ARG C 14 5.73 -50.70 31.14
N HIS C 15 4.47 -50.57 30.80
CA HIS C 15 3.65 -49.53 31.45
C HIS C 15 2.37 -50.02 32.10
N LEU C 16 1.63 -50.86 31.41
CA LEU C 16 0.35 -51.29 31.93
C LEU C 16 0.56 -52.60 32.68
N ASP C 17 1.27 -52.49 33.80
CA ASP C 17 1.63 -53.63 34.63
C ASP C 17 0.46 -54.55 34.99
N ASP C 18 -0.59 -53.99 35.59
CA ASP C 18 -1.77 -54.81 35.94
C ASP C 18 -2.37 -55.51 34.74
N LEU C 19 -2.74 -54.73 33.74
CA LEU C 19 -3.26 -55.25 32.49
C LEU C 19 -2.37 -56.34 31.87
N TRP C 20 -1.05 -56.17 31.86
CA TRP C 20 -0.19 -57.17 31.26
C TRP C 20 -0.35 -58.48 32.00
N SER C 21 -0.49 -58.37 33.32
CA SER C 21 -0.63 -59.53 34.23
C SER C 21 -1.93 -60.29 34.01
N ASP C 22 -2.99 -59.53 33.83
CA ASP C 22 -4.29 -60.05 33.50
C ASP C 22 -4.29 -60.78 32.13
N PHE C 23 -3.62 -60.14 31.15
CA PHE C 23 -3.54 -60.62 29.77
C PHE C 23 -2.88 -61.98 29.80
N GLN C 24 -1.71 -62.05 30.46
CA GLN C 24 -0.92 -63.24 30.71
C GLN C 24 -1.60 -64.34 31.51
N GLN C 25 -2.63 -64.01 32.28
CA GLN C 25 -3.38 -65.11 32.87
C GLN C 25 -4.46 -65.62 31.90
N LYS C 26 -5.13 -64.69 31.20
CA LYS C 26 -6.10 -65.01 30.14
C LYS C 26 -5.48 -65.84 28.97
N PHE C 27 -4.16 -65.66 28.70
CA PHE C 27 -3.45 -66.23 27.54
C PHE C 27 -2.05 -66.81 27.81
N GLU C 28 -1.68 -67.86 27.07
CA GLU C 28 -0.33 -68.35 27.09
C GLU C 28 0.55 -67.48 26.17
N VAL C 29 1.15 -66.43 26.73
CA VAL C 29 2.04 -65.59 25.95
C VAL C 29 3.32 -66.39 25.72
N ILE C 30 3.77 -66.48 24.46
CA ILE C 30 5.02 -67.13 24.08
C ILE C 30 5.99 -66.10 23.54
N PRO C 31 7.19 -65.99 24.16
CA PRO C 31 8.14 -65.02 23.68
C PRO C 31 8.64 -65.47 22.33
N ALA C 32 8.80 -64.56 21.39
CA ALA C 32 9.36 -64.99 20.12
C ALA C 32 10.85 -65.28 20.17
N ASN C 33 11.57 -64.73 21.16
CA ASN C 33 13.06 -64.77 21.16
C ASN C 33 13.73 -64.53 19.82
N LEU C 34 13.43 -63.37 19.27
CA LEU C 34 13.89 -62.99 17.96
C LEU C 34 15.40 -62.85 17.93
N THR C 35 15.95 -63.33 16.83
CA THR C 35 17.35 -63.24 16.55
C THR C 35 17.36 -62.47 15.24
N THR C 36 16.73 -63.02 14.21
CA THR C 36 16.82 -62.45 12.86
C THR C 36 15.67 -62.82 11.93
N HIS C 37 15.50 -62.11 10.83
CA HIS C 37 14.41 -62.41 9.89
C HIS C 37 14.45 -63.86 9.34
N ASP C 38 15.63 -64.31 8.87
CA ASP C 38 15.77 -65.67 8.34
C ASP C 38 15.73 -66.71 9.45
N GLY C 39 16.24 -66.35 10.62
CA GLY C 39 16.12 -67.18 11.82
C GLY C 39 14.66 -67.34 12.22
N PHE C 40 13.87 -66.28 12.07
CA PHE C 40 12.46 -66.31 12.44
C PHE C 40 11.68 -67.14 11.44
N LYS C 41 12.00 -67.02 10.14
CA LYS C 41 11.24 -67.75 9.14
C LYS C 41 11.36 -69.26 9.32
N GLN C 42 12.49 -69.71 9.82
CA GLN C 42 12.64 -71.12 9.95
C GLN C 42 12.12 -71.64 11.28
N ALA C 43 12.13 -70.80 12.31
CA ALA C 43 11.45 -71.12 13.56
C ALA C 43 9.98 -71.41 13.23
N LEU C 44 9.38 -70.61 12.38
CA LEU C 44 8.10 -70.96 11.79
C LEU C 44 8.13 -72.23 10.91
N ARG C 45 9.07 -72.33 9.96
CA ARG C 45 9.30 -73.54 9.15
C ARG C 45 9.21 -74.78 10.06
N GLU C 46 10.11 -74.84 11.07
CA GLU C 46 10.11 -75.92 12.05
C GLU C 46 9.04 -75.91 13.14
N LYS C 47 8.03 -75.04 13.03
CA LYS C 47 6.97 -74.85 14.05
C LYS C 47 7.51 -74.89 15.49
N ARG C 48 8.57 -74.12 15.74
CA ARG C 48 9.20 -74.08 17.05
C ARG C 48 8.29 -73.51 18.13
N TYR C 49 7.25 -72.74 17.73
CA TYR C 49 6.30 -72.16 18.70
C TYR C 49 4.98 -72.97 18.82
N GLY C 50 4.82 -73.96 17.95
CA GLY C 50 3.57 -74.71 17.88
C GLY C 50 2.50 -73.84 17.26
N ASP C 51 1.25 -74.27 17.36
CA ASP C 51 0.09 -73.45 17.01
C ASP C 51 -0.23 -72.30 17.95
N PHE C 52 -0.32 -71.09 17.39
CA PHE C 52 -0.70 -69.92 18.14
C PHE C 52 -1.74 -69.14 17.38
N GLU C 53 -2.65 -68.56 18.15
CA GLU C 53 -3.84 -67.86 17.66
C GLU C 53 -3.62 -66.32 17.45
N ALA C 54 -2.67 -65.72 18.15
CA ALA C 54 -2.45 -64.28 18.01
C ALA C 54 -0.96 -63.91 18.02
N ILE C 55 -0.67 -62.68 17.58
CA ILE C 55 0.68 -62.13 17.67
C ILE C 55 0.48 -60.77 18.24
N ILE C 56 1.19 -60.47 19.33
CA ILE C 56 1.24 -59.12 19.91
C ILE C 56 2.63 -58.42 19.79
N LYS C 57 2.56 -57.14 19.43
CA LYS C 57 3.71 -56.26 19.26
C LYS C 57 3.43 -54.97 20.02
N LEU C 58 4.09 -54.80 21.16
CA LEU C 58 3.68 -53.80 22.13
C LEU C 58 4.31 -52.44 21.94
N ALA C 59 5.42 -52.38 21.22
CA ALA C 59 5.96 -51.09 20.84
C ALA C 59 6.53 -51.08 19.42
N VAL C 60 6.48 -49.90 18.80
CA VAL C 60 6.94 -49.69 17.43
C VAL C 60 8.34 -50.21 17.25
N GLU C 61 9.20 -49.98 18.24
CA GLU C 61 10.58 -50.42 18.15
C GLU C 61 10.80 -51.86 18.61
N ASN C 62 9.73 -52.58 18.97
CA ASN C 62 9.83 -54.01 19.36
C ASN C 62 9.58 -54.86 18.11
N GLY C 63 10.23 -56.01 17.99
CA GLY C 63 9.93 -56.91 16.88
C GLY C 63 10.63 -56.64 15.54
N THR C 64 11.26 -55.48 15.45
CA THR C 64 12.11 -55.03 14.38
C THR C 64 12.92 -56.08 13.64
N GLU C 65 13.55 -56.99 14.37
CA GLU C 65 14.46 -57.91 13.71
C GLU C 65 13.69 -59.00 12.97
N SER C 66 12.38 -59.00 13.09
CA SER C 66 11.61 -59.93 12.26
C SER C 66 11.31 -59.34 10.86
N TYR C 67 11.65 -58.07 10.64
CA TYR C 67 11.32 -57.36 9.38
C TYR C 67 12.02 -57.95 8.15
N PRO C 68 11.36 -57.94 6.96
CA PRO C 68 9.98 -57.46 6.68
C PRO C 68 8.97 -58.53 6.99
N TRP C 69 7.73 -58.16 7.30
CA TRP C 69 6.66 -59.16 7.27
C TRP C 69 6.15 -59.31 5.83
N ASN C 70 7.08 -59.87 5.06
CA ASN C 70 7.02 -60.51 3.74
C ASN C 70 5.86 -61.37 3.42
N ALA C 71 5.45 -61.46 2.16
CA ALA C 71 4.61 -62.62 1.74
C ALA C 71 5.31 -63.96 2.05
N ASP C 72 6.62 -64.01 1.77
CA ASP C 72 7.44 -65.17 2.03
C ASP C 72 7.40 -65.62 3.50
N LEU C 73 7.46 -64.67 4.42
CA LEU C 73 7.49 -65.01 5.85
C LEU C 73 6.07 -65.30 6.35
N ILE C 74 5.12 -64.50 5.92
CA ILE C 74 3.69 -64.76 6.17
C ILE C 74 3.28 -66.15 5.71
N SER C 75 3.86 -66.67 4.65
CA SER C 75 3.44 -67.97 4.10
C SER C 75 3.71 -69.10 5.06
N HIS C 76 4.48 -68.84 6.11
CA HIS C 76 4.90 -69.86 7.06
C HIS C 76 4.26 -69.76 8.46
N LEU C 77 3.30 -68.83 8.64
CA LEU C 77 2.65 -68.68 9.95
C LEU C 77 1.72 -69.85 10.13
N PRO C 78 1.43 -70.28 11.38
CA PRO C 78 0.41 -71.32 11.56
C PRO C 78 -1.04 -70.85 11.23
N SER C 79 -1.96 -71.78 10.98
CA SER C 79 -3.27 -71.43 10.46
C SER C 79 -4.53 -71.48 11.33
N SER C 80 -4.56 -72.05 12.53
CA SER C 80 -4.41 -71.37 13.82
C SER C 80 -4.47 -69.85 13.96
N LEU C 81 -3.54 -69.09 13.37
CA LEU C 81 -3.47 -67.66 13.64
C LEU C 81 -4.69 -66.92 13.15
N LYS C 82 -5.16 -65.96 13.95
CA LYS C 82 -6.46 -65.33 13.72
C LYS C 82 -6.40 -63.80 13.74
N VAL C 83 -5.36 -63.28 14.40
CA VAL C 83 -5.29 -61.84 14.69
C VAL C 83 -3.87 -61.41 15.07
N PHE C 84 -3.53 -60.18 14.70
CA PHE C 84 -2.18 -59.68 14.89
C PHE C 84 -2.44 -58.30 15.32
N ALA C 85 -1.91 -57.94 16.48
CA ALA C 85 -2.09 -56.58 16.95
C ALA C 85 -0.77 -55.93 17.26
N ALA C 86 -0.61 -54.71 16.75
CA ALA C 86 0.67 -54.01 16.84
C ALA C 86 0.47 -52.57 17.21
N ALA C 87 1.47 -52.05 17.90
CA ALA C 87 1.51 -50.65 18.20
C ALA C 87 1.95 -49.82 16.97
N GLY C 88 1.72 -48.51 17.03
CA GLY C 88 2.07 -47.57 15.95
C GLY C 88 0.90 -47.46 15.00
N ALA C 89 0.85 -46.40 14.19
CA ALA C 89 -0.21 -46.28 13.13
C ALA C 89 0.23 -46.82 11.76
N GLY C 90 1.50 -46.60 11.41
CA GLY C 90 2.02 -47.12 10.17
C GLY C 90 2.34 -48.59 10.33
N PHE C 91 2.55 -49.26 9.20
CA PHE C 91 2.94 -50.68 9.17
C PHE C 91 3.59 -50.99 7.84
N ASP C 92 4.46 -50.08 7.39
CA ASP C 92 5.26 -50.25 6.16
C ASP C 92 5.93 -51.62 6.07
N TRP C 93 6.42 -52.13 7.20
CA TRP C 93 7.06 -53.45 7.31
C TRP C 93 6.11 -54.69 7.13
N LEU C 94 4.81 -54.45 6.92
CA LEU C 94 3.81 -55.52 6.92
C LEU C 94 3.03 -55.61 5.61
N ASP C 95 3.07 -56.78 4.97
CA ASP C 95 2.26 -57.01 3.77
C ASP C 95 0.83 -57.29 4.20
N LEU C 96 0.04 -56.23 4.36
CA LEU C 96 -1.31 -56.39 4.87
C LEU C 96 -2.13 -57.43 4.09
N ASP C 97 -1.96 -57.52 2.78
CA ASP C 97 -2.89 -58.35 1.95
C ASP C 97 -2.53 -59.79 1.94
N ALA C 98 -1.23 -60.06 1.90
CA ALA C 98 -0.74 -61.40 2.07
C ALA C 98 -1.15 -61.90 3.46
N LEU C 99 -1.35 -61.00 4.42
CA LEU C 99 -1.79 -61.44 5.72
C LEU C 99 -3.30 -61.69 5.77
N ASN C 100 -4.07 -60.77 5.20
CA ASN C 100 -5.52 -60.94 5.13
C ASN C 100 -5.98 -62.13 4.27
N GLU C 101 -5.19 -62.53 3.27
CA GLU C 101 -5.46 -63.74 2.48
C GLU C 101 -5.38 -65.03 3.28
N ARG C 102 -4.67 -65.02 4.40
CA ARG C 102 -4.59 -66.20 5.25
C ARG C 102 -5.73 -66.25 6.26
N GLY C 103 -6.53 -65.21 6.25
CA GLY C 103 -7.69 -65.10 7.15
C GLY C 103 -7.35 -64.50 8.49
N VAL C 104 -6.14 -63.94 8.60
CA VAL C 104 -5.66 -63.26 9.81
C VAL C 104 -6.09 -61.76 9.89
N ALA C 105 -6.89 -61.39 10.90
CA ALA C 105 -7.22 -60.00 11.11
C ALA C 105 -6.00 -59.19 11.64
N PHE C 106 -5.93 -57.92 11.26
CA PHE C 106 -4.88 -57.04 11.72
C PHE C 106 -5.42 -55.83 12.49
N ALA C 107 -4.67 -55.37 13.49
CA ALA C 107 -5.06 -54.14 14.16
C ALA C 107 -3.83 -53.36 14.44
N ASN C 108 -3.94 -52.06 14.24
CA ASN C 108 -2.86 -51.14 14.60
C ASN C 108 -3.23 -50.31 15.87
N SER C 109 -2.46 -49.28 16.21
CA SER C 109 -2.81 -48.44 17.36
C SER C 109 -3.14 -47.02 16.93
N ARG C 110 -3.92 -46.91 15.87
CA ARG C 110 -4.37 -45.64 15.35
C ARG C 110 -5.04 -44.81 16.47
N GLY C 111 -4.62 -43.55 16.57
CA GLY C 111 -5.14 -42.62 17.60
C GLY C 111 -4.25 -42.43 18.82
N ALA C 112 -3.32 -43.36 19.05
CA ALA C 112 -2.54 -43.37 20.30
C ALA C 112 -1.49 -42.27 20.38
N GLY C 113 -1.11 -41.73 19.23
CA GLY C 113 -0.01 -40.79 19.13
C GLY C 113 -0.49 -39.41 18.71
N ASP C 114 -1.80 -39.26 18.47
CA ASP C 114 -2.32 -37.99 17.95
C ASP C 114 -1.89 -36.77 18.77
N THR C 115 -2.00 -36.83 20.09
CA THR C 115 -1.61 -35.68 20.89
C THR C 115 -0.11 -35.44 20.77
N ALA C 116 0.68 -36.51 20.78
CA ALA C 116 2.13 -36.36 20.77
C ALA C 116 2.69 -35.81 19.43
N THR C 117 2.16 -36.28 18.31
CA THR C 117 2.75 -36.03 17.04
C THR C 117 2.22 -34.68 16.61
N SER C 118 0.98 -34.33 16.98
CA SER C 118 0.53 -32.94 16.75
C SER C 118 1.35 -31.87 17.52
N ASP C 119 1.69 -32.19 18.78
CA ASP C 119 2.53 -31.28 19.60
C ASP C 119 3.91 -31.10 19.02
N LEU C 120 4.49 -32.20 18.52
CA LEU C 120 5.81 -32.14 17.91
C LEU C 120 5.72 -31.29 16.66
N ALA C 121 4.63 -31.47 15.90
CA ALA C 121 4.39 -30.66 14.72
C ALA C 121 4.33 -29.20 15.12
N LEU C 122 3.48 -28.89 16.10
CA LEU C 122 3.39 -27.51 16.57
C LEU C 122 4.79 -26.95 17.00
N TYR C 123 5.56 -27.75 17.73
CA TYR C 123 6.94 -27.37 18.07
C TYR C 123 7.75 -26.98 16.82
N LEU C 124 7.69 -27.81 15.79
CA LEU C 124 8.27 -27.46 14.48
C LEU C 124 7.74 -26.19 13.84
N ILE C 125 6.39 -26.00 13.79
CA ILE C 125 5.86 -24.78 13.20
C ILE C 125 6.47 -23.61 13.97
N LEU C 126 6.36 -23.64 15.30
CA LEU C 126 7.00 -22.63 16.16
C LEU C 126 8.45 -22.41 15.73
N SER C 127 9.21 -23.49 15.64
CA SER C 127 10.62 -23.45 15.38
C SER C 127 10.97 -22.81 14.04
N VAL C 128 10.19 -23.13 13.00
CA VAL C 128 10.48 -22.61 11.64
C VAL C 128 10.04 -21.16 11.40
N PHE C 129 9.04 -20.69 12.12
CA PHE C 129 8.70 -19.27 12.05
C PHE C 129 9.71 -18.44 12.86
N ARG C 130 10.29 -19.01 13.90
CA ARG C 130 11.00 -18.17 14.85
C ARG C 130 12.51 -18.39 14.76
N LEU C 131 12.90 -19.41 13.98
CA LEU C 131 14.25 -19.86 13.82
C LEU C 131 14.87 -20.19 15.16
N ALA C 132 14.07 -20.84 16.02
CA ALA C 132 14.49 -21.18 17.39
C ALA C 132 15.71 -22.08 17.39
N SER C 133 15.76 -22.92 16.37
CA SER C 133 16.80 -23.93 16.27
C SER C 133 18.17 -23.26 16.14
N TYR C 134 18.25 -22.30 15.22
CA TYR C 134 19.38 -21.43 15.07
C TYR C 134 19.73 -20.77 16.42
N SER C 135 18.73 -20.18 17.10
CA SER C 135 18.92 -19.57 18.41
C SER C 135 19.54 -20.51 19.45
N GLU C 136 19.17 -21.78 19.41
CA GLU C 136 19.70 -22.76 20.34
C GLU C 136 21.17 -23.00 20.11
N ARG C 137 21.52 -23.23 18.85
CA ARG C 137 22.91 -23.53 18.57
C ARG C 137 23.73 -22.30 18.92
N ALA C 138 23.19 -21.10 18.65
CA ALA C 138 23.86 -19.88 19.11
C ALA C 138 24.05 -19.86 20.64
N ALA C 139 22.95 -20.13 21.37
CA ALA C 139 23.00 -20.17 22.83
C ALA C 139 24.00 -21.21 23.36
N ARG C 140 23.94 -22.43 22.86
CA ARG C 140 24.84 -23.48 23.32
C ARG C 140 26.34 -23.22 23.05
N THR C 141 26.66 -22.25 22.20
CA THR C 141 28.09 -21.90 22.02
C THR C 141 28.78 -21.50 23.35
N GLY C 142 28.07 -20.80 24.24
CA GLY C 142 28.69 -20.23 25.42
C GLY C 142 29.37 -18.90 25.15
N ASP C 143 29.35 -18.44 23.89
CA ASP C 143 30.03 -17.22 23.48
C ASP C 143 29.11 -16.03 23.47
N PRO C 144 29.38 -15.04 24.35
CA PRO C 144 28.67 -13.75 24.42
C PRO C 144 28.51 -13.03 23.04
N GLU C 145 29.58 -12.96 22.24
CA GLU C 145 29.49 -12.36 20.87
C GLU C 145 28.41 -13.00 19.98
N THR C 146 28.51 -14.30 19.78
CA THR C 146 27.52 -15.06 19.06
C THR C 146 26.10 -14.91 19.62
N PHE C 147 25.98 -14.85 20.94
CA PHE C 147 24.70 -14.75 21.54
C PHE C 147 24.01 -13.49 21.02
N ASN C 148 24.77 -12.40 20.99
CA ASN C 148 24.22 -11.12 20.54
C ASN C 148 24.04 -11.00 19.04
N ARG C 149 24.97 -11.56 18.26
CA ARG C 149 24.90 -11.40 16.79
C ARG C 149 23.67 -12.12 16.22
N VAL C 150 23.50 -13.37 16.64
CA VAL C 150 22.38 -14.22 16.29
C VAL C 150 21.06 -13.71 16.86
N HIS C 151 21.12 -13.15 18.07
CA HIS C 151 19.98 -12.44 18.63
C HIS C 151 19.51 -11.40 17.61
N LEU C 152 20.45 -10.60 17.11
CA LEU C 152 20.13 -9.58 16.15
C LEU C 152 19.73 -10.16 14.77
N GLU C 153 20.53 -11.09 14.24
CA GLU C 153 20.25 -11.73 12.97
C GLU C 153 18.80 -12.29 12.88
N ILE C 154 18.37 -13.07 13.89
CA ILE C 154 17.07 -13.70 13.86
C ILE C 154 15.95 -12.70 13.68
N GLY C 155 16.17 -11.46 14.13
CA GLY C 155 15.20 -10.37 13.99
C GLY C 155 14.99 -9.85 12.58
N LYS C 156 15.90 -10.16 11.67
CA LYS C 156 15.62 -9.96 10.27
C LYS C 156 14.60 -10.95 9.65
N SER C 157 14.28 -12.08 10.27
CA SER C 157 13.48 -13.13 9.56
C SER C 157 12.34 -13.74 10.32
N ALA C 158 12.30 -13.53 11.62
CA ALA C 158 11.33 -14.18 12.46
C ALA C 158 9.91 -13.63 12.27
N HIS C 159 8.91 -14.48 12.21
CA HIS C 159 7.55 -13.97 12.28
C HIS C 159 6.77 -14.72 13.31
N ASN C 160 5.78 -14.06 13.88
CA ASN C 160 4.73 -14.74 14.60
C ASN C 160 3.96 -15.60 13.63
N PRO C 161 3.78 -16.89 13.94
CA PRO C 161 2.80 -17.65 13.14
C PRO C 161 1.44 -16.94 12.94
N ARG C 162 1.04 -16.10 13.91
CA ARG C 162 -0.31 -15.51 13.93
C ARG C 162 -0.55 -14.83 12.62
N GLY C 163 -1.67 -15.15 11.98
CA GLY C 163 -2.08 -14.45 10.76
C GLY C 163 -1.63 -15.09 9.48
N HIS C 164 -0.54 -15.84 9.53
CA HIS C 164 -0.05 -16.58 8.39
C HIS C 164 -0.85 -17.88 8.12
N VAL C 165 -0.74 -18.35 6.87
CA VAL C 165 -1.50 -19.50 6.42
C VAL C 165 -0.71 -20.77 6.66
N LEU C 166 -1.30 -21.71 7.38
CA LEU C 166 -0.72 -23.04 7.45
C LEU C 166 -1.33 -23.90 6.35
N GLY C 167 -0.46 -24.43 5.50
CA GLY C 167 -0.91 -25.30 4.41
C GLY C 167 -0.79 -26.76 4.75
N ALA C 168 -1.95 -27.39 4.96
CA ALA C 168 -2.00 -28.79 5.42
C ALA C 168 -2.05 -29.73 4.24
N VAL C 169 -1.09 -30.67 4.13
CA VAL C 169 -1.12 -31.71 3.10
C VAL C 169 -1.68 -32.91 3.80
N GLY C 170 -2.93 -33.20 3.51
CA GLY C 170 -3.64 -34.27 4.24
C GLY C 170 -4.25 -33.64 5.49
N LEU C 171 -5.42 -34.15 5.85
CA LEU C 171 -6.18 -33.61 6.95
C LEU C 171 -6.81 -34.77 7.73
N GLY C 172 -5.91 -35.63 8.22
CA GLY C 172 -6.27 -36.71 9.12
C GLY C 172 -6.36 -36.29 10.58
N ALA C 173 -6.67 -37.28 11.41
CA ALA C 173 -6.71 -37.11 12.82
C ALA C 173 -5.50 -36.34 13.36
N ILE C 174 -4.26 -36.64 12.95
CA ILE C 174 -3.12 -35.92 13.56
C ILE C 174 -3.15 -34.47 13.11
N GLN C 175 -3.37 -34.29 11.81
CA GLN C 175 -3.39 -32.95 11.25
C GLN C 175 -4.54 -32.12 11.78
N LYS C 176 -5.69 -32.75 12.05
CA LYS C 176 -6.79 -32.01 12.66
C LYS C 176 -6.34 -31.39 13.99
N GLU C 177 -5.57 -32.15 14.79
CA GLU C 177 -5.01 -31.64 16.04
C GLU C 177 -3.96 -30.56 15.81
N ILE C 178 -3.14 -30.73 14.77
CA ILE C 178 -2.15 -29.72 14.42
C ILE C 178 -2.83 -28.41 14.06
N ALA C 179 -3.80 -28.53 13.13
CA ALA C 179 -4.56 -27.37 12.69
C ALA C 179 -5.24 -26.76 13.89
N ARG C 180 -5.87 -27.58 14.73
CA ARG C 180 -6.69 -27.02 15.81
C ARG C 180 -5.84 -26.14 16.74
N LYS C 181 -4.63 -26.62 17.04
CA LYS C 181 -3.67 -25.91 17.87
C LYS C 181 -3.05 -24.74 17.14
N ALA C 182 -2.84 -24.88 15.83
CA ALA C 182 -2.23 -23.84 15.06
C ALA C 182 -3.22 -22.73 14.83
N VAL C 183 -4.49 -23.09 14.57
CA VAL C 183 -5.50 -22.08 14.35
C VAL C 183 -5.84 -21.41 15.68
N HIS C 184 -6.42 -22.14 16.64
CA HIS C 184 -7.05 -21.49 17.78
C HIS C 184 -5.98 -21.07 18.76
N GLY C 185 -4.91 -21.85 18.84
CA GLY C 185 -3.84 -21.52 19.75
C GLY C 185 -3.03 -20.37 19.20
N LEU C 186 -2.40 -20.58 18.05
CA LEU C 186 -1.34 -19.70 17.59
C LEU C 186 -1.84 -18.59 16.70
N GLY C 187 -3.09 -18.71 16.23
CA GLY C 187 -3.69 -17.73 15.34
C GLY C 187 -3.39 -17.85 13.83
N MET C 188 -3.08 -19.05 13.34
CA MET C 188 -2.82 -19.26 11.90
C MET C 188 -4.13 -19.40 11.14
N LYS C 189 -4.11 -19.14 9.85
CA LYS C 189 -5.21 -19.49 8.99
C LYS C 189 -4.91 -20.87 8.38
N LEU C 190 -5.93 -21.68 8.16
CA LEU C 190 -5.77 -23.00 7.58
C LEU C 190 -6.31 -23.13 6.14
N VAL C 191 -5.47 -23.62 5.22
CA VAL C 191 -5.90 -24.17 3.94
C VAL C 191 -5.36 -25.55 3.80
N TYR C 192 -6.16 -26.48 3.26
CA TYR C 192 -5.73 -27.86 3.11
C TYR C 192 -5.97 -28.44 1.77
N TYR C 193 -5.22 -29.49 1.47
CA TYR C 193 -5.53 -30.35 0.35
C TYR C 193 -5.69 -31.70 0.98
N ASP C 194 -6.63 -32.50 0.51
CA ASP C 194 -6.83 -33.87 1.00
C ASP C 194 -7.70 -34.66 0.04
N VAL C 195 -7.32 -35.93 -0.14
CA VAL C 195 -8.04 -36.86 -0.99
C VAL C 195 -9.52 -36.94 -0.65
N ALA C 196 -9.90 -36.45 0.52
CA ALA C 196 -11.31 -36.40 0.86
C ALA C 196 -11.62 -35.09 1.58
N PRO C 197 -12.88 -34.61 1.44
CA PRO C 197 -13.22 -33.32 2.07
C PRO C 197 -13.19 -33.48 3.59
N ALA C 198 -13.23 -32.38 4.33
CA ALA C 198 -13.39 -32.44 5.78
C ALA C 198 -14.87 -32.26 6.04
N ASP C 199 -15.41 -32.86 7.10
CA ASP C 199 -16.85 -32.69 7.37
C ASP C 199 -17.16 -31.22 7.65
N ALA C 200 -18.42 -30.84 7.48
CA ALA C 200 -18.86 -29.44 7.72
C ALA C 200 -18.51 -28.86 9.10
N GLU C 201 -18.64 -29.64 10.16
CA GLU C 201 -18.29 -29.20 11.51
C GLU C 201 -16.76 -29.04 11.67
N THR C 202 -16.00 -29.88 10.97
CA THR C 202 -14.56 -29.72 11.02
C THR C 202 -14.09 -28.54 10.19
N GLU C 203 -14.79 -28.25 9.10
CA GLU C 203 -14.39 -27.10 8.33
C GLU C 203 -14.69 -25.81 9.05
N LYS C 204 -15.85 -25.77 9.70
CA LYS C 204 -16.36 -24.59 10.41
C LYS C 204 -15.56 -24.32 11.69
N ALA C 205 -15.25 -25.37 12.46
CA ALA C 205 -14.46 -25.22 13.69
C ALA C 205 -13.09 -24.65 13.42
N LEU C 206 -12.43 -25.14 12.36
CA LEU C 206 -11.04 -24.76 12.05
C LEU C 206 -10.94 -23.63 11.04
N GLY C 207 -12.09 -23.14 10.54
CA GLY C 207 -12.11 -22.23 9.40
C GLY C 207 -11.30 -22.78 8.21
N ALA C 208 -11.54 -24.04 7.83
CA ALA C 208 -10.68 -24.71 6.86
C ALA C 208 -11.02 -24.39 5.40
N GLU C 209 -10.05 -23.93 4.63
CA GLU C 209 -10.32 -23.75 3.21
C GLU C 209 -9.61 -24.83 2.37
N ARG C 210 -10.38 -25.65 1.67
CA ARG C 210 -9.83 -26.77 0.90
C ARG C 210 -9.44 -26.28 -0.46
N VAL C 211 -8.23 -26.59 -0.91
CA VAL C 211 -7.91 -26.35 -2.30
C VAL C 211 -7.96 -27.67 -3.09
N ASP C 212 -8.07 -27.56 -4.40
CA ASP C 212 -8.18 -28.77 -5.23
C ASP C 212 -6.84 -29.47 -5.49
N SER C 213 -5.69 -28.78 -5.39
CA SER C 213 -4.41 -29.41 -5.84
C SER C 213 -3.08 -29.11 -5.04
N LEU C 214 -2.06 -29.92 -5.22
CA LEU C 214 -0.85 -29.66 -4.40
C LEU C 214 -0.20 -28.31 -4.73
N GLU C 215 -0.20 -27.93 -6.00
CA GLU C 215 0.30 -26.63 -6.43
C GLU C 215 -0.49 -25.44 -5.83
N GLU C 216 -1.79 -25.58 -5.67
CA GLU C 216 -2.59 -24.53 -5.12
C GLU C 216 -2.26 -24.38 -3.64
N LEU C 217 -2.21 -25.50 -2.97
CA LEU C 217 -1.79 -25.51 -1.58
C LEU C 217 -0.42 -24.83 -1.36
N ALA C 218 0.58 -25.23 -2.13
CA ALA C 218 1.94 -24.72 -2.04
C ALA C 218 1.96 -23.22 -2.18
N ARG C 219 1.25 -22.72 -3.18
CA ARG C 219 1.19 -21.29 -3.48
C ARG C 219 0.52 -20.47 -2.35
N ARG C 220 -0.48 -21.04 -1.67
CA ARG C 220 -1.19 -20.26 -0.66
C ARG C 220 -0.49 -20.22 0.73
N SER C 221 0.58 -21.02 0.91
CA SER C 221 1.16 -21.32 2.23
C SER C 221 2.27 -20.44 2.69
N ASP C 222 2.29 -20.11 3.96
CA ASP C 222 3.49 -19.55 4.61
C ASP C 222 4.26 -20.64 5.30
N CYS C 223 3.55 -21.70 5.65
CA CYS C 223 4.22 -22.91 6.11
C CYS C 223 3.33 -24.09 5.76
N VAL C 224 3.92 -25.07 5.10
CA VAL C 224 3.23 -26.35 4.77
C VAL C 224 3.41 -27.35 5.91
N SER C 225 2.33 -27.95 6.38
CA SER C 225 2.48 -29.11 7.27
C SER C 225 2.16 -30.41 6.51
N VAL C 226 3.18 -31.23 6.35
CA VAL C 226 3.04 -32.57 5.76
C VAL C 226 2.61 -33.66 6.80
N SER C 227 1.50 -34.35 6.52
CA SER C 227 0.99 -35.41 7.42
C SER C 227 0.04 -36.30 6.61
N VAL C 228 0.61 -37.20 5.80
CA VAL C 228 -0.17 -38.10 4.91
C VAL C 228 0.33 -39.50 5.12
N PRO C 229 -0.49 -40.52 4.85
CA PRO C 229 0.08 -41.87 5.06
C PRO C 229 1.15 -42.12 3.99
N TYR C 230 2.11 -42.99 4.29
CA TYR C 230 3.18 -43.28 3.36
C TYR C 230 2.91 -44.55 2.50
N MET C 231 3.00 -44.37 1.18
CA MET C 231 2.71 -45.42 0.17
C MET C 231 3.36 -45.03 -1.19
N LYS C 232 3.40 -45.95 -2.16
CA LYS C 232 3.95 -45.58 -3.48
C LYS C 232 3.36 -44.25 -3.97
N LEU C 233 2.04 -44.03 -3.79
CA LEU C 233 1.41 -42.79 -4.33
C LEU C 233 1.78 -41.51 -3.55
N THR C 234 2.32 -41.64 -2.34
CA THR C 234 2.79 -40.44 -1.66
C THR C 234 4.31 -40.31 -1.59
N HIS C 235 5.04 -41.26 -2.16
CA HIS C 235 6.54 -41.18 -2.32
C HIS C 235 6.99 -39.96 -3.15
N HIS C 236 7.71 -39.00 -2.56
CA HIS C 236 8.19 -37.79 -3.30
C HIS C 236 7.00 -36.96 -3.78
N LEU C 237 5.96 -36.95 -2.97
CA LEU C 237 4.78 -36.15 -3.22
C LEU C 237 5.12 -34.67 -3.18
N ILE C 238 6.06 -34.30 -2.31
CA ILE C 238 6.58 -32.95 -2.22
C ILE C 238 7.92 -32.98 -2.92
N ASP C 239 7.99 -32.49 -4.15
CA ASP C 239 9.16 -32.58 -5.05
C ASP C 239 9.48 -31.17 -5.56
N GLU C 240 10.30 -31.08 -6.60
CA GLU C 240 10.64 -29.81 -7.28
C GLU C 240 9.49 -28.94 -7.77
N ALA C 241 8.54 -29.57 -8.46
CA ALA C 241 7.31 -28.88 -8.86
C ALA C 241 6.56 -28.27 -7.68
N PHE C 242 6.53 -28.97 -6.53
CA PHE C 242 5.78 -28.46 -5.39
C PHE C 242 6.53 -27.27 -4.78
N PHE C 243 7.87 -27.37 -4.60
CA PHE C 243 8.68 -26.25 -4.09
C PHE C 243 8.68 -25.03 -5.02
N ALA C 244 8.63 -25.28 -6.32
CA ALA C 244 8.55 -24.23 -7.32
C ALA C 244 7.27 -23.38 -7.15
N ALA C 245 6.16 -24.05 -6.86
CA ALA C 245 4.89 -23.38 -6.62
C ALA C 245 4.84 -22.53 -5.32
N MET C 246 5.64 -22.85 -4.31
CA MET C 246 5.66 -22.09 -3.02
C MET C 246 6.16 -20.62 -3.11
N LYS C 247 5.63 -19.72 -2.26
CA LYS C 247 6.12 -18.33 -2.13
C LYS C 247 7.57 -18.33 -1.75
N PRO C 248 8.34 -17.31 -2.19
CA PRO C 248 9.71 -17.11 -1.69
C PRO C 248 9.70 -16.87 -0.18
N GLY C 249 10.73 -17.35 0.54
CA GLY C 249 10.85 -17.23 2.01
C GLY C 249 9.77 -17.98 2.81
N SER C 250 9.28 -19.08 2.25
CA SER C 250 8.29 -19.86 2.94
C SER C 250 8.94 -21.04 3.71
N ARG C 251 8.11 -21.88 4.32
CA ARG C 251 8.47 -22.87 5.37
C ARG C 251 7.74 -24.20 5.17
N ILE C 252 8.27 -25.28 5.73
CA ILE C 252 7.67 -26.60 5.59
C ILE C 252 8.15 -27.46 6.77
N VAL C 253 7.19 -28.22 7.32
CA VAL C 253 7.51 -29.17 8.36
C VAL C 253 7.04 -30.53 7.95
N ASN C 254 7.79 -31.54 8.38
CA ASN C 254 7.41 -32.92 8.11
C ASN C 254 7.40 -33.87 9.33
N THR C 255 6.22 -34.39 9.67
CA THR C 255 6.08 -35.35 10.75
C THR C 255 5.39 -36.63 10.27
N ALA C 256 5.51 -36.94 8.98
CA ALA C 256 4.83 -38.12 8.42
C ALA C 256 5.84 -39.24 8.21
N ARG C 257 6.49 -39.24 7.06
CA ARG C 257 7.53 -40.19 6.79
C ARG C 257 8.53 -39.49 5.89
N GLY C 258 9.81 -39.81 6.07
CA GLY C 258 10.82 -39.11 5.35
C GLY C 258 10.59 -39.03 3.86
N PRO C 259 10.42 -40.19 3.18
CA PRO C 259 10.49 -40.23 1.70
C PRO C 259 9.41 -39.47 0.97
N VAL C 260 8.48 -38.87 1.76
CA VAL C 260 7.32 -38.13 1.24
C VAL C 260 7.80 -36.82 0.66
N ILE C 261 8.75 -36.19 1.34
CA ILE C 261 9.37 -34.99 0.79
C ILE C 261 10.67 -35.49 0.20
N SER C 262 10.95 -35.13 -1.06
CA SER C 262 12.27 -35.36 -1.66
C SER C 262 13.36 -34.54 -0.95
N GLN C 263 14.33 -35.23 -0.36
CA GLN C 263 15.47 -34.56 0.28
C GLN C 263 16.27 -33.61 -0.65
N ASP C 264 16.77 -34.14 -1.76
CA ASP C 264 17.44 -33.32 -2.79
C ASP C 264 16.64 -32.07 -3.15
N ALA C 265 15.36 -32.27 -3.43
CA ALA C 265 14.50 -31.18 -3.81
C ALA C 265 14.47 -30.14 -2.63
N LEU C 266 14.43 -30.70 -1.43
CA LEU C 266 14.30 -29.92 -0.24
C LEU C 266 15.58 -29.12 -0.09
N ILE C 267 16.70 -29.82 -0.13
CA ILE C 267 17.99 -29.14 -0.01
C ILE C 267 18.06 -28.02 -1.03
N ALA C 268 17.65 -28.32 -2.25
CA ALA C 268 17.74 -27.35 -3.36
C ALA C 268 16.92 -26.08 -3.11
N ALA C 269 15.77 -26.19 -2.42
CA ALA C 269 14.91 -25.00 -2.31
C ALA C 269 15.42 -24.15 -1.14
N LEU C 270 16.05 -24.84 -0.20
CA LEU C 270 16.71 -24.12 0.86
C LEU C 270 17.95 -23.41 0.37
N LYS C 271 18.81 -24.07 -0.43
CA LYS C 271 19.98 -23.36 -0.90
C LYS C 271 19.62 -22.05 -1.66
N SER C 272 18.56 -22.07 -2.47
CA SER C 272 18.28 -20.92 -3.30
C SER C 272 17.53 -19.84 -2.55
N GLY C 273 17.07 -20.16 -1.34
CA GLY C 273 16.32 -19.19 -0.57
C GLY C 273 14.85 -19.21 -0.92
N LYS C 274 14.43 -20.10 -1.79
CA LYS C 274 12.98 -20.32 -1.92
C LYS C 274 12.35 -20.62 -0.53
N LEU C 275 12.95 -21.54 0.23
CA LEU C 275 12.49 -21.81 1.57
C LEU C 275 13.35 -21.01 2.54
N LEU C 276 12.70 -20.39 3.50
CA LEU C 276 13.45 -19.75 4.54
C LEU C 276 14.02 -20.80 5.50
N SER C 277 13.23 -21.84 5.77
CA SER C 277 13.47 -22.74 6.88
C SER C 277 12.60 -24.00 6.78
N ALA C 278 13.07 -25.09 7.36
CA ALA C 278 12.35 -26.33 7.35
C ALA C 278 12.51 -27.01 8.67
N GLY C 279 11.73 -28.08 8.85
CA GLY C 279 11.65 -28.83 10.11
C GLY C 279 11.21 -30.25 9.83
N LEU C 280 12.12 -31.20 10.07
CA LEU C 280 11.90 -32.58 9.73
C LEU C 280 12.05 -33.41 10.98
N ASP C 281 11.00 -34.14 11.34
CA ASP C 281 11.10 -35.12 12.39
C ASP C 281 11.34 -36.50 11.77
N VAL C 282 10.96 -36.63 10.50
CA VAL C 282 11.24 -37.84 9.73
C VAL C 282 12.12 -37.55 8.52
N HIS C 283 12.89 -38.53 8.08
CA HIS C 283 14.01 -38.21 7.19
C HIS C 283 14.00 -39.20 6.05
N GLU C 284 14.35 -38.75 4.82
CA GLU C 284 14.28 -39.65 3.66
C GLU C 284 15.13 -40.93 3.84
N PHE C 285 16.26 -40.85 4.54
CA PHE C 285 17.13 -42.03 4.69
C PHE C 285 17.36 -42.40 6.17
N GLU C 286 16.31 -42.15 6.95
CA GLU C 286 16.28 -42.49 8.36
C GLU C 286 16.87 -43.89 8.61
N PRO C 287 17.76 -44.06 9.61
CA PRO C 287 18.31 -43.13 10.57
C PRO C 287 19.45 -42.20 10.12
N GLN C 288 19.80 -42.19 8.83
CA GLN C 288 20.75 -41.18 8.35
C GLN C 288 20.07 -39.79 8.10
N VAL C 289 20.49 -38.75 8.84
CA VAL C 289 19.98 -37.39 8.70
C VAL C 289 20.76 -36.74 7.61
N SER C 290 20.14 -35.92 6.76
CA SER C 290 20.99 -35.30 5.74
C SER C 290 22.12 -34.46 6.38
N LYS C 291 23.37 -34.67 5.95
CA LYS C 291 24.49 -33.84 6.38
C LYS C 291 24.48 -32.44 5.77
N GLU C 292 23.92 -32.31 4.57
CA GLU C 292 23.75 -30.97 4.01
C GLU C 292 22.77 -30.14 4.81
N LEU C 293 21.71 -30.77 5.32
CA LEU C 293 20.75 -30.06 6.16
C LEU C 293 21.32 -29.70 7.55
N ILE C 294 22.19 -30.54 8.10
CA ILE C 294 22.76 -30.28 9.40
C ILE C 294 23.49 -28.96 9.36
N GLU C 295 24.23 -28.71 8.29
CA GLU C 295 24.95 -27.46 8.14
C GLU C 295 24.08 -26.23 8.00
N MET C 296 22.77 -26.38 7.94
CA MET C 296 21.93 -25.23 7.65
C MET C 296 21.22 -24.74 8.89
N LYS C 297 21.41 -23.46 9.19
CA LYS C 297 21.02 -22.92 10.50
C LYS C 297 19.51 -22.80 10.59
N HIS C 298 18.88 -22.74 9.42
CA HIS C 298 17.47 -22.51 9.33
C HIS C 298 16.64 -23.80 9.25
N VAL C 299 17.27 -24.95 9.46
CA VAL C 299 16.56 -26.23 9.40
C VAL C 299 16.55 -26.80 10.77
N THR C 300 15.36 -27.20 11.22
CA THR C 300 15.16 -27.92 12.47
C THR C 300 15.06 -29.43 12.20
N LEU C 301 15.84 -30.23 12.93
CA LEU C 301 15.85 -31.69 12.75
C LEU C 301 15.70 -32.44 14.08
N THR C 302 14.83 -33.45 14.14
CA THR C 302 14.66 -34.22 15.39
C THR C 302 14.65 -35.70 15.07
N THR C 303 14.87 -36.54 16.09
CA THR C 303 15.10 -37.96 15.86
C THR C 303 13.82 -38.77 15.85
N HIS C 304 12.87 -38.37 15.01
CA HIS C 304 11.61 -39.13 14.90
C HIS C 304 10.97 -39.34 16.29
N ILE C 305 10.89 -38.26 17.05
CA ILE C 305 10.22 -38.28 18.35
C ILE C 305 8.73 -37.92 18.28
N GLY C 306 8.15 -37.84 17.09
CA GLY C 306 6.74 -37.35 16.93
C GLY C 306 5.73 -37.92 17.94
N GLY C 307 5.63 -39.26 17.92
CA GLY C 307 4.85 -40.02 18.88
C GLY C 307 5.57 -40.55 20.13
N VAL C 308 6.86 -40.23 20.35
CA VAL C 308 7.66 -40.72 21.49
C VAL C 308 7.29 -39.98 22.76
N ALA C 309 6.33 -40.50 23.53
CA ALA C 309 5.84 -39.90 24.77
C ALA C 309 5.19 -40.99 25.57
N ILE C 310 5.36 -40.98 26.88
CA ILE C 310 4.90 -42.09 27.70
C ILE C 310 3.40 -42.38 27.55
N GLU C 311 2.60 -41.34 27.48
CA GLU C 311 1.14 -41.54 27.29
C GLU C 311 0.88 -42.28 25.98
N THR C 312 1.73 -42.08 24.96
CA THR C 312 1.51 -42.80 23.72
C THR C 312 1.63 -44.32 23.96
N PHE C 313 2.71 -44.70 24.65
CA PHE C 313 3.02 -46.08 24.95
C PHE C 313 1.93 -46.75 25.79
N HIS C 314 1.41 -46.02 26.78
CA HIS C 314 0.28 -46.48 27.62
C HIS C 314 -0.84 -46.89 26.70
N GLU C 315 -1.18 -46.05 25.74
CA GLU C 315 -2.25 -46.38 24.80
C GLU C 315 -1.88 -47.43 23.76
N PHE C 316 -0.60 -47.54 23.40
CA PHE C 316 -0.23 -48.63 22.55
C PHE C 316 -0.50 -49.92 23.29
N GLU C 317 -0.13 -49.93 24.58
CA GLU C 317 -0.21 -51.12 25.40
C GLU C 317 -1.67 -51.43 25.69
N ARG C 318 -2.46 -50.40 25.95
CA ARG C 318 -3.90 -50.67 26.16
C ARG C 318 -4.48 -51.24 24.88
N LEU C 319 -4.30 -50.52 23.78
CA LEU C 319 -4.93 -50.93 22.53
C LEU C 319 -4.53 -52.33 22.08
N THR C 320 -3.26 -52.70 22.20
CA THR C 320 -2.90 -54.00 21.70
C THR C 320 -3.52 -55.10 22.55
N MET C 321 -3.49 -54.97 23.87
CA MET C 321 -3.99 -56.03 24.74
C MET C 321 -5.52 -56.01 24.69
N THR C 322 -6.14 -54.84 24.83
CA THR C 322 -7.60 -54.77 24.68
C THR C 322 -8.11 -55.39 23.37
N ASN C 323 -7.33 -55.23 22.31
CA ASN C 323 -7.66 -55.72 20.96
C ASN C 323 -7.72 -57.23 20.81
N ILE C 324 -6.76 -57.93 21.42
CA ILE C 324 -6.74 -59.40 21.34
C ILE C 324 -7.79 -60.03 22.31
N ASP C 325 -7.88 -59.46 23.51
CA ASP C 325 -8.92 -59.78 24.46
C ASP C 325 -10.32 -59.71 23.83
N ARG C 326 -10.72 -58.61 23.17
CA ARG C 326 -12.07 -58.53 22.58
C ARG C 326 -12.30 -59.52 21.44
N PHE C 327 -11.28 -59.74 20.61
CA PHE C 327 -11.46 -60.51 19.40
C PHE C 327 -11.31 -62.02 19.64
N LEU C 328 -10.60 -62.41 20.70
CA LEU C 328 -10.47 -63.82 21.00
C LEU C 328 -11.36 -64.31 22.13
N LEU C 329 -11.51 -63.52 23.20
CA LEU C 329 -12.24 -64.05 24.34
C LEU C 329 -13.63 -63.47 24.45
N GLN C 330 -13.79 -62.21 24.12
CA GLN C 330 -15.02 -61.51 24.40
C GLN C 330 -16.09 -61.45 23.29
N GLY C 331 -15.85 -62.08 22.14
CA GLY C 331 -16.76 -62.00 21.02
C GLY C 331 -17.00 -60.62 20.40
N LYS C 332 -16.25 -59.59 20.84
CA LYS C 332 -16.34 -58.19 20.34
C LYS C 332 -15.34 -57.92 19.17
N PRO C 333 -15.72 -57.06 18.19
CA PRO C 333 -14.74 -56.74 17.13
C PRO C 333 -13.65 -55.75 17.58
N LEU C 334 -12.61 -55.62 16.77
CA LEU C 334 -11.46 -54.79 17.08
C LEU C 334 -11.81 -53.32 17.25
N LEU C 335 -11.02 -52.60 18.05
CA LEU C 335 -11.26 -51.19 18.29
C LEU C 335 -10.64 -50.42 17.16
N THR C 336 -9.47 -50.91 16.69
CA THR C 336 -8.70 -50.22 15.67
C THR C 336 -8.27 -51.14 14.53
N PRO C 337 -9.23 -51.70 13.74
CA PRO C 337 -8.80 -52.63 12.66
C PRO C 337 -8.15 -51.89 11.49
N ALA C 338 -7.39 -52.64 10.68
CA ALA C 338 -6.76 -52.12 9.48
C ALA C 338 -6.65 -53.27 8.47
N GLY C 339 -7.05 -52.98 7.22
CA GLY C 339 -7.30 -54.03 6.21
C GLY C 339 -8.66 -54.72 6.34
N LYS C 340 -8.72 -55.95 5.84
CA LYS C 340 -9.98 -56.69 5.85
C LYS C 340 -10.35 -57.06 7.29
N VAL C 341 -11.66 -56.97 7.58
CA VAL C 341 -12.21 -57.24 8.90
C VAL C 341 -12.87 -58.64 8.99
N PHE C 342 -12.23 -59.56 9.72
CA PHE C 342 -12.82 -60.90 9.96
C PHE C 342 -13.72 -60.99 11.18
N ALA C 343 -14.31 -62.16 11.38
CA ALA C 343 -15.31 -62.27 12.45
C ALA C 343 -14.63 -62.57 13.79
N PRO C 344 -15.09 -61.92 14.86
CA PRO C 344 -14.53 -62.17 16.20
C PRO C 344 -14.81 -63.61 16.64
N SER C 345 -13.91 -64.18 17.43
CA SER C 345 -14.01 -65.58 17.75
C SER C 345 -14.39 -65.80 19.21
N MET D 1 12.36 74.91 -19.86
CA MET D 1 11.42 74.47 -20.94
C MET D 1 9.89 74.64 -20.56
N PRO D 2 9.42 73.89 -19.59
CA PRO D 2 10.14 72.76 -19.01
C PRO D 2 9.32 71.44 -19.03
N ARG D 3 7.98 71.55 -19.19
CA ARG D 3 7.07 70.40 -19.01
C ARG D 3 6.19 70.18 -20.22
N PRO D 4 6.51 69.20 -21.07
CA PRO D 4 5.66 69.00 -22.22
C PRO D 4 4.26 68.61 -21.82
N ARG D 5 3.29 68.87 -22.70
CA ARG D 5 1.88 68.75 -22.31
C ARG D 5 1.29 67.48 -22.92
N VAL D 6 0.85 66.56 -22.08
CA VAL D 6 0.24 65.31 -22.54
C VAL D 6 -1.27 65.25 -22.39
N LEU D 7 -1.98 64.93 -23.47
CA LEU D 7 -3.42 64.73 -23.42
C LEU D 7 -3.70 63.27 -23.04
N LEU D 8 -4.49 63.07 -21.97
CA LEU D 8 -4.86 61.69 -21.63
C LEU D 8 -6.30 61.32 -21.98
N LEU D 9 -6.44 60.26 -22.77
CA LEU D 9 -7.74 59.81 -23.22
C LEU D 9 -8.27 58.80 -22.26
N GLY D 10 -9.31 59.18 -21.50
CA GLY D 10 -9.85 58.34 -20.44
C GLY D 10 -9.04 58.33 -19.15
N ASP D 11 -8.90 57.16 -18.55
CA ASP D 11 -8.51 57.12 -17.19
C ASP D 11 -7.07 57.35 -16.92
N PRO D 12 -6.77 57.83 -15.72
CA PRO D 12 -5.36 57.83 -15.29
C PRO D 12 -4.91 56.38 -14.99
N ALA D 13 -3.65 56.20 -14.62
CA ALA D 13 -3.13 54.87 -14.35
C ALA D 13 -3.79 54.22 -13.13
N ARG D 14 -3.82 52.88 -13.15
CA ARG D 14 -4.51 52.08 -12.14
C ARG D 14 -3.49 51.16 -11.46
N HIS D 15 -2.26 51.02 -12.00
CA HIS D 15 -1.33 50.00 -11.46
C HIS D 15 0.07 50.46 -11.12
N LEU D 16 0.73 51.18 -12.04
CA LEU D 16 2.06 51.68 -11.76
C LEU D 16 1.92 53.06 -11.12
N ASP D 17 1.61 53.07 -9.83
CA ASP D 17 1.36 54.31 -9.08
C ASP D 17 2.55 55.26 -9.03
N ASP D 18 3.72 54.71 -8.69
CA ASP D 18 4.96 55.53 -8.61
C ASP D 18 5.29 56.05 -9.97
N LEU D 19 5.31 55.19 -10.98
CA LEU D 19 5.74 55.59 -12.33
C LEU D 19 4.81 56.70 -12.87
N TRP D 20 3.52 56.60 -12.55
CA TRP D 20 2.49 57.56 -12.96
C TRP D 20 2.71 58.89 -12.26
N SER D 21 3.02 58.84 -10.98
CA SER D 21 3.42 60.04 -10.26
C SER D 21 4.67 60.66 -10.86
N ASP D 22 5.72 59.87 -11.10
CA ASP D 22 6.91 60.42 -11.80
C ASP D 22 6.48 61.06 -13.16
N PHE D 23 5.59 60.39 -13.91
CA PHE D 23 5.10 60.87 -15.22
C PHE D 23 4.44 62.23 -15.09
N GLN D 24 3.58 62.36 -14.10
CA GLN D 24 3.00 63.68 -13.80
C GLN D 24 3.99 64.69 -13.23
N GLN D 25 5.17 64.23 -12.76
CA GLN D 25 6.27 65.12 -12.32
C GLN D 25 6.45 66.07 -13.48
N LYS D 26 6.60 65.63 -14.72
CA LYS D 26 7.75 65.38 -15.55
C LYS D 26 6.96 66.06 -16.76
N PHE D 27 5.64 65.75 -16.90
CA PHE D 27 4.71 66.31 -17.88
C PHE D 27 3.41 66.87 -17.28
N GLU D 28 2.77 67.80 -17.98
CA GLU D 28 1.50 68.37 -17.58
C GLU D 28 0.46 67.49 -18.23
N VAL D 29 -0.29 66.71 -17.47
CA VAL D 29 -1.19 65.74 -18.05
C VAL D 29 -2.53 66.39 -18.10
N ILE D 30 -3.15 66.47 -19.28
CA ILE D 30 -4.41 67.15 -19.39
C ILE D 30 -5.52 66.13 -19.56
N PRO D 31 -6.48 66.08 -18.62
CA PRO D 31 -7.52 65.05 -18.89
C PRO D 31 -8.41 65.39 -20.10
N ALA D 32 -8.69 64.42 -20.96
CA ALA D 32 -9.49 64.74 -22.14
C ALA D 32 -10.96 65.08 -21.89
N ASN D 33 -11.53 64.55 -20.79
CA ASN D 33 -12.96 64.67 -20.42
C ASN D 33 -13.88 64.28 -21.55
N LEU D 34 -13.68 63.07 -22.09
CA LEU D 34 -14.38 62.61 -23.29
C LEU D 34 -15.86 62.44 -23.07
N THR D 35 -16.63 62.83 -24.07
CA THR D 35 -18.09 62.71 -24.04
C THR D 35 -18.50 61.97 -25.31
N THR D 36 -18.45 62.65 -26.45
CA THR D 36 -18.89 62.09 -27.73
C THR D 36 -17.68 62.15 -28.67
N HIS D 37 -17.72 61.38 -29.75
CA HIS D 37 -16.71 61.57 -30.82
C HIS D 37 -16.81 63.02 -31.32
N ASP D 38 -18.03 63.45 -31.67
CA ASP D 38 -18.26 64.82 -32.16
C ASP D 38 -17.87 65.89 -31.13
N GLY D 39 -18.23 65.69 -29.88
CA GLY D 39 -17.82 66.66 -28.86
C GLY D 39 -16.32 66.83 -28.76
N PHE D 40 -15.56 65.75 -28.96
CA PHE D 40 -14.11 65.83 -28.90
C PHE D 40 -13.54 66.51 -30.13
N LYS D 41 -14.17 66.33 -31.28
CA LYS D 41 -13.66 67.06 -32.42
C LYS D 41 -14.02 68.57 -32.33
N GLN D 42 -15.12 68.87 -31.69
CA GLN D 42 -15.43 70.24 -31.42
C GLN D 42 -14.35 70.88 -30.53
N ALA D 43 -14.12 70.27 -29.36
CA ALA D 43 -13.00 70.57 -28.45
C ALA D 43 -11.66 70.82 -29.14
N LEU D 44 -11.24 69.91 -30.01
CA LEU D 44 -10.01 70.11 -30.79
C LEU D 44 -10.07 71.37 -31.70
N ARG D 45 -11.20 71.58 -32.39
CA ARG D 45 -11.40 72.76 -33.25
C ARG D 45 -11.35 74.08 -32.46
N GLU D 46 -11.73 74.04 -31.18
CA GLU D 46 -11.77 75.21 -30.34
C GLU D 46 -10.47 75.46 -29.57
N LYS D 47 -9.44 74.66 -29.84
CA LYS D 47 -8.15 74.71 -29.12
C LYS D 47 -8.35 74.55 -27.60
N ARG D 48 -9.27 73.67 -27.21
CA ARG D 48 -9.66 73.56 -25.80
C ARG D 48 -8.57 73.06 -24.87
N TYR D 49 -7.68 72.21 -25.36
CA TYR D 49 -6.62 71.75 -24.52
C TYR D 49 -5.37 72.56 -24.75
N GLY D 50 -5.44 73.55 -25.59
CA GLY D 50 -4.20 74.23 -25.94
C GLY D 50 -3.33 73.36 -26.85
N ASP D 51 -2.15 73.85 -27.19
CA ASP D 51 -1.11 73.00 -27.75
C ASP D 51 -0.68 71.91 -26.79
N PHE D 52 -0.50 70.71 -27.32
CA PHE D 52 -0.05 69.63 -26.47
C PHE D 52 0.75 68.80 -27.42
N GLU D 53 1.72 68.09 -26.86
CA GLU D 53 2.85 67.44 -27.56
C GLU D 53 2.70 65.92 -27.68
N ALA D 54 1.88 65.33 -26.82
CA ALA D 54 1.72 63.87 -26.76
C ALA D 54 0.31 63.56 -26.41
N ILE D 55 -0.10 62.34 -26.69
CA ILE D 55 -1.36 61.80 -26.29
C ILE D 55 -0.99 60.49 -25.68
N ILE D 56 -1.53 60.20 -24.48
CA ILE D 56 -1.39 58.89 -23.88
C ILE D 56 -2.78 58.22 -23.66
N LYS D 57 -2.85 56.93 -24.04
CA LYS D 57 -3.98 56.02 -23.86
C LYS D 57 -3.54 54.81 -23.04
N LEU D 58 -3.91 54.76 -21.76
CA LEU D 58 -3.35 53.78 -20.82
C LEU D 58 -4.01 52.40 -20.80
N ALA D 59 -5.20 52.31 -21.41
CA ALA D 59 -5.87 51.01 -21.58
C ALA D 59 -6.67 50.92 -22.87
N VAL D 60 -6.83 49.69 -23.36
CA VAL D 60 -7.54 49.38 -24.60
C VAL D 60 -8.95 49.90 -24.53
N GLU D 61 -9.58 49.73 -23.38
CA GLU D 61 -10.97 50.12 -23.23
C GLU D 61 -11.07 51.58 -22.75
N ASN D 62 -9.97 52.31 -22.71
CA ASN D 62 -10.00 53.70 -22.30
C ASN D 62 -10.05 54.56 -23.51
N GLY D 63 -10.91 55.56 -23.50
CA GLY D 63 -10.87 56.53 -24.57
C GLY D 63 -11.75 56.23 -25.77
N THR D 64 -12.39 55.08 -25.76
CA THR D 64 -13.26 54.65 -26.88
C THR D 64 -14.32 55.69 -27.32
N GLU D 65 -14.74 56.58 -26.42
CA GLU D 65 -15.75 57.55 -26.84
C GLU D 65 -15.18 58.57 -27.83
N SER D 66 -13.86 58.62 -27.95
CA SER D 66 -13.22 59.44 -28.98
C SER D 66 -13.23 58.79 -30.38
N TYR D 67 -13.56 57.51 -30.48
CA TYR D 67 -13.48 56.83 -31.79
C TYR D 67 -14.59 57.27 -32.79
N PRO D 68 -14.29 57.16 -34.11
CA PRO D 68 -12.98 56.69 -34.66
C PRO D 68 -11.91 57.78 -34.74
N TRP D 69 -10.65 57.40 -34.65
CA TRP D 69 -9.54 58.31 -34.98
C TRP D 69 -9.31 58.26 -36.51
N ASN D 70 -10.26 58.83 -37.25
CA ASN D 70 -10.24 58.86 -38.72
C ASN D 70 -9.57 60.16 -39.19
N ALA D 71 -9.29 60.27 -40.49
CA ALA D 71 -8.69 61.51 -41.04
C ALA D 71 -9.33 62.81 -40.56
N ASP D 72 -10.67 62.82 -40.52
CA ASP D 72 -11.40 64.01 -40.24
C ASP D 72 -11.11 64.60 -38.85
N ILE D 73 -11.17 63.77 -37.79
CA ILE D 73 -10.73 64.17 -36.44
C ILE D 73 -9.24 64.45 -36.37
N ILE D 74 -8.43 63.70 -37.10
CA ILE D 74 -7.00 63.95 -37.04
C ILE D 74 -6.66 65.29 -37.67
N SER D 75 -7.58 65.82 -38.48
CA SER D 75 -7.30 67.06 -39.19
C SER D 75 -7.36 68.25 -38.21
N HIS D 76 -7.64 67.98 -36.96
CA HIS D 76 -7.91 69.06 -36.02
C HIS D 76 -6.94 69.07 -34.84
N LEU D 77 -6.07 68.07 -34.77
CA LEU D 77 -5.04 67.99 -33.74
C LEU D 77 -4.11 69.17 -33.83
N PRO D 78 -3.58 69.64 -32.69
CA PRO D 78 -2.72 70.80 -32.78
C PRO D 78 -1.42 70.31 -33.41
N SER D 79 -0.75 71.17 -34.18
CA SER D 79 0.48 70.82 -34.91
C SER D 79 1.71 70.72 -34.04
N SER D 80 1.54 71.10 -32.78
CA SER D 80 2.53 70.86 -31.78
C SER D 80 2.69 69.34 -31.49
N LEU D 81 1.68 68.57 -31.83
CA LEU D 81 1.67 67.15 -31.53
C LEU D 81 2.82 66.34 -32.15
N LYS D 82 3.55 65.65 -31.28
CA LYS D 82 4.76 64.89 -31.65
C LYS D 82 4.57 63.37 -31.59
N VAL D 83 3.76 62.88 -30.65
CA VAL D 83 3.73 61.41 -30.35
C VAL D 83 2.44 60.98 -29.66
N PHE D 84 1.92 59.81 -30.04
CA PHE D 84 0.66 59.24 -29.48
C PHE D 84 1.01 57.85 -29.01
N ALA D 85 0.80 57.55 -27.75
CA ALA D 85 1.09 56.21 -27.25
C ALA D 85 -0.12 55.52 -26.65
N ALA D 86 -0.32 54.28 -27.08
CA ALA D 86 -1.55 53.54 -26.82
C ALA D 86 -1.25 52.14 -26.33
N ALA D 87 -2.11 51.70 -25.40
CA ALA D 87 -2.17 50.32 -24.91
C ALA D 87 -2.57 49.42 -26.09
N GLY D 88 -2.44 48.11 -26.02
CA GLY D 88 -2.92 47.29 -27.14
C GLY D 88 -1.89 47.01 -28.22
N ALA D 89 -2.18 45.98 -29.01
CA ALA D 89 -1.47 45.70 -30.28
C ALA D 89 -2.31 46.25 -31.43
N GLY D 90 -3.59 45.90 -31.47
CA GLY D 90 -4.48 46.42 -32.49
C GLY D 90 -4.82 47.91 -32.34
N PHE D 91 -4.92 48.58 -33.47
CA PHE D 91 -5.30 49.99 -33.50
C PHE D 91 -6.26 50.19 -34.65
N ASP D 92 -7.15 49.22 -34.79
CA ASP D 92 -8.18 49.25 -35.81
C ASP D 92 -8.90 50.60 -35.83
N TRP D 93 -9.06 51.23 -34.65
CA TRP D 93 -9.81 52.51 -34.49
C TRP D 93 -9.02 53.74 -35.01
N LEU D 94 -7.80 53.51 -35.49
CA LEU D 94 -6.85 54.60 -35.83
C LEU D 94 -6.34 54.65 -37.29
N ASP D 95 -6.52 55.79 -37.96
CA ASP D 95 -5.94 55.93 -39.26
C ASP D 95 -4.45 56.25 -39.12
N LEU D 96 -3.63 55.23 -39.03
CA LEU D 96 -2.21 55.49 -38.81
C LEU D 96 -1.55 56.35 -39.91
N ASP D 97 -2.11 56.31 -41.14
CA ASP D 97 -1.48 57.08 -42.24
C ASP D 97 -1.82 58.55 -42.17
N ALA D 98 -3.08 58.86 -41.87
CA ALA D 98 -3.42 60.25 -41.61
C ALA D 98 -2.60 60.83 -40.43
N LEU D 99 -2.24 59.98 -39.46
CA LEU D 99 -1.49 60.46 -38.29
C LEU D 99 -0.02 60.67 -38.59
N ASN D 100 0.59 59.73 -39.33
CA ASN D 100 1.95 59.91 -39.88
C ASN D 100 2.13 61.08 -40.86
N GLU D 101 1.10 61.44 -41.63
CA GLU D 101 1.27 62.55 -42.58
C GLU D 101 1.54 63.89 -41.88
N ARG D 102 0.97 64.05 -40.67
CA ARG D 102 1.24 65.18 -39.79
C ARG D 102 2.56 65.10 -39.01
N GLY D 103 3.50 64.27 -39.42
CA GLY D 103 4.73 64.10 -38.61
C GLY D 103 4.51 63.64 -37.16
N VAL D 104 3.38 63.00 -36.87
CA VAL D 104 3.12 62.45 -35.54
C VAL D 104 3.61 60.97 -35.45
N ALA D 105 4.46 60.68 -34.48
CA ALA D 105 4.89 59.31 -34.31
C ALA D 105 3.84 58.49 -33.52
N PHE D 106 3.62 57.22 -33.89
CA PHE D 106 2.69 56.35 -33.10
C PHE D 106 3.42 55.23 -32.43
N ALA D 107 2.95 54.87 -31.24
CA ALA D 107 3.47 53.68 -30.51
C ALA D 107 2.33 52.95 -29.91
N ASN D 108 2.25 51.64 -30.20
CA ASN D 108 1.33 50.74 -29.50
C ASN D 108 2.03 50.06 -28.32
N SER D 109 1.42 48.99 -27.80
CA SER D 109 2.00 48.24 -26.69
C SER D 109 2.19 46.75 -27.04
N ARG D 110 2.84 46.51 -28.20
CA ARG D 110 3.08 45.15 -28.68
C ARG D 110 3.95 44.38 -27.68
N GLY D 111 3.60 43.10 -27.49
CA GLY D 111 4.28 42.24 -26.54
C GLY D 111 3.67 42.09 -25.16
N ALA D 112 2.98 43.12 -24.69
CA ALA D 112 2.51 43.18 -23.30
C ALA D 112 1.59 42.05 -22.91
N GLY D 113 0.74 41.61 -23.85
CA GLY D 113 -0.24 40.54 -23.64
C GLY D 113 0.12 39.15 -24.19
N ASP D 114 1.39 38.88 -24.47
CA ASP D 114 1.78 37.61 -25.03
C ASP D 114 1.44 36.42 -24.10
N THR D 115 1.83 36.57 -22.83
CA THR D 115 1.67 35.50 -21.87
C THR D 115 0.17 35.28 -21.69
N ALA D 116 -0.52 36.39 -21.53
CA ALA D 116 -1.95 36.32 -21.32
C ALA D 116 -2.62 35.60 -22.50
N THR D 117 -2.39 36.07 -23.73
CA THR D 117 -3.22 35.67 -24.85
C THR D 117 -2.95 34.25 -25.21
N SER D 118 -1.70 33.82 -25.03
CA SER D 118 -1.28 32.45 -25.39
C SER D 118 -1.88 31.47 -24.40
N ASP D 119 -2.07 31.92 -23.16
CA ASP D 119 -2.73 31.11 -22.13
C ASP D 119 -4.22 30.84 -22.40
N LEU D 120 -4.96 31.87 -22.76
CA LEU D 120 -6.37 31.77 -23.07
C LEU D 120 -6.52 30.80 -24.25
N ALA D 121 -5.66 30.96 -25.25
CA ALA D 121 -5.65 30.09 -26.41
C ALA D 121 -5.36 28.64 -25.99
N LEU D 122 -4.37 28.43 -25.11
CA LEU D 122 -4.19 27.10 -24.52
C LEU D 122 -5.45 26.62 -23.79
N TYR D 123 -6.20 27.53 -23.17
CA TYR D 123 -7.41 27.17 -22.51
C TYR D 123 -8.47 26.67 -23.48
N LEU D 124 -8.53 27.34 -24.64
CA LEU D 124 -9.47 27.04 -25.73
C LEU D 124 -9.20 25.71 -26.35
N ILE D 125 -7.92 25.39 -26.49
CA ILE D 125 -7.52 24.16 -27.16
C ILE D 125 -7.89 23.01 -26.26
N LEU D 126 -7.59 23.19 -24.97
CA LEU D 126 -8.04 22.25 -23.95
C LEU D 126 -9.54 22.10 -24.03
N SER D 127 -10.23 23.19 -24.28
CA SER D 127 -11.63 23.14 -24.10
C SER D 127 -12.28 22.38 -25.25
N VAL D 128 -11.81 22.62 -26.47
CA VAL D 128 -12.35 22.00 -27.67
C VAL D 128 -11.89 20.55 -27.84
N PHE D 129 -10.76 20.16 -27.26
CA PHE D 129 -10.41 18.74 -27.21
C PHE D 129 -11.19 17.88 -26.21
N ARG D 130 -11.50 18.45 -25.05
CA ARG D 130 -12.12 17.71 -23.94
C ARG D 130 -13.64 17.98 -23.82
N LEU D 131 -14.14 18.85 -24.67
CA LEU D 131 -15.53 19.33 -24.58
C LEU D 131 -15.87 19.84 -23.17
N ALA D 132 -14.99 20.69 -22.64
CA ALA D 132 -15.09 21.10 -21.25
C ALA D 132 -16.18 22.12 -21.09
N SER D 133 -16.43 22.88 -22.15
CA SER D 133 -17.51 23.85 -22.17
C SER D 133 -18.89 23.25 -21.90
N TYR D 134 -19.19 22.19 -22.62
CA TYR D 134 -20.44 21.48 -22.51
C TYR D 134 -20.52 20.82 -21.13
N SER D 135 -19.37 20.32 -20.71
CA SER D 135 -19.27 19.78 -19.39
C SER D 135 -19.69 20.79 -18.30
N GLU D 136 -19.17 22.03 -18.36
CA GLU D 136 -19.47 23.07 -17.36
C GLU D 136 -20.95 23.45 -17.37
N ARG D 137 -21.54 23.55 -18.56
CA ARG D 137 -22.96 23.85 -18.63
C ARG D 137 -23.82 22.78 -17.95
N ALA D 138 -23.50 21.51 -18.19
CA ALA D 138 -24.12 20.39 -17.54
C ALA D 138 -23.96 20.47 -16.03
N ALA D 139 -22.72 20.66 -15.56
CA ALA D 139 -22.52 20.76 -14.13
C ALA D 139 -23.40 21.86 -13.53
N ARG D 140 -23.46 23.01 -14.18
CA ARG D 140 -24.17 24.16 -13.63
C ARG D 140 -25.70 24.02 -13.63
N THR D 141 -26.25 22.96 -14.24
CA THR D 141 -27.71 22.71 -14.16
C THR D 141 -28.14 22.26 -12.75
N GLY D 142 -27.20 21.71 -11.98
CA GLY D 142 -27.46 21.25 -10.63
C GLY D 142 -28.34 20.02 -10.67
N ASP D 143 -28.31 19.29 -11.79
CA ASP D 143 -29.16 18.15 -12.00
C ASP D 143 -28.35 16.83 -12.11
N PRO D 144 -28.49 15.95 -11.09
CA PRO D 144 -27.92 14.61 -11.02
C PRO D 144 -27.98 13.79 -12.34
N GLU D 145 -29.13 13.74 -13.02
CA GLU D 145 -29.26 12.95 -14.24
C GLU D 145 -28.41 13.55 -15.38
N THR D 146 -28.42 14.88 -15.47
CA THR D 146 -27.67 15.58 -16.51
C THR D 146 -26.17 15.34 -16.31
N PHE D 147 -25.70 15.58 -15.09
CA PHE D 147 -24.30 15.30 -14.74
C PHE D 147 -23.81 13.94 -15.24
N ASN D 148 -24.62 12.90 -15.02
CA ASN D 148 -24.27 11.52 -15.40
C ASN D 148 -24.37 11.26 -16.91
N ARG D 149 -25.48 11.69 -17.53
CA ARG D 149 -25.64 11.52 -18.97
C ARG D 149 -24.47 12.19 -19.76
N VAL D 150 -24.15 13.42 -19.39
CA VAL D 150 -23.06 14.19 -19.99
C VAL D 150 -21.65 13.59 -19.71
N HIS D 151 -21.32 13.24 -18.45
CA HIS D 151 -20.05 12.58 -18.11
C HIS D 151 -19.80 11.40 -19.05
N LEU D 152 -20.89 10.71 -19.43
CA LEU D 152 -20.73 9.57 -20.32
C LEU D 152 -20.69 10.00 -21.79
N GLU D 153 -21.54 10.96 -22.13
CA GLU D 153 -21.67 11.42 -23.52
C GLU D 153 -20.35 11.96 -24.08
N ILE D 154 -19.70 12.82 -23.29
CA ILE D 154 -18.36 13.33 -23.56
C ILE D 154 -17.29 12.25 -23.78
N GLY D 155 -17.35 11.13 -23.06
CA GLY D 155 -16.39 10.03 -23.26
C GLY D 155 -16.33 9.41 -24.66
N LYS D 156 -17.38 9.60 -25.47
CA LYS D 156 -17.37 9.12 -26.86
C LYS D 156 -16.58 10.03 -27.79
N SER D 157 -16.22 11.23 -27.34
CA SER D 157 -15.69 12.26 -28.24
C SER D 157 -14.45 12.98 -27.76
N ALA D 158 -14.11 12.94 -26.48
CA ALA D 158 -12.99 13.73 -25.96
C ALA D 158 -11.65 13.10 -26.32
N HIS D 159 -10.63 13.91 -26.55
CA HIS D 159 -9.33 13.38 -26.87
C HIS D 159 -8.26 14.16 -26.14
N ASN D 160 -7.16 13.50 -25.75
CA ASN D 160 -6.00 14.23 -25.28
C ASN D 160 -5.45 15.04 -26.45
N PRO D 161 -5.16 16.33 -26.25
CA PRO D 161 -4.33 17.02 -27.29
C PRO D 161 -3.00 16.27 -27.74
N ARG D 162 -2.36 15.58 -26.81
CA ARG D 162 -1.10 14.86 -27.09
C ARG D 162 -1.08 14.00 -28.35
N GLY D 163 0.00 14.13 -29.14
CA GLY D 163 0.16 13.45 -30.43
C GLY D 163 -0.72 13.94 -31.61
N HIS D 164 -1.78 14.73 -31.31
CA HIS D 164 -2.59 15.41 -32.33
C HIS D 164 -1.88 16.68 -32.84
N VAL D 165 -2.25 17.10 -34.05
CA VAL D 165 -1.52 18.17 -34.72
C VAL D 165 -2.24 19.49 -34.53
N LEU D 166 -1.51 20.48 -34.07
CA LEU D 166 -2.00 21.84 -33.96
C LEU D 166 -1.53 22.54 -35.21
N GLY D 167 -2.52 23.05 -35.97
CA GLY D 167 -2.19 23.81 -37.17
C GLY D 167 -2.23 25.29 -36.91
N ALA D 168 -1.05 25.90 -36.86
CA ALA D 168 -0.96 27.33 -36.61
C ALA D 168 -1.10 28.18 -37.89
N VAL D 169 -2.17 28.98 -37.94
CA VAL D 169 -2.32 29.99 -38.95
C VAL D 169 -1.67 31.25 -38.41
N GLY D 170 -0.44 31.50 -38.86
CA GLY D 170 0.40 32.58 -38.29
C GLY D 170 1.38 32.02 -37.24
N LEU D 171 2.62 32.45 -37.28
CA LEU D 171 3.56 32.00 -36.26
C LEU D 171 4.34 33.20 -35.68
N GLY D 172 3.59 34.28 -35.44
CA GLY D 172 4.08 35.45 -34.71
C GLY D 172 4.31 35.18 -33.24
N ALA D 173 4.61 36.23 -32.50
CA ALA D 173 4.93 36.15 -31.08
C ALA D 173 3.94 35.40 -30.17
N ILE D 174 2.62 35.69 -30.25
CA ILE D 174 1.64 35.02 -29.37
C ILE D 174 1.47 33.58 -29.82
N GLN D 175 1.53 33.32 -31.14
CA GLN D 175 1.44 31.92 -31.58
C GLN D 175 2.72 31.12 -31.22
N LYS D 176 3.83 31.80 -31.03
CA LYS D 176 5.05 31.09 -30.60
C LYS D 176 4.91 30.59 -29.16
N GLU D 177 4.21 31.35 -28.33
CA GLU D 177 4.00 30.95 -26.96
C GLU D 177 2.93 29.90 -26.90
N ILE D 178 1.82 30.10 -27.62
CA ILE D 178 0.79 29.09 -27.77
C ILE D 178 1.39 27.72 -28.13
N ALA D 179 2.18 27.71 -29.21
CA ALA D 179 2.85 26.53 -29.73
C ALA D 179 3.69 25.91 -28.67
N ARG D 180 4.46 26.71 -27.96
CA ARG D 180 5.51 26.15 -27.13
C ARG D 180 4.84 25.39 -25.98
N LYS D 181 3.66 25.87 -25.59
CA LYS D 181 2.88 25.28 -24.51
C LYS D 181 2.13 24.05 -25.00
N ALA D 182 1.56 24.12 -26.22
CA ALA D 182 0.95 22.93 -26.79
C ALA D 182 2.00 21.89 -27.14
N VAL D 183 3.09 22.29 -27.78
CA VAL D 183 4.09 21.32 -28.11
C VAL D 183 4.67 20.76 -26.80
N HIS D 184 5.37 21.56 -26.03
CA HIS D 184 6.09 21.00 -24.87
C HIS D 184 5.25 20.69 -23.66
N GLY D 185 4.20 21.45 -23.41
CA GLY D 185 3.37 21.15 -22.26
C GLY D 185 2.43 20.01 -22.59
N LEU D 186 1.64 20.16 -23.64
CA LEU D 186 0.52 19.27 -23.89
C LEU D 186 0.90 18.12 -24.78
N GLY D 187 2.05 18.22 -25.44
CA GLY D 187 2.50 17.15 -26.34
C GLY D 187 1.90 17.11 -27.74
N MET D 188 1.47 18.24 -28.31
CA MET D 188 0.92 18.22 -29.66
C MET D 188 2.06 18.33 -30.67
N LYS D 189 1.81 18.02 -31.93
CA LYS D 189 2.77 18.30 -32.98
C LYS D 189 2.39 19.60 -33.69
N LEU D 190 3.37 20.28 -34.31
CA LEU D 190 3.11 21.57 -34.98
C LEU D 190 3.35 21.62 -36.51
N VAL D 191 2.32 22.06 -37.24
CA VAL D 191 2.53 22.52 -38.60
C VAL D 191 2.00 23.89 -38.68
N TYR D 192 2.67 24.75 -39.43
CA TYR D 192 2.22 26.12 -39.51
C TYR D 192 2.27 26.65 -40.90
N TYR D 193 1.34 27.58 -41.16
CA TYR D 193 1.45 28.43 -42.32
C TYR D 193 1.73 29.87 -41.90
N ASP D 194 2.67 30.54 -42.56
CA ASP D 194 2.88 31.97 -42.29
C ASP D 194 3.57 32.73 -43.40
N VAL D 195 3.28 34.02 -43.47
CA VAL D 195 3.82 34.85 -44.54
C VAL D 195 5.34 34.74 -44.60
N ALA D 196 5.98 34.39 -43.49
CA ALA D 196 7.44 34.31 -43.48
C ALA D 196 7.90 33.17 -42.59
N PRO D 197 9.11 32.68 -42.84
CA PRO D 197 9.42 31.47 -42.10
C PRO D 197 10.09 31.79 -40.78
N ALA D 198 9.75 31.03 -39.74
CA ALA D 198 10.50 31.02 -38.49
C ALA D 198 12.00 30.70 -38.69
N ASP D 199 12.86 31.21 -37.81
CA ASP D 199 14.30 30.91 -37.93
C ASP D 199 14.59 29.45 -37.63
N ALA D 200 15.75 28.98 -38.08
CA ALA D 200 16.29 27.67 -37.72
C ALA D 200 15.93 27.29 -36.28
N GLU D 201 16.12 28.21 -35.32
CA GLU D 201 15.99 27.89 -33.88
C GLU D 201 14.56 27.59 -33.45
N THR D 202 13.63 28.45 -33.85
CA THR D 202 12.21 28.31 -33.52
C THR D 202 11.63 27.03 -34.08
N GLU D 203 11.96 26.72 -35.32
CA GLU D 203 11.49 25.49 -35.95
C GLU D 203 12.11 24.27 -35.26
N LYS D 204 13.42 24.30 -35.05
CA LYS D 204 14.07 23.15 -34.43
C LYS D 204 13.75 23.08 -32.94
N ALA D 205 13.25 24.18 -32.36
CA ALA D 205 12.85 24.17 -30.94
C ALA D 205 11.43 23.67 -30.69
N LEU D 206 10.50 23.98 -31.62
CA LEU D 206 9.08 23.59 -31.53
C LEU D 206 8.76 22.37 -32.39
N GLY D 207 9.71 21.92 -33.21
CA GLY D 207 9.43 20.87 -34.19
C GLY D 207 8.45 21.41 -35.23
N ALA D 208 8.66 22.65 -35.67
CA ALA D 208 7.68 23.30 -36.52
C ALA D 208 7.88 22.73 -37.90
N GLU D 209 6.79 22.37 -38.57
CA GLU D 209 6.88 21.97 -39.96
C GLU D 209 6.07 22.93 -40.80
N ARG D 210 6.72 23.70 -41.66
CA ARG D 210 6.00 24.70 -42.45
C ARG D 210 5.31 24.06 -43.63
N VAL D 211 4.17 24.63 -44.03
CA VAL D 211 3.50 24.24 -45.28
C VAL D 211 3.19 25.48 -46.08
N ASP D 212 2.90 25.34 -47.37
CA ASP D 212 2.75 26.54 -48.24
C ASP D 212 1.43 27.22 -48.27
N SER D 213 0.31 26.48 -48.21
CA SER D 213 -0.99 27.11 -48.30
C SER D 213 -1.81 26.85 -47.06
N LEU D 214 -2.89 27.60 -46.92
CA LEU D 214 -3.81 27.41 -45.87
C LEU D 214 -4.49 26.03 -46.04
N GLU D 215 -4.86 25.71 -47.27
CA GLU D 215 -5.49 24.41 -47.52
C GLU D 215 -4.62 23.27 -47.01
N GLU D 216 -3.31 23.42 -47.11
CA GLU D 216 -2.43 22.36 -46.69
C GLU D 216 -2.48 22.26 -45.22
N LEU D 217 -2.46 23.44 -44.60
CA LEU D 217 -2.50 23.51 -43.17
C LEU D 217 -3.82 22.95 -42.66
N ALA D 218 -4.94 23.39 -43.22
CA ALA D 218 -6.24 22.82 -42.89
C ALA D 218 -6.24 21.29 -42.95
N ARG D 219 -5.76 20.75 -44.06
CA ARG D 219 -5.77 19.30 -44.33
CA ARG D 219 -5.84 19.30 -44.28
C ARG D 219 -5.09 18.48 -43.22
N ARG D 220 -4.01 19.05 -42.67
CA ARG D 220 -3.12 18.37 -41.74
C ARG D 220 -3.57 18.45 -40.28
N SER D 221 -4.52 19.34 -39.98
CA SER D 221 -4.80 19.76 -38.62
C SER D 221 -5.86 18.98 -37.85
N ASP D 222 -5.67 18.81 -36.55
CA ASP D 222 -6.67 18.22 -35.66
C ASP D 222 -7.27 19.35 -34.88
N CYS D 223 -6.46 20.36 -34.61
CA CYS D 223 -7.01 21.63 -34.19
C CYS D 223 -6.21 22.76 -34.85
N VAL D 224 -6.93 23.76 -35.37
CA VAL D 224 -6.33 24.97 -35.97
C VAL D 224 -6.36 26.13 -34.96
N SER D 225 -5.20 26.78 -34.80
CA SER D 225 -5.09 28.03 -34.01
C SER D 225 -4.85 29.27 -34.91
N VAL D 226 -5.85 30.13 -35.00
CA VAL D 226 -5.74 31.34 -35.78
C VAL D 226 -5.10 32.44 -34.95
N SER D 227 -3.94 32.92 -35.35
CA SER D 227 -3.31 34.04 -34.64
C SER D 227 -2.66 34.94 -35.65
N VAL D 228 -3.44 35.77 -36.36
CA VAL D 228 -2.89 36.67 -37.40
C VAL D 228 -3.29 38.13 -37.13
N PRO D 229 -2.45 39.10 -37.62
CA PRO D 229 -2.92 40.48 -37.54
C PRO D 229 -4.19 40.60 -38.38
N TYR D 230 -5.04 41.52 -38.02
CA TYR D 230 -6.28 41.69 -38.76
C TYR D 230 -6.12 42.86 -39.73
N MET D 231 -6.54 42.65 -40.97
CA MET D 231 -6.54 43.70 -42.02
C MET D 231 -7.48 43.28 -43.16
N LYS D 232 -7.69 44.12 -44.20
CA LYS D 232 -8.50 43.69 -45.40
C LYS D 232 -8.08 42.28 -45.85
N LEU D 233 -6.77 42.09 -45.98
CA LEU D 233 -6.17 40.84 -46.45
C LEU D 233 -6.41 39.64 -45.55
N THR D 234 -6.80 39.85 -44.30
CA THR D 234 -7.08 38.71 -43.42
C THR D 234 -8.54 38.53 -43.09
N HIS D 235 -9.38 39.40 -43.62
CA HIS D 235 -10.84 39.29 -43.47
C HIS D 235 -11.39 38.02 -44.11
N HIS D 236 -12.08 37.17 -43.37
CA HIS D 236 -12.59 35.88 -43.92
C HIS D 236 -11.40 35.06 -44.51
N LEU D 237 -10.23 35.21 -43.91
CA LEU D 237 -9.13 34.38 -44.29
C LEU D 237 -9.54 32.90 -44.09
N ILE D 238 -10.38 32.68 -43.07
CA ILE D 238 -10.91 31.38 -42.74
C ILE D 238 -12.36 31.32 -43.20
N ASP D 239 -12.63 30.59 -44.24
CA ASP D 239 -13.96 30.60 -44.88
C ASP D 239 -14.31 29.18 -45.30
N GLU D 240 -15.26 29.06 -46.25
CA GLU D 240 -15.76 27.77 -46.69
C GLU D 240 -14.69 26.87 -47.31
N ALA D 241 -13.94 27.41 -48.26
CA ALA D 241 -12.84 26.64 -48.84
C ALA D 241 -11.96 26.03 -47.72
N PHE D 242 -11.63 26.83 -46.69
CA PHE D 242 -10.83 26.36 -45.56
C PHE D 242 -11.50 25.23 -44.73
N PHE D 243 -12.80 25.33 -44.45
CA PHE D 243 -13.44 24.31 -43.70
C PHE D 243 -13.66 23.07 -44.55
N ALA D 244 -13.78 23.25 -45.85
CA ALA D 244 -13.92 22.10 -46.71
C ALA D 244 -12.61 21.31 -46.71
N ALA D 245 -11.47 21.98 -46.57
CA ALA D 245 -10.22 21.25 -46.61
C ALA D 245 -9.85 20.58 -45.31
N MET D 246 -10.55 20.89 -44.20
CA MET D 246 -10.18 20.29 -42.87
C MET D 246 -10.69 18.86 -42.78
N LYS D 247 -10.17 18.10 -41.83
CA LYS D 247 -10.63 16.74 -41.58
C LYS D 247 -11.93 16.73 -40.82
N PRO D 248 -12.81 15.73 -41.12
CA PRO D 248 -14.05 15.47 -40.34
C PRO D 248 -13.74 15.41 -38.84
N GLY D 249 -14.58 16.03 -38.02
CA GLY D 249 -14.40 15.99 -36.56
C GLY D 249 -13.15 16.72 -36.03
N SER D 250 -12.59 17.65 -36.82
CA SER D 250 -11.52 18.52 -36.31
C SER D 250 -12.08 19.72 -35.52
N ARG D 251 -11.17 20.64 -35.14
CA ARG D 251 -11.38 21.69 -34.15
C ARG D 251 -10.69 22.96 -34.58
N ILE D 252 -11.21 24.09 -34.10
CA ILE D 252 -10.60 25.39 -34.39
C ILE D 252 -10.76 26.35 -33.21
N VAL D 253 -9.71 27.13 -32.96
CA VAL D 253 -9.77 28.21 -31.97
C VAL D 253 -9.31 29.52 -32.59
N ASN D 254 -9.94 30.61 -32.13
CA ASN D 254 -9.60 31.96 -32.55
C ASN D 254 -9.34 32.93 -31.39
N THR D 255 -8.15 33.51 -31.36
CA THR D 255 -7.84 34.55 -30.38
C THR D 255 -7.34 35.79 -31.08
N ALA D 256 -7.40 35.78 -32.40
CA ALA D 256 -6.87 36.89 -33.23
C ALA D 256 -7.89 38.07 -33.31
N ARG D 257 -8.70 38.10 -34.36
CA ARG D 257 -9.81 39.06 -34.45
C ARG D 257 -10.99 38.33 -35.06
N GLY D 258 -12.18 38.65 -34.53
CA GLY D 258 -13.44 38.06 -34.94
C GLY D 258 -13.58 37.76 -36.42
N PRO D 259 -13.70 38.81 -37.25
CA PRO D 259 -13.99 38.61 -38.70
C PRO D 259 -12.88 37.91 -39.50
N VAL D 260 -11.71 37.62 -38.91
CA VAL D 260 -10.71 36.75 -39.54
C VAL D 260 -11.32 35.36 -39.87
N ILE D 261 -12.42 34.98 -39.19
CA ILE D 261 -13.11 33.73 -39.52
C ILE D 261 -14.53 34.03 -39.91
N SER D 262 -14.98 33.53 -41.06
CA SER D 262 -16.38 33.77 -41.40
C SER D 262 -17.31 33.07 -40.42
N GLN D 263 -18.05 33.86 -39.65
CA GLN D 263 -19.02 33.30 -38.72
C GLN D 263 -20.02 32.36 -39.41
N ASP D 264 -20.59 32.77 -40.54
CA ASP D 264 -21.51 31.93 -41.29
C ASP D 264 -20.87 30.60 -41.77
N ALA D 265 -19.62 30.66 -42.25
CA ALA D 265 -18.94 29.45 -42.69
C ALA D 265 -18.75 28.54 -41.48
N LEU D 266 -18.15 29.08 -40.42
CA LEU D 266 -17.94 28.39 -39.19
C LEU D 266 -19.21 27.63 -38.77
N ILE D 267 -20.32 28.37 -38.69
CA ILE D 267 -21.58 27.83 -38.20
C ILE D 267 -21.98 26.65 -39.07
N ALA D 268 -21.82 26.84 -40.38
CA ALA D 268 -22.10 25.78 -41.36
C ALA D 268 -21.22 24.54 -41.18
N ALA D 269 -19.95 24.70 -40.76
CA ALA D 269 -19.07 23.55 -40.62
C ALA D 269 -19.33 22.78 -39.33
N LEU D 270 -19.90 23.45 -38.34
CA LEU D 270 -20.24 22.79 -37.09
C LEU D 270 -21.52 22.00 -37.27
N LYS D 271 -22.50 22.63 -37.91
CA LYS D 271 -23.78 22.00 -38.19
C LYS D 271 -23.61 20.75 -39.06
N SER D 272 -22.80 20.85 -40.10
CA SER D 272 -22.53 19.69 -40.94
C SER D 272 -21.71 18.58 -40.28
N GLY D 273 -21.06 18.83 -39.14
CA GLY D 273 -20.18 17.80 -38.55
C GLY D 273 -18.71 17.88 -39.01
N LYS D 274 -18.39 18.81 -39.90
CA LYS D 274 -17.03 18.94 -40.31
C LYS D 274 -16.17 19.27 -39.08
N LEU D 275 -16.59 20.26 -38.30
CA LEU D 275 -15.94 20.57 -37.03
C LEU D 275 -16.67 19.88 -35.87
N LEU D 276 -15.94 19.24 -34.96
CA LEU D 276 -16.53 18.69 -33.75
C LEU D 276 -16.90 19.79 -32.76
N SER D 277 -16.04 20.78 -32.66
CA SER D 277 -16.10 21.79 -31.64
C SER D 277 -15.26 23.01 -32.06
N ALA D 278 -15.62 24.20 -31.60
CA ALA D 278 -14.82 25.39 -31.90
C ALA D 278 -14.68 26.19 -30.65
N GLY D 279 -13.62 27.00 -30.58
CA GLY D 279 -13.41 27.90 -29.45
C GLY D 279 -13.13 29.32 -29.88
N LEU D 280 -14.03 30.24 -29.58
CA LEU D 280 -13.80 31.64 -29.94
C LEU D 280 -13.66 32.60 -28.76
N ASP D 281 -12.51 33.28 -28.70
CA ASP D 281 -12.34 34.43 -27.82
C ASP D 281 -12.54 35.74 -28.55
N VAL D 282 -12.83 35.70 -29.84
CA VAL D 282 -13.17 36.93 -30.56
C VAL D 282 -14.30 36.68 -31.56
N HIS D 283 -15.11 37.68 -31.88
CA HIS D 283 -16.34 37.36 -32.64
C HIS D 283 -16.48 38.32 -33.79
N GLU D 284 -16.93 37.82 -34.92
CA GLU D 284 -17.00 38.69 -36.08
C GLU D 284 -17.86 39.89 -35.82
N PHE D 285 -18.93 39.78 -35.02
CA PHE D 285 -19.79 40.95 -34.75
C PHE D 285 -19.72 41.41 -33.32
N GLU D 286 -18.50 41.36 -32.77
CA GLU D 286 -18.21 41.79 -31.40
C GLU D 286 -18.73 43.22 -31.15
N PRO D 287 -19.41 43.50 -30.01
CA PRO D 287 -19.80 42.73 -28.82
C PRO D 287 -20.99 41.79 -28.93
N GLN D 288 -21.53 41.58 -30.14
CA GLN D 288 -22.64 40.63 -30.33
C GLN D 288 -22.16 39.18 -30.60
N VAL D 289 -22.31 38.27 -29.62
CA VAL D 289 -21.89 36.86 -29.88
C VAL D 289 -22.94 36.19 -30.77
N SER D 290 -22.52 35.22 -31.57
CA SER D 290 -23.52 34.55 -32.42
C SER D 290 -24.54 33.77 -31.58
N LYS D 291 -25.81 34.15 -31.72
CA LYS D 291 -26.91 33.42 -31.09
C LYS D 291 -26.91 31.94 -31.52
N GLU D 292 -26.39 31.64 -32.72
CA GLU D 292 -26.40 30.24 -33.22
C GLU D 292 -25.32 29.35 -32.65
N LEU D 293 -24.17 29.94 -32.42
CA LEU D 293 -23.05 29.30 -31.80
C LEU D 293 -23.37 28.96 -30.36
N ILE D 294 -23.90 29.94 -29.62
CA ILE D 294 -24.30 29.76 -28.23
C ILE D 294 -25.19 28.53 -28.16
N GLU D 295 -26.15 28.49 -29.08
CA GLU D 295 -27.22 27.49 -29.11
C GLU D 295 -26.72 26.07 -29.30
N MET D 296 -25.43 25.92 -29.62
CA MET D 296 -24.84 24.64 -30.00
C MET D 296 -24.13 23.97 -28.82
N LYS D 297 -23.99 22.66 -28.86
CA LYS D 297 -23.30 21.93 -27.78
C LYS D 297 -21.82 22.25 -27.57
N HIS D 298 -21.02 22.21 -28.63
CA HIS D 298 -19.61 22.11 -28.45
C HIS D 298 -18.82 23.35 -28.82
N VAL D 299 -19.39 24.52 -28.57
CA VAL D 299 -18.71 25.74 -28.91
C VAL D 299 -18.40 26.55 -27.68
N THR D 300 -17.12 26.64 -27.33
CA THR D 300 -16.61 27.53 -26.28
C THR D 300 -16.49 29.01 -26.69
N LEU D 301 -17.15 29.90 -25.95
CA LEU D 301 -17.15 31.30 -26.31
C LEU D 301 -16.78 32.19 -25.13
N THR D 302 -15.78 33.06 -25.28
CA THR D 302 -15.46 33.95 -24.17
C THR D 302 -15.45 35.48 -24.50
N THR D 303 -15.62 36.33 -23.49
CA THR D 303 -15.74 37.78 -23.68
C THR D 303 -14.41 38.53 -23.99
N HIS D 304 -13.71 38.08 -25.03
CA HIS D 304 -12.45 38.71 -25.45
C HIS D 304 -11.46 38.94 -24.30
N ILE D 305 -11.25 37.94 -23.45
CA ILE D 305 -10.35 38.11 -22.33
C ILE D 305 -8.88 37.69 -22.63
N GLY D 306 -8.52 37.59 -23.92
CA GLY D 306 -7.22 37.06 -24.30
C GLY D 306 -6.04 37.71 -23.59
N GLY D 307 -5.99 39.04 -23.66
CA GLY D 307 -4.92 39.82 -23.05
C GLY D 307 -5.31 40.34 -21.69
N VAL D 308 -6.59 40.13 -21.32
CA VAL D 308 -7.19 40.62 -20.06
C VAL D 308 -6.60 39.94 -18.84
N ALA D 309 -5.47 40.45 -18.38
CA ALA D 309 -4.79 40.00 -17.15
C ALA D 309 -4.06 41.19 -16.60
N ILE D 310 -3.99 41.23 -15.26
CA ILE D 310 -3.49 42.40 -14.57
C ILE D 310 -2.03 42.73 -14.99
N GLU D 311 -1.20 41.70 -15.12
CA GLU D 311 0.19 41.84 -15.62
C GLU D 311 0.29 42.50 -16.99
N THR D 312 -0.72 42.25 -17.83
CA THR D 312 -0.76 42.87 -19.10
C THR D 312 -0.95 44.34 -18.94
N PHE D 313 -1.86 44.72 -18.07
CA PHE D 313 -2.08 46.13 -17.79
C PHE D 313 -0.87 46.84 -17.20
N HIS D 314 -0.16 46.15 -16.30
CA HIS D 314 1.09 46.64 -15.75
C HIS D 314 1.96 47.06 -16.92
N GLU D 315 2.00 46.23 -17.95
CA GLU D 315 2.85 46.48 -19.09
C GLU D 315 2.31 47.54 -20.08
N PHE D 316 0.98 47.62 -20.23
CA PHE D 316 0.40 48.70 -21.05
C PHE D 316 0.82 50.04 -20.46
N GLU D 317 0.72 50.15 -19.13
CA GLU D 317 1.03 51.36 -18.45
C GLU D 317 2.53 51.62 -18.46
N ARG D 318 3.35 50.57 -18.35
CA ARG D 318 4.77 50.85 -18.31
C ARG D 318 5.16 51.42 -19.65
N LEU D 319 4.76 50.75 -20.71
CA LEU D 319 5.29 51.01 -22.04
C LEU D 319 4.79 52.33 -22.57
N THR D 320 3.52 52.65 -22.35
CA THR D 320 3.06 53.93 -22.83
C THR D 320 3.84 55.08 -22.15
N MET D 321 3.98 55.05 -20.81
CA MET D 321 4.66 56.14 -20.12
C MET D 321 6.14 56.15 -20.53
N THR D 322 6.76 54.98 -20.58
CA THR D 322 8.17 54.91 -20.96
C THR D 322 8.43 55.43 -22.37
N ASN D 323 7.51 55.16 -23.30
CA ASN D 323 7.67 55.59 -24.67
C ASN D 323 7.68 57.08 -24.77
N ILE D 324 6.67 57.72 -24.20
CA ILE D 324 6.61 59.17 -24.17
C ILE D 324 7.84 59.80 -23.44
N ASP D 325 8.12 59.32 -22.24
CA ASP D 325 9.33 59.68 -21.55
C ASP D 325 10.57 59.61 -22.46
N ARG D 326 10.81 58.46 -23.08
CA ARG D 326 11.95 58.32 -23.95
C ARG D 326 11.93 59.29 -25.13
N PHE D 327 10.76 59.51 -25.73
CA PHE D 327 10.67 60.19 -26.99
C PHE D 327 10.71 61.69 -26.84
N LEU D 328 10.28 62.19 -25.68
CA LEU D 328 10.20 63.64 -25.44
C LEU D 328 11.27 64.16 -24.51
N LEU D 329 11.66 63.38 -23.50
CA LEU D 329 12.64 63.87 -22.57
C LEU D 329 14.06 63.29 -22.75
N GLN D 330 14.17 62.17 -23.45
CA GLN D 330 15.43 61.45 -23.39
C GLN D 330 16.12 61.40 -24.74
N GLY D 331 15.44 61.88 -25.76
CA GLY D 331 15.96 61.78 -27.10
C GLY D 331 16.21 60.35 -27.57
N LYS D 332 15.50 59.39 -26.98
CA LYS D 332 15.63 57.98 -27.37
C LYS D 332 14.45 57.61 -28.28
N PRO D 333 14.65 56.62 -29.17
CA PRO D 333 13.47 56.29 -29.97
C PRO D 333 12.49 55.36 -29.22
N LEU D 334 11.26 55.35 -29.73
CA LEU D 334 10.14 54.59 -29.22
C LEU D 334 10.53 53.14 -29.05
N LEU D 335 10.03 52.48 -28.02
CA LEU D 335 10.33 51.08 -27.81
C LEU D 335 9.42 50.20 -28.64
N THR D 336 8.16 50.61 -28.83
CA THR D 336 7.17 49.80 -29.57
C THR D 336 6.45 50.64 -30.63
N PRO D 337 7.18 51.05 -31.71
CA PRO D 337 6.71 51.91 -32.79
C PRO D 337 5.74 51.20 -33.71
N ALA D 338 4.89 51.91 -34.42
CA ALA D 338 4.09 51.27 -35.48
C ALA D 338 3.83 52.30 -36.60
N GLY D 339 3.92 51.91 -37.87
CA GLY D 339 3.92 52.93 -38.95
C GLY D 339 5.23 53.73 -39.00
N LYS D 340 5.20 54.93 -39.61
CA LYS D 340 6.41 55.71 -39.87
C LYS D 340 7.12 56.15 -38.57
N VAL D 341 8.46 56.09 -38.61
CA VAL D 341 9.32 56.35 -37.48
C VAL D 341 9.95 57.76 -37.54
N PHE D 342 9.66 58.62 -36.54
CA PHE D 342 10.23 59.98 -36.46
C PHE D 342 11.41 60.16 -35.49
N ALA D 343 11.98 61.37 -35.50
CA ALA D 343 13.17 61.64 -34.67
C ALA D 343 12.75 62.06 -33.26
N PRO D 344 13.46 61.60 -32.22
CA PRO D 344 13.12 61.98 -30.84
C PRO D 344 13.50 63.41 -30.50
N SER D 345 12.93 63.97 -29.43
CA SER D 345 13.31 65.32 -28.95
C SER D 345 14.29 65.24 -27.81
#